data_4CIX
# 
_entry.id   4CIX 
# 
_audit_conform.dict_name       mmcif_pdbx.dic 
_audit_conform.dict_version    5.383 
_audit_conform.dict_location   http://mmcif.pdb.org/dictionaries/ascii/mmcif_pdbx.dic 
# 
loop_
_database_2.database_id 
_database_2.database_code 
_database_2.pdbx_database_accession 
_database_2.pdbx_DOI 
PDB   4CIX         pdb_00004cix 10.2210/pdb4cix/pdb 
PDBE  EBI-59114    ?            ?                   
WWPDB D_1290059114 ?            ?                   
# 
loop_
_pdbx_database_related.db_name 
_pdbx_database_related.db_id 
_pdbx_database_related.content_type 
_pdbx_database_related.details 
PDB 4CIV unspecified 
;CRYSTAL STRUCTURE OF MYCOBACTERIUM TUBERCULOSIS TYPE 2 DEHYDROQUINASE IN COMPLEX WITH (1R,4S,5R)-1,4,5- TRIHYDROXY-3-HYDROXYMETHYLCYCLOHEX-2-ENE-1-CARBOXYLIC ACID
;
PDB 4CIW unspecified 
'CRYSTAL STRUCTURE OF MYCOBACTERIUM TUBERCULOSIS TYPE 2 DEHYDROQUINASE IN COMPLEX WITH A CYCLOHEXENCARBOXYLIC ACID INHIBITOR' 
PDB 4CIY unspecified 
;CRYSTAL STRUCTURE OF MYCOBACTERIUM TUBERCULOSIS TYPE 2 DEHYDROQUINASE IN COMPLEX WITH (1R,4R,5R)-1,4,5- TRIHYDROXY-3-((1R)-1-HYDROXY-2-PHENYL)ETHYLCYCLOHEX-2 -EN-1-CARBOXYLIC ACID
;
# 
_pdbx_database_status.status_code                     REL 
_pdbx_database_status.entry_id                        4CIX 
_pdbx_database_status.deposit_site                    PDBE 
_pdbx_database_status.process_site                    PDBE 
_pdbx_database_status.SG_entry                        . 
_pdbx_database_status.recvd_initial_deposition_date   2013-12-17 
_pdbx_database_status.pdb_format_compatible           Y 
_pdbx_database_status.status_code_sf                  REL 
_pdbx_database_status.status_code_mr                  ? 
_pdbx_database_status.status_code_cs                  ? 
_pdbx_database_status.methods_development_category    ? 
_pdbx_database_status.status_code_nmr_data            ? 
# 
loop_
_audit_author.name 
_audit_author.pdbx_ordinal 
'Otero, J.M.'        1 
'Llamas-Saiz, A.L.'  2 
'Lamb, H.'           3 
'Hawkins, A.R.'      4 
'Blanco, B.'         5 
'Sedes, A.'          6 
'Peon, A.'           7 
'Gonzalez-Bello, C.' 8 
'van Raaij, M.J.'    9 
# 
_citation.id                        primary 
_citation.title                     
'Exploring the water-binding pocket of the type II dehydroquinase enzyme in the structure-based design of inhibitors.' 
_citation.journal_abbrev            'J. Med. Chem.' 
_citation.journal_volume            57 
_citation.page_first                3494 
_citation.page_last                 3510 
_citation.year                      2014 
_citation.journal_id_ASTM           JMCMAR 
_citation.country                   US 
_citation.journal_id_ISSN           1520-4804 
_citation.journal_id_CSD            0151 
_citation.book_publisher            ? 
_citation.pdbx_database_id_PubMed   24689821 
_citation.pdbx_database_id_DOI      10.1021/jm500175z 
# 
loop_
_citation_author.citation_id 
_citation_author.name 
_citation_author.ordinal 
_citation_author.identifier_ORCID 
primary 'Blanco, B.'         1 ? 
primary 'Sedes, A.'          2 ? 
primary 'Peon, A.'           3 ? 
primary 'Otero, J.M.'        4 ? 
primary 'van Raaij, M.J.'    5 ? 
primary 'Thompson, P.'       6 ? 
primary 'Hawkins, A.R.'      7 ? 
primary 'Gonzalez-Bello, C.' 8 ? 
# 
_cell.entry_id           4CIX 
_cell.length_a           126.360 
_cell.length_b           126.360 
_cell.length_c           126.360 
_cell.angle_alpha        90.00 
_cell.angle_beta         90.00 
_cell.angle_gamma        90.00 
_cell.Z_PDB              48 
_cell.pdbx_unique_axis   ? 
# 
_symmetry.entry_id                         4CIX 
_symmetry.space_group_name_H-M             'F 2 3' 
_symmetry.pdbx_full_space_group_name_H-M   ? 
_symmetry.cell_setting                     ? 
_symmetry.Int_Tables_number                196 
# 
loop_
_entity.id 
_entity.type 
_entity.src_method 
_entity.pdbx_description 
_entity.formula_weight 
_entity.pdbx_number_of_molecules 
_entity.pdbx_ec 
_entity.pdbx_mutation 
_entity.pdbx_fragment 
_entity.details 
1 polymer     man '3-DEHYDROQUINATE DEHYDRATASE'                                                                 15676.737 1 
4.2.1.10 ? ? ? 
2 non-polymer syn '(1R,4R,5R)-1,4,5-trihydroxy-3-[(1S)-1-hydroxy-2-phenyl]ethylcyclohex-2-ene-1-carboxylic acid' 294.300   1 ? ? ? 
? 
3 non-polymer syn 'SULFATE ION'                                                                                  96.063    2 ? ? ? 
? 
4 water       nat water                                                                                          18.015    6 ? ? ? 
? 
# 
_entity_name_com.entity_id   1 
_entity_name_com.name        '3-DEHYDROQUINASE, TYPE II DHQASE' 
# 
_entity_poly.entity_id                      1 
_entity_poly.type                           'polypeptide(L)' 
_entity_poly.nstd_linkage                   no 
_entity_poly.nstd_monomer                   no 
_entity_poly.pdbx_seq_one_letter_code       
;SELIVNVINGPNLGRLGRREPAVYGGTTHDELVALIEREAAELGLKAVVRQSDSEAQLLDWIHQAADAAEPVILNAGGLT
HTSVALRDACAELSAPLIEVHISNVHAREEFRRHSYLSPIATGVIVGLGIQGYLLALRYLAEHVGT
;
_entity_poly.pdbx_seq_one_letter_code_can   
;SELIVNVINGPNLGRLGRREPAVYGGTTHDELVALIEREAAELGLKAVVRQSDSEAQLLDWIHQAADAAEPVILNAGGLT
HTSVALRDACAELSAPLIEVHISNVHAREEFRRHSYLSPIATGVIVGLGIQGYLLALRYLAEHVGT
;
_entity_poly.pdbx_strand_id                 A 
_entity_poly.pdbx_target_identifier         ? 
# 
loop_
_entity_poly_seq.entity_id 
_entity_poly_seq.num 
_entity_poly_seq.mon_id 
_entity_poly_seq.hetero 
1 1   SER n 
1 2   GLU n 
1 3   LEU n 
1 4   ILE n 
1 5   VAL n 
1 6   ASN n 
1 7   VAL n 
1 8   ILE n 
1 9   ASN n 
1 10  GLY n 
1 11  PRO n 
1 12  ASN n 
1 13  LEU n 
1 14  GLY n 
1 15  ARG n 
1 16  LEU n 
1 17  GLY n 
1 18  ARG n 
1 19  ARG n 
1 20  GLU n 
1 21  PRO n 
1 22  ALA n 
1 23  VAL n 
1 24  TYR n 
1 25  GLY n 
1 26  GLY n 
1 27  THR n 
1 28  THR n 
1 29  HIS n 
1 30  ASP n 
1 31  GLU n 
1 32  LEU n 
1 33  VAL n 
1 34  ALA n 
1 35  LEU n 
1 36  ILE n 
1 37  GLU n 
1 38  ARG n 
1 39  GLU n 
1 40  ALA n 
1 41  ALA n 
1 42  GLU n 
1 43  LEU n 
1 44  GLY n 
1 45  LEU n 
1 46  LYS n 
1 47  ALA n 
1 48  VAL n 
1 49  VAL n 
1 50  ARG n 
1 51  GLN n 
1 52  SER n 
1 53  ASP n 
1 54  SER n 
1 55  GLU n 
1 56  ALA n 
1 57  GLN n 
1 58  LEU n 
1 59  LEU n 
1 60  ASP n 
1 61  TRP n 
1 62  ILE n 
1 63  HIS n 
1 64  GLN n 
1 65  ALA n 
1 66  ALA n 
1 67  ASP n 
1 68  ALA n 
1 69  ALA n 
1 70  GLU n 
1 71  PRO n 
1 72  VAL n 
1 73  ILE n 
1 74  LEU n 
1 75  ASN n 
1 76  ALA n 
1 77  GLY n 
1 78  GLY n 
1 79  LEU n 
1 80  THR n 
1 81  HIS n 
1 82  THR n 
1 83  SER n 
1 84  VAL n 
1 85  ALA n 
1 86  LEU n 
1 87  ARG n 
1 88  ASP n 
1 89  ALA n 
1 90  CYS n 
1 91  ALA n 
1 92  GLU n 
1 93  LEU n 
1 94  SER n 
1 95  ALA n 
1 96  PRO n 
1 97  LEU n 
1 98  ILE n 
1 99  GLU n 
1 100 VAL n 
1 101 HIS n 
1 102 ILE n 
1 103 SER n 
1 104 ASN n 
1 105 VAL n 
1 106 HIS n 
1 107 ALA n 
1 108 ARG n 
1 109 GLU n 
1 110 GLU n 
1 111 PHE n 
1 112 ARG n 
1 113 ARG n 
1 114 HIS n 
1 115 SER n 
1 116 TYR n 
1 117 LEU n 
1 118 SER n 
1 119 PRO n 
1 120 ILE n 
1 121 ALA n 
1 122 THR n 
1 123 GLY n 
1 124 VAL n 
1 125 ILE n 
1 126 VAL n 
1 127 GLY n 
1 128 LEU n 
1 129 GLY n 
1 130 ILE n 
1 131 GLN n 
1 132 GLY n 
1 133 TYR n 
1 134 LEU n 
1 135 LEU n 
1 136 ALA n 
1 137 LEU n 
1 138 ARG n 
1 139 TYR n 
1 140 LEU n 
1 141 ALA n 
1 142 GLU n 
1 143 HIS n 
1 144 VAL n 
1 145 GLY n 
1 146 THR n 
# 
_entity_src_gen.entity_id                          1 
_entity_src_gen.pdbx_src_id                        1 
_entity_src_gen.pdbx_alt_source_flag               sample 
_entity_src_gen.pdbx_seq_type                      ? 
_entity_src_gen.pdbx_beg_seq_num                   ? 
_entity_src_gen.pdbx_end_seq_num                   ? 
_entity_src_gen.gene_src_common_name               ? 
_entity_src_gen.gene_src_genus                     ? 
_entity_src_gen.pdbx_gene_src_gene                 ? 
_entity_src_gen.gene_src_species                   ? 
_entity_src_gen.gene_src_strain                    ? 
_entity_src_gen.gene_src_tissue                    ? 
_entity_src_gen.gene_src_tissue_fraction           ? 
_entity_src_gen.gene_src_details                   ? 
_entity_src_gen.pdbx_gene_src_fragment             ? 
_entity_src_gen.pdbx_gene_src_scientific_name      'MYCOBACTERIUM TUBERCULOSIS' 
_entity_src_gen.pdbx_gene_src_ncbi_taxonomy_id     1773 
_entity_src_gen.pdbx_gene_src_variant              ? 
_entity_src_gen.pdbx_gene_src_cell_line            ? 
_entity_src_gen.pdbx_gene_src_atcc                 27294 
_entity_src_gen.pdbx_gene_src_organ                ? 
_entity_src_gen.pdbx_gene_src_organelle            ? 
_entity_src_gen.pdbx_gene_src_cell                 ? 
_entity_src_gen.pdbx_gene_src_cellular_location    ? 
_entity_src_gen.host_org_common_name               ? 
_entity_src_gen.pdbx_host_org_scientific_name      'ESCHERICHIA COLI' 
_entity_src_gen.pdbx_host_org_ncbi_taxonomy_id     83333 
_entity_src_gen.host_org_genus                     ? 
_entity_src_gen.pdbx_host_org_gene                 ? 
_entity_src_gen.pdbx_host_org_organ                ? 
_entity_src_gen.host_org_species                   ? 
_entity_src_gen.pdbx_host_org_tissue               ? 
_entity_src_gen.pdbx_host_org_tissue_fraction      ? 
_entity_src_gen.pdbx_host_org_strain               K-12 
_entity_src_gen.pdbx_host_org_variant              SK3430 
_entity_src_gen.pdbx_host_org_cell_line            ? 
_entity_src_gen.pdbx_host_org_atcc                 ? 
_entity_src_gen.pdbx_host_org_culture_collection   ? 
_entity_src_gen.pdbx_host_org_cell                 ? 
_entity_src_gen.pdbx_host_org_organelle            ? 
_entity_src_gen.pdbx_host_org_cellular_location    ? 
_entity_src_gen.pdbx_host_org_vector_type          PLASMID 
_entity_src_gen.pdbx_host_org_vector               ? 
_entity_src_gen.host_org_details                   ? 
_entity_src_gen.expression_system_id               ? 
_entity_src_gen.plasmid_name                       PKK233-2 
_entity_src_gen.plasmid_details                    ? 
_entity_src_gen.pdbx_description                   ? 
# 
_struct_ref.id                         1 
_struct_ref.db_name                    UNP 
_struct_ref.db_code                    AROQ_MYCTU 
_struct_ref.entity_id                  1 
_struct_ref.pdbx_seq_one_letter_code   ? 
_struct_ref.pdbx_align_begin           ? 
_struct_ref.pdbx_db_accession          P0A4Z6 
_struct_ref.pdbx_db_isoform            ? 
# 
_struct_ref_seq.align_id                      1 
_struct_ref_seq.ref_id                        1 
_struct_ref_seq.pdbx_PDB_id_code              4CIX 
_struct_ref_seq.pdbx_strand_id                A 
_struct_ref_seq.seq_align_beg                 1 
_struct_ref_seq.pdbx_seq_align_beg_ins_code   ? 
_struct_ref_seq.seq_align_end                 146 
_struct_ref_seq.pdbx_seq_align_end_ins_code   ? 
_struct_ref_seq.pdbx_db_accession             P0A4Z6 
_struct_ref_seq.db_align_beg                  2 
_struct_ref_seq.pdbx_db_align_beg_ins_code    ? 
_struct_ref_seq.db_align_end                  147 
_struct_ref_seq.pdbx_db_align_end_ins_code    ? 
_struct_ref_seq.pdbx_auth_seq_align_beg       1 
_struct_ref_seq.pdbx_auth_seq_align_end       146 
# 
loop_
_chem_comp.id 
_chem_comp.type 
_chem_comp.mon_nstd_flag 
_chem_comp.name 
_chem_comp.pdbx_synonyms 
_chem_comp.formula 
_chem_comp.formula_weight 
ALA 'L-peptide linking' y ALANINE                                                                                        ? 
'C3 H7 N O2'     89.093  
ARG 'L-peptide linking' y ARGININE                                                                                       ? 
'C6 H15 N4 O2 1' 175.209 
ASN 'L-peptide linking' y ASPARAGINE                                                                                     ? 
'C4 H8 N2 O3'    132.118 
ASP 'L-peptide linking' y 'ASPARTIC ACID'                                                                                ? 
'C4 H7 N O4'     133.103 
CYS 'L-peptide linking' y CYSTEINE                                                                                       ? 
'C3 H7 N O2 S'   121.158 
GLN 'L-peptide linking' y GLUTAMINE                                                                                      ? 
'C5 H10 N2 O3'   146.144 
GLU 'L-peptide linking' y 'GLUTAMIC ACID'                                                                                ? 
'C5 H9 N O4'     147.129 
GLY 'peptide linking'   y GLYCINE                                                                                        ? 
'C2 H5 N O2'     75.067  
HIS 'L-peptide linking' y HISTIDINE                                                                                      ? 
'C6 H10 N3 O2 1' 156.162 
HOH non-polymer         . WATER                                                                                          ? 'H2 O' 
18.015  
ILE 'L-peptide linking' y ISOLEUCINE                                                                                     ? 
'C6 H13 N O2'    131.173 
LEU 'L-peptide linking' y LEUCINE                                                                                        ? 
'C6 H13 N O2'    131.173 
LYS 'L-peptide linking' y LYSINE                                                                                         ? 
'C6 H15 N2 O2 1' 147.195 
PHE 'L-peptide linking' y PHENYLALANINE                                                                                  ? 
'C9 H11 N O2'    165.189 
PRO 'L-peptide linking' y PROLINE                                                                                        ? 
'C5 H9 N O2'     115.130 
SER 'L-peptide linking' y SERINE                                                                                         ? 
'C3 H7 N O3'     105.093 
SO4 non-polymer         . 'SULFATE ION'                                                                                  ? 
'O4 S -2'        96.063  
THR 'L-peptide linking' y THREONINE                                                                                      ? 
'C4 H9 N O3'     119.119 
TRP 'L-peptide linking' y TRYPTOPHAN                                                                                     ? 
'C11 H12 N2 O2'  204.225 
TYR 'L-peptide linking' y TYROSINE                                                                                       ? 
'C9 H11 N O3'    181.189 
VAL 'L-peptide linking' y VALINE                                                                                         ? 
'C5 H11 N O2'    117.146 
W4N non-polymer         . '(1R,4R,5R)-1,4,5-trihydroxy-3-[(1S)-1-hydroxy-2-phenyl]ethylcyclohex-2-ene-1-carboxylic acid' ? 
'C15 H18 O6'     294.300 
# 
_exptl.entry_id          4CIX 
_exptl.method            'X-RAY DIFFRACTION' 
_exptl.crystals_number   1 
# 
_exptl_crystal.id                    1 
_exptl_crystal.density_meas          ? 
_exptl_crystal.density_Matthews      2.9 
_exptl_crystal.density_percent_sol   58.4 
_exptl_crystal.description           NONE 
# 
_exptl_crystal_grow.crystal_id      1 
_exptl_crystal_grow.method          ? 
_exptl_crystal_grow.temp            ? 
_exptl_crystal_grow.temp_details    ? 
_exptl_crystal_grow.pH              7.5 
_exptl_crystal_grow.pdbx_pH_range   ? 
_exptl_crystal_grow.pdbx_details    
;32% (V/V) 2-METHYL-2, 4-PENTANEDIOL, 0.3 M AMMONIUM SULFATE, 0.1 M 4-(2-HYDROXYETHYL)-PIPERAZINE-1-ETHANESULFONIC ACID SODIUM SALT (HEPES) PH 7.5
;
# 
_diffrn.id                     1 
_diffrn.ambient_temp           100 
_diffrn.ambient_temp_details   ? 
_diffrn.crystal_id             1 
# 
_diffrn_detector.diffrn_id              1 
_diffrn_detector.detector               PIXEL 
_diffrn_detector.type                   'DECTRIS PILATUS 6M' 
_diffrn_detector.pdbx_collection_date   2013-05-07 
_diffrn_detector.details                'CYLINDRICAL GRAZING INCIDENCE MIRROR' 
# 
_diffrn_radiation.diffrn_id                        1 
_diffrn_radiation.wavelength_id                    1 
_diffrn_radiation.pdbx_monochromatic_or_laue_m_l   M 
_diffrn_radiation.monochromator                    'CHANNEL-CUT SILICON MONOCHROMATOR' 
_diffrn_radiation.pdbx_diffrn_protocol             'SINGLE WAVELENGTH' 
_diffrn_radiation.pdbx_scattering_type             x-ray 
# 
_diffrn_radiation_wavelength.id           1 
_diffrn_radiation_wavelength.wavelength   0.97908 
_diffrn_radiation_wavelength.wt           1.0 
# 
_diffrn_source.diffrn_id                   1 
_diffrn_source.source                      SYNCHROTRON 
_diffrn_source.type                        'ESRF BEAMLINE ID29' 
_diffrn_source.pdbx_synchrotron_site       ESRF 
_diffrn_source.pdbx_synchrotron_beamline   ID29 
_diffrn_source.pdbx_wavelength             0.97908 
_diffrn_source.pdbx_wavelength_list        ? 
# 
_reflns.pdbx_diffrn_id               1 
_reflns.pdbx_ordinal                 1 
_reflns.entry_id                     4CIX 
_reflns.observed_criterion_sigma_I   -3.0 
_reflns.observed_criterion_sigma_F   ? 
_reflns.d_resolution_low             44.67 
_reflns.d_resolution_high            2.90 
_reflns.number_obs                   3767 
_reflns.number_all                   ? 
_reflns.percent_possible_obs         99.3 
_reflns.pdbx_Rmerge_I_obs            0.11 
_reflns.pdbx_Rsym_value              ? 
_reflns.pdbx_netI_over_sigmaI        12.00 
_reflns.B_iso_Wilson_estimate        25.6 
_reflns.pdbx_redundancy              4.8 
# 
_reflns_shell.pdbx_diffrn_id         1 
_reflns_shell.pdbx_ordinal           1 
_reflns_shell.d_res_high             2.90 
_reflns_shell.d_res_low              3.06 
_reflns_shell.percent_possible_all   100.0 
_reflns_shell.Rmerge_I_obs           0.35 
_reflns_shell.pdbx_Rsym_value        ? 
_reflns_shell.meanI_over_sigI_obs    4.60 
_reflns_shell.pdbx_redundancy        5.1 
# 
_refine.pdbx_refine_id                           'X-RAY DIFFRACTION' 
_refine.entry_id                                 4CIX 
_refine.pdbx_diffrn_id                           1 
_refine.pdbx_TLS_residual_ADP_flag               ? 
_refine.ls_number_reflns_obs                     3589 
_refine.ls_number_reflns_all                     ? 
_refine.pdbx_ls_sigma_I                          ? 
_refine.pdbx_ls_sigma_F                          . 
_refine.pdbx_data_cutoff_high_absF               ? 
_refine.pdbx_data_cutoff_low_absF                ? 
_refine.pdbx_data_cutoff_high_rms_absF           ? 
_refine.ls_d_res_low                             38.13 
_refine.ls_d_res_high                            2.90 
_refine.ls_percent_reflns_obs                    98.79 
_refine.ls_R_factor_obs                          0.15348 
_refine.ls_R_factor_all                          ? 
_refine.ls_R_factor_R_work                       0.15187 
_refine.ls_R_factor_R_free                       0.18867 
_refine.ls_R_factor_R_free_error                 ? 
_refine.ls_R_factor_R_free_error_details         ? 
_refine.ls_percent_reflns_R_free                 4.5 
_refine.ls_number_reflns_R_free                  168 
_refine.ls_number_parameters                     ? 
_refine.ls_number_restraints                     ? 
_refine.occupancy_min                            ? 
_refine.occupancy_max                            ? 
_refine.correlation_coeff_Fo_to_Fc               0.944 
_refine.correlation_coeff_Fo_to_Fc_free          0.922 
_refine.B_iso_mean                               28.072 
_refine.aniso_B[1][1]                            0.00 
_refine.aniso_B[2][2]                            0.00 
_refine.aniso_B[3][3]                            0.00 
_refine.aniso_B[1][2]                            0.00 
_refine.aniso_B[1][3]                            0.00 
_refine.aniso_B[2][3]                            0.00 
_refine.solvent_model_details                    MASK 
_refine.solvent_model_param_ksol                 ? 
_refine.solvent_model_param_bsol                 ? 
_refine.pdbx_solvent_vdw_probe_radii             1.20 
_refine.pdbx_solvent_ion_probe_radii             0.80 
_refine.pdbx_solvent_shrinkage_radii             0.80 
_refine.pdbx_ls_cross_valid_method               THROUGHOUT 
_refine.details                                  
'HYDROGENS HAVE BEEN ADDED IN THE RIDING POSITIONS. U VALUES ARE REFINED INDIVIDUALLY.' 
_refine.pdbx_starting_model                      2Y71 
_refine.pdbx_method_to_determine_struct          'MOLECULAR REPLACEMENT' 
_refine.pdbx_isotropic_thermal_model             ? 
_refine.pdbx_stereochemistry_target_values       'MAXIMUM LIKELIHOOD' 
_refine.pdbx_stereochem_target_val_spec_case     ? 
_refine.pdbx_R_Free_selection_details            RANDOM 
_refine.pdbx_overall_ESU_R                       ? 
_refine.pdbx_overall_ESU_R_Free                  0.301 
_refine.overall_SU_ML                            0.208 
_refine.pdbx_overall_phase_error                 ? 
_refine.overall_SU_B                             11.254 
_refine.overall_SU_R_Cruickshank_DPI             ? 
_refine.pdbx_overall_SU_R_free_Cruickshank_DPI   ? 
_refine.pdbx_overall_SU_R_Blow_DPI               ? 
_refine.pdbx_overall_SU_R_free_Blow_DPI          ? 
# 
_refine_hist.pdbx_refine_id                   'X-RAY DIFFRACTION' 
_refine_hist.cycle_id                         LAST 
_refine_hist.pdbx_number_atoms_protein        1006 
_refine_hist.pdbx_number_atoms_nucleic_acid   0 
_refine_hist.pdbx_number_atoms_ligand         31 
_refine_hist.number_atoms_solvent             6 
_refine_hist.number_atoms_total               1043 
_refine_hist.d_res_high                       2.90 
_refine_hist.d_res_low                        38.13 
# 
loop_
_refine_ls_restr.type 
_refine_ls_restr.dev_ideal 
_refine_ls_restr.dev_ideal_target 
_refine_ls_restr.weight 
_refine_ls_restr.number 
_refine_ls_restr.pdbx_refine_id 
_refine_ls_restr.pdbx_restraint_function 
r_bond_refined_d             0.009  0.019  ? 1050 'X-RAY DIFFRACTION' ? 
r_bond_other_d               0.002  0.020  ? 1026 'X-RAY DIFFRACTION' ? 
r_angle_refined_deg          1.323  1.996  ? 1431 'X-RAY DIFFRACTION' ? 
r_angle_other_deg            0.853  3.005  ? 2340 'X-RAY DIFFRACTION' ? 
r_dihedral_angle_1_deg       6.675  5.000  ? 131  'X-RAY DIFFRACTION' ? 
r_dihedral_angle_2_deg       31.170 23.556 ? 45   'X-RAY DIFFRACTION' ? 
r_dihedral_angle_3_deg       14.848 15.000 ? 166  'X-RAY DIFFRACTION' ? 
r_dihedral_angle_4_deg       15.656 15.000 ? 9    'X-RAY DIFFRACTION' ? 
r_chiral_restr               0.068  0.200  ? 174  'X-RAY DIFFRACTION' ? 
r_gen_planes_refined         0.005  0.020  ? 1177 'X-RAY DIFFRACTION' ? 
r_gen_planes_other           0.001  0.020  ? 234  'X-RAY DIFFRACTION' ? 
r_nbd_refined                0.221  0.200  ? 213  'X-RAY DIFFRACTION' ? 
r_nbd_other                  0.173  0.200  ? 939  'X-RAY DIFFRACTION' ? 
r_nbtor_refined              0.171  0.200  ? 511  'X-RAY DIFFRACTION' ? 
r_nbtor_other                0.082  0.200  ? 680  'X-RAY DIFFRACTION' ? 
r_xyhbond_nbd_refined        0.192  0.200  ? 18   'X-RAY DIFFRACTION' ? 
r_xyhbond_nbd_other          ?      ?      ? ?    'X-RAY DIFFRACTION' ? 
r_metal_ion_refined          ?      ?      ? ?    'X-RAY DIFFRACTION' ? 
r_metal_ion_other            ?      ?      ? ?    'X-RAY DIFFRACTION' ? 
r_symmetry_vdw_refined       0.172  0.200  ? 7    'X-RAY DIFFRACTION' ? 
r_symmetry_vdw_other         0.168  0.200  ? 32   'X-RAY DIFFRACTION' ? 
r_symmetry_hbond_refined     0.206  0.200  ? 3    'X-RAY DIFFRACTION' ? 
r_symmetry_hbond_other       ?      ?      ? ?    'X-RAY DIFFRACTION' ? 
r_symmetry_metal_ion_refined ?      ?      ? ?    'X-RAY DIFFRACTION' ? 
r_symmetry_metal_ion_other   ?      ?      ? ?    'X-RAY DIFFRACTION' ? 
r_mcbond_it                  1.592  2.820  ? 1050 'X-RAY DIFFRACTION' ? 
r_mcbond_other               0.253  2.826  ? 1026 'X-RAY DIFFRACTION' ? 
r_mcangle_it                 2.646  4.192  ? 1431 'X-RAY DIFFRACTION' ? 
r_mcangle_other              ?      ?      ? ?    'X-RAY DIFFRACTION' ? 
r_scbond_it                  4.693  28.035 ? 1849 'X-RAY DIFFRACTION' ? 
r_scbond_other               ?      ?      ? ?    'X-RAY DIFFRACTION' ? 
r_scangle_it                 1.333  4.222  ? 2340 'X-RAY DIFFRACTION' ? 
r_scangle_other              ?      ?      ? ?    'X-RAY DIFFRACTION' ? 
r_long_range_B_refined       ?      ?      ? ?    'X-RAY DIFFRACTION' ? 
r_long_range_B_other         ?      ?      ? ?    'X-RAY DIFFRACTION' ? 
r_rigid_bond_restr           ?      ?      ? ?    'X-RAY DIFFRACTION' ? 
r_sphericity_free            ?      ?      ? ?    'X-RAY DIFFRACTION' ? 
r_sphericity_bonded          ?      ?      ? ?    'X-RAY DIFFRACTION' ? 
# 
_refine_ls_shell.pdbx_refine_id                   'X-RAY DIFFRACTION' 
_refine_ls_shell.pdbx_total_number_of_bins_used   10 
_refine_ls_shell.d_res_high                       2.902 
_refine_ls_shell.d_res_low                        3.059 
_refine_ls_shell.number_reflns_R_work             504 
_refine_ls_shell.R_factor_R_work                  0.222 
_refine_ls_shell.percent_reflns_obs               100.00 
_refine_ls_shell.R_factor_R_free                  0.269 
_refine_ls_shell.R_factor_R_free_error            ? 
_refine_ls_shell.percent_reflns_R_free            ? 
_refine_ls_shell.number_reflns_R_free             31 
_refine_ls_shell.number_reflns_all                ? 
_refine_ls_shell.R_factor_all                     ? 
# 
_struct.entry_id                  4CIX 
_struct.title                     
;Crystal structure of Mycobacterium tuberculosis type 2 dehydroquinase in complex with(1R,4R,5R)-1,4,5-trihydroxy-3-((1S)-1-hydroxy-2-phenyl) ethylcyclohex-2-en-1-carboxylic acid
;
_struct.pdbx_model_details        ? 
_struct.pdbx_CASP_flag            ? 
_struct.pdbx_model_type_details   ? 
# 
_struct_keywords.entry_id        4CIX 
_struct_keywords.pdbx_keywords   LYASE 
_struct_keywords.text            
'BACTERIAL PROTEINS, LYASE, INHIBITOR, PROTEIN BINDING, SHIKIMIS ACID PATHWAY, SUBSTRATE SPECIFICITY' 
# 
loop_
_struct_asym.id 
_struct_asym.pdbx_blank_PDB_chainid_flag 
_struct_asym.pdbx_modified 
_struct_asym.entity_id 
_struct_asym.details 
A N N 1 ? 
B N N 2 ? 
C N N 3 ? 
D N N 3 ? 
E N N 4 ? 
# 
_struct_biol.id   1 
# 
loop_
_struct_conf.conf_type_id 
_struct_conf.id 
_struct_conf.pdbx_PDB_helix_id 
_struct_conf.beg_label_comp_id 
_struct_conf.beg_label_asym_id 
_struct_conf.beg_label_seq_id 
_struct_conf.pdbx_beg_PDB_ins_code 
_struct_conf.end_label_comp_id 
_struct_conf.end_label_asym_id 
_struct_conf.end_label_seq_id 
_struct_conf.pdbx_end_PDB_ins_code 
_struct_conf.beg_auth_comp_id 
_struct_conf.beg_auth_asym_id 
_struct_conf.beg_auth_seq_id 
_struct_conf.end_auth_comp_id 
_struct_conf.end_auth_asym_id 
_struct_conf.end_auth_seq_id 
_struct_conf.pdbx_PDB_helix_class 
_struct_conf.details 
_struct_conf.pdbx_PDB_helix_length 
HELX_P HELX_P1 1 ASN A 12  ? LEU A 16  ? ASN A 12  LEU A 16  5 ? 5  
HELX_P HELX_P2 2 THR A 28  ? LEU A 43  ? THR A 28  LEU A 43  1 ? 16 
HELX_P HELX_P3 3 SER A 54  ? ALA A 69  ? SER A 54  ALA A 69  1 ? 16 
HELX_P HELX_P4 4 ALA A 76  ? THR A 82  ? ALA A 76  THR A 82  5 ? 7  
HELX_P HELX_P5 5 SER A 83  ? LEU A 93  ? SER A 83  LEU A 93  1 ? 11 
HELX_P HELX_P6 6 ASN A 104 ? ARG A 108 ? ASN A 104 ARG A 108 5 ? 5  
HELX_P HELX_P7 7 GLU A 109 ? HIS A 114 ? GLU A 109 HIS A 114 5 ? 6  
HELX_P HELX_P8 8 LEU A 117 ? ALA A 121 ? LEU A 117 ALA A 121 5 ? 5  
HELX_P HELX_P9 9 ILE A 130 ? ALA A 141 ? ILE A 130 ALA A 141 1 ? 12 
# 
_struct_conf_type.id          HELX_P 
_struct_conf_type.criteria    ? 
_struct_conf_type.reference   ? 
# 
_struct_sheet.id               AA 
_struct_sheet.type             ? 
_struct_sheet.number_strands   5 
_struct_sheet.details          ? 
# 
loop_
_struct_sheet_order.sheet_id 
_struct_sheet_order.range_id_1 
_struct_sheet_order.range_id_2 
_struct_sheet_order.offset 
_struct_sheet_order.sense 
AA 1 2 ? parallel 
AA 2 3 ? parallel 
AA 3 4 ? parallel 
AA 4 5 ? parallel 
# 
loop_
_struct_sheet_range.sheet_id 
_struct_sheet_range.id 
_struct_sheet_range.beg_label_comp_id 
_struct_sheet_range.beg_label_asym_id 
_struct_sheet_range.beg_label_seq_id 
_struct_sheet_range.pdbx_beg_PDB_ins_code 
_struct_sheet_range.end_label_comp_id 
_struct_sheet_range.end_label_asym_id 
_struct_sheet_range.end_label_seq_id 
_struct_sheet_range.pdbx_end_PDB_ins_code 
_struct_sheet_range.beg_auth_comp_id 
_struct_sheet_range.beg_auth_asym_id 
_struct_sheet_range.beg_auth_seq_id 
_struct_sheet_range.end_auth_comp_id 
_struct_sheet_range.end_auth_asym_id 
_struct_sheet_range.end_auth_seq_id 
AA 1 LYS A 46  ? GLN A 51  ? LYS A 46  GLN A 51  
AA 2 ILE A 4   ? ASN A 9   ? ILE A 4   ASN A 9   
AA 3 VAL A 72  ? ASN A 75  ? VAL A 72  ASN A 75  
AA 4 LEU A 97  ? HIS A 101 ? LEU A 97  HIS A 101 
AA 5 GLY A 123 ? VAL A 126 ? GLY A 123 VAL A 126 
# 
loop_
_pdbx_struct_sheet_hbond.sheet_id 
_pdbx_struct_sheet_hbond.range_id_1 
_pdbx_struct_sheet_hbond.range_id_2 
_pdbx_struct_sheet_hbond.range_1_label_atom_id 
_pdbx_struct_sheet_hbond.range_1_label_comp_id 
_pdbx_struct_sheet_hbond.range_1_label_asym_id 
_pdbx_struct_sheet_hbond.range_1_label_seq_id 
_pdbx_struct_sheet_hbond.range_1_PDB_ins_code 
_pdbx_struct_sheet_hbond.range_1_auth_atom_id 
_pdbx_struct_sheet_hbond.range_1_auth_comp_id 
_pdbx_struct_sheet_hbond.range_1_auth_asym_id 
_pdbx_struct_sheet_hbond.range_1_auth_seq_id 
_pdbx_struct_sheet_hbond.range_2_label_atom_id 
_pdbx_struct_sheet_hbond.range_2_label_comp_id 
_pdbx_struct_sheet_hbond.range_2_label_asym_id 
_pdbx_struct_sheet_hbond.range_2_label_seq_id 
_pdbx_struct_sheet_hbond.range_2_PDB_ins_code 
_pdbx_struct_sheet_hbond.range_2_auth_atom_id 
_pdbx_struct_sheet_hbond.range_2_auth_comp_id 
_pdbx_struct_sheet_hbond.range_2_auth_asym_id 
_pdbx_struct_sheet_hbond.range_2_auth_seq_id 
AA 1 2 N VAL A 48 ? N VAL A 48 O VAL A 5   ? O VAL A 5   
AA 2 3 N ILE A 8  ? N ILE A 8  O ILE A 73  ? O ILE A 73  
AA 3 4 N LEU A 74 ? N LEU A 74 O ILE A 98  ? O ILE A 98  
AA 4 5 N GLU A 99 ? N GLU A 99 O GLY A 123 ? O GLY A 123 
# 
loop_
_struct_site.id 
_struct_site.pdbx_evidence_code 
_struct_site.pdbx_auth_asym_id 
_struct_site.pdbx_auth_comp_id 
_struct_site.pdbx_auth_seq_id 
_struct_site.pdbx_auth_ins_code 
_struct_site.pdbx_num_residues 
_struct_site.details 
AC1 Software A W4N 1143 ? 10 'BINDING SITE FOR RESIDUE W4N A 1143' 
AC2 Software A SO4 1144 ? 3  'BINDING SITE FOR RESIDUE SO4 A 1144' 
AC3 Software A SO4 1145 ? 7  'BINDING SITE FOR RESIDUE SO4 A 1145' 
# 
loop_
_struct_site_gen.id 
_struct_site_gen.site_id 
_struct_site_gen.pdbx_num_res 
_struct_site_gen.label_comp_id 
_struct_site_gen.label_asym_id 
_struct_site_gen.label_seq_id 
_struct_site_gen.pdbx_auth_ins_code 
_struct_site_gen.auth_comp_id 
_struct_site_gen.auth_asym_id 
_struct_site_gen.auth_seq_id 
_struct_site_gen.label_atom_id 
_struct_site_gen.label_alt_id 
_struct_site_gen.symmetry 
_struct_site_gen.details 
1  AC1 10 ARG A 18  ? ARG A 18  . ? 1_555  ? 
2  AC1 10 ASN A 75  ? ASN A 75  . ? 1_555  ? 
3  AC1 10 GLY A 77  ? GLY A 77  . ? 1_555  ? 
4  AC1 10 GLY A 78  ? GLY A 78  . ? 1_555  ? 
5  AC1 10 HIS A 81  ? HIS A 81  . ? 1_555  ? 
6  AC1 10 ASP A 88  ? ASP A 88  . ? 24_544 ? 
7  AC1 10 HIS A 101 ? HIS A 101 . ? 1_555  ? 
8  AC1 10 ILE A 102 ? ILE A 102 . ? 1_555  ? 
9  AC1 10 SER A 103 ? SER A 103 . ? 1_555  ? 
10 AC1 10 ARG A 112 ? ARG A 112 . ? 1_555  ? 
11 AC2 3  SER A 54  ? SER A 54  . ? 30_554 ? 
12 AC2 3  SER A 54  ? SER A 54  . ? 24_544 ? 
13 AC2 3  SER A 54  ? SER A 54  . ? 1_555  ? 
14 AC3 7  ARG A 87  ? ARG A 87  . ? 1_555  ? 
15 AC3 7  PHE A 111 ? PHE A 111 . ? 30_554 ? 
16 AC3 7  ARG A 113 ? ARG A 113 . ? 16_544 ? 
17 AC3 7  HIS A 114 ? HIS A 114 . ? 1_555  ? 
18 AC3 7  SER A 115 ? SER A 115 . ? 1_555  ? 
19 AC3 7  TYR A 116 ? TYR A 116 . ? 1_555  ? 
20 AC3 7  PRO A 119 ? PRO A 119 . ? 1_555  ? 
# 
_atom_sites.entry_id                    4CIX 
_atom_sites.fract_transf_matrix[1][1]   0.00102267 
_atom_sites.fract_transf_matrix[1][2]   0.00709489 
_atom_sites.fract_transf_matrix[1][3]   -0.00335382 
_atom_sites.fract_transf_matrix[2][1]   0.00767402 
_atom_sites.fract_transf_matrix[2][2]   -0.00161163 
_atom_sites.fract_transf_matrix[2][3]   -0.00106934 
_atom_sites.fract_transf_matrix[3][1]   -0.00164164 
_atom_sites.fract_transf_matrix[3][2]   -0.00311394 
_atom_sites.fract_transf_matrix[3][3]   -0.00708800 
_atom_sites.fract_transf_vector[1]      0.012248 
_atom_sites.fract_transf_vector[2]      -0.177170 
_atom_sites.fract_transf_vector[3]      -0.309708 
# 
loop_
_atom_type.symbol 
C 
N 
O 
S 
# 
loop_
_atom_site.group_PDB 
_atom_site.id 
_atom_site.type_symbol 
_atom_site.label_atom_id 
_atom_site.label_alt_id 
_atom_site.label_comp_id 
_atom_site.label_asym_id 
_atom_site.label_entity_id 
_atom_site.label_seq_id 
_atom_site.pdbx_PDB_ins_code 
_atom_site.Cartn_x 
_atom_site.Cartn_y 
_atom_site.Cartn_z 
_atom_site.occupancy 
_atom_site.B_iso_or_equiv 
_atom_site.pdbx_formal_charge 
_atom_site.auth_seq_id 
_atom_site.auth_comp_id 
_atom_site.auth_asym_id 
_atom_site.auth_atom_id 
_atom_site.pdbx_PDB_model_num 
ATOM   1    N N   . LEU A 1 3   ? 4.556   -17.824 0.516   1.00 43.19 ? 3    LEU A N   1 
ATOM   2    C CA  . LEU A 1 3   ? 4.763   -16.795 -0.564  1.00 44.68 ? 3    LEU A CA  1 
ATOM   3    C C   . LEU A 1 3   ? 4.454   -15.407 0.011   1.00 42.46 ? 3    LEU A C   1 
ATOM   4    O O   . LEU A 1 3   ? 3.452   -15.220 0.701   1.00 41.75 ? 3    LEU A O   1 
ATOM   5    C CB  . LEU A 1 3   ? 3.905   -17.113 -1.791  1.00 45.14 ? 3    LEU A CB  1 
ATOM   6    C CG  . LEU A 1 3   ? 4.118   -16.276 -3.058  1.00 48.19 ? 3    LEU A CG  1 
ATOM   7    C CD1 . LEU A 1 3   ? 4.171   -17.167 -4.304  1.00 47.96 ? 3    LEU A CD1 1 
ATOM   8    C CD2 . LEU A 1 3   ? 3.043   -15.186 -3.193  1.00 47.44 ? 3    LEU A CD2 1 
ATOM   9    N N   . ILE A 1 4   ? 5.328   -14.447 -0.284  1.00 39.45 ? 4    ILE A N   1 
ATOM   10   C CA  . ILE A 1 4   ? 5.411   -13.178 0.453   1.00 36.16 ? 4    ILE A CA  1 
ATOM   11   C C   . ILE A 1 4   ? 4.764   -11.987 -0.267  1.00 34.63 ? 4    ILE A C   1 
ATOM   12   O O   . ILE A 1 4   ? 4.861   -11.847 -1.490  1.00 33.42 ? 4    ILE A O   1 
ATOM   13   C CB  . ILE A 1 4   ? 6.885   -12.798 0.696   1.00 35.64 ? 4    ILE A CB  1 
ATOM   14   C CG1 . ILE A 1 4   ? 7.635   -13.949 1.377   1.00 35.40 ? 4    ILE A CG1 1 
ATOM   15   C CG2 . ILE A 1 4   ? 6.993   -11.514 1.515   1.00 35.58 ? 4    ILE A CG2 1 
ATOM   16   C CD1 . ILE A 1 4   ? 9.145   -13.787 1.347   1.00 34.29 ? 4    ILE A CD1 1 
ATOM   17   N N   . VAL A 1 5   ? 4.134   -11.125 0.527   1.00 32.24 ? 5    VAL A N   1 
ATOM   18   C CA  . VAL A 1 5   ? 3.522   -9.896  0.059   1.00 31.65 ? 5    VAL A CA  1 
ATOM   19   C C   . VAL A 1 5   ? 3.994   -8.749  0.945   1.00 29.84 ? 5    VAL A C   1 
ATOM   20   O O   . VAL A 1 5   ? 3.988   -8.874  2.173   1.00 30.73 ? 5    VAL A O   1 
ATOM   21   C CB  . VAL A 1 5   ? 1.989   -9.979  0.175   1.00 33.65 ? 5    VAL A CB  1 
ATOM   22   C CG1 . VAL A 1 5   ? 1.335   -8.690  -0.307  1.00 33.84 ? 5    VAL A CG1 1 
ATOM   23   C CG2 . VAL A 1 5   ? 1.456   -11.190 -0.597  1.00 35.21 ? 5    VAL A CG2 1 
ATOM   24   N N   . ASN A 1 6   ? 4.388   -7.629  0.342   1.00 26.70 ? 6    ASN A N   1 
ATOM   25   C CA  . ASN A 1 6   ? 4.770   -6.452  1.125   1.00 24.78 ? 6    ASN A CA  1 
ATOM   26   C C   . ASN A 1 6   ? 3.621   -5.485  1.209   1.00 23.06 ? 6    ASN A C   1 
ATOM   27   O O   . ASN A 1 6   ? 2.994   -5.186  0.199   1.00 22.99 ? 6    ASN A O   1 
ATOM   28   C CB  . ASN A 1 6   ? 5.975   -5.758  0.514   1.00 24.34 ? 6    ASN A CB  1 
ATOM   29   C CG  . ASN A 1 6   ? 7.153   -6.676  0.407   1.00 24.05 ? 6    ASN A CG  1 
ATOM   30   O OD1 . ASN A 1 6   ? 7.701   -7.113  1.420   1.00 24.26 ? 6    ASN A OD1 1 
ATOM   31   N ND2 . ASN A 1 6   ? 7.532   -7.010  -0.818  1.00 23.99 ? 6    ASN A ND2 1 
ATOM   32   N N   . VAL A 1 7   ? 3.331   -5.020  2.415   1.00 21.27 ? 7    VAL A N   1 
ATOM   33   C CA  . VAL A 1 7   ? 2.320   -4.001  2.604   1.00 20.60 ? 7    VAL A CA  1 
ATOM   34   C C   . VAL A 1 7   ? 3.033   -2.795  3.181   1.00 21.01 ? 7    VAL A C   1 
ATOM   35   O O   . VAL A 1 7   ? 3.558   -2.838  4.316   1.00 21.15 ? 7    VAL A O   1 
ATOM   36   C CB  . VAL A 1 7   ? 1.175   -4.441  3.532   1.00 20.09 ? 7    VAL A CB  1 
ATOM   37   C CG1 . VAL A 1 7   ? 0.171   -3.309  3.675   1.00 20.27 ? 7    VAL A CG1 1 
ATOM   38   C CG2 . VAL A 1 7   ? 0.486   -5.689  2.993   1.00 19.55 ? 7    VAL A CG2 1 
ATOM   39   N N   . ILE A 1 8   ? 3.056   -1.725  2.381   1.00 20.35 ? 8    ILE A N   1 
ATOM   40   C CA  . ILE A 1 8   ? 3.842   -0.536  2.675   1.00 19.49 ? 8    ILE A CA  1 
ATOM   41   C C   . ILE A 1 8   ? 2.875   0.626   2.859   1.00 19.56 ? 8    ILE A C   1 
ATOM   42   O O   . ILE A 1 8   ? 2.073   0.914   1.977   1.00 19.96 ? 8    ILE A O   1 
ATOM   43   C CB  . ILE A 1 8   ? 4.878   -0.310  1.552   1.00 18.94 ? 8    ILE A CB  1 
ATOM   44   C CG1 . ILE A 1 8   ? 5.878   -1.463  1.578   1.00 19.20 ? 8    ILE A CG1 1 
ATOM   45   C CG2 . ILE A 1 8   ? 5.652   0.982   1.725   1.00 18.88 ? 8    ILE A CG2 1 
ATOM   46   C CD1 . ILE A 1 8   ? 6.733   -1.582  0.341   1.00 19.61 ? 8    ILE A CD1 1 
ATOM   47   N N   . ASN A 1 9   ? 2.914   1.247   4.033   1.00 19.49 ? 9    ASN A N   1 
ATOM   48   C CA  . ASN A 1 9   ? 2.151   2.458   4.293   1.00 19.98 ? 9    ASN A CA  1 
ATOM   49   C C   . ASN A 1 9   ? 3.071   3.658   4.442   1.00 20.54 ? 9    ASN A C   1 
ATOM   50   O O   . ASN A 1 9   ? 4.151   3.566   5.033   1.00 20.48 ? 9    ASN A O   1 
ATOM   51   C CB  . ASN A 1 9   ? 1.324   2.305   5.558   1.00 20.02 ? 9    ASN A CB  1 
ATOM   52   C CG  . ASN A 1 9   ? 0.250   1.261   5.421   1.00 19.92 ? 9    ASN A CG  1 
ATOM   53   O OD1 . ASN A 1 9   ? -0.445  1.216   4.414   1.00 19.90 ? 9    ASN A OD1 1 
ATOM   54   N ND2 . ASN A 1 9   ? 0.113   0.408   6.429   1.00 19.67 ? 9    ASN A ND2 1 
ATOM   55   N N   . GLY A 1 10  ? 2.629   4.793   3.920   1.00 21.00 ? 10   GLY A N   1 
ATOM   56   C CA  . GLY A 1 10  ? 3.421   6.013   3.954   1.00 21.72 ? 10   GLY A CA  1 
ATOM   57   C C   . GLY A 1 10  ? 3.038   6.986   5.059   1.00 22.00 ? 10   GLY A C   1 
ATOM   58   O O   . GLY A 1 10  ? 2.415   6.604   6.052   1.00 22.20 ? 10   GLY A O   1 
ATOM   59   N N   . PRO A 1 11  ? 3.409   8.257   4.886   1.00 22.09 ? 11   PRO A N   1 
ATOM   60   C CA  . PRO A 1 11  ? 3.256   9.315   5.875   1.00 22.65 ? 11   PRO A CA  1 
ATOM   61   C C   . PRO A 1 11  ? 1.878   9.416   6.477   1.00 23.49 ? 11   PRO A C   1 
ATOM   62   O O   . PRO A 1 11  ? 0.891   9.396   5.741   1.00 24.66 ? 11   PRO A O   1 
ATOM   63   C CB  . PRO A 1 11  ? 3.547   10.576  5.075   1.00 23.00 ? 11   PRO A CB  1 
ATOM   64   C CG  . PRO A 1 11  ? 4.490   10.128  4.011   1.00 22.75 ? 11   PRO A CG  1 
ATOM   65   C CD  . PRO A 1 11  ? 4.048   8.746   3.654   1.00 22.27 ? 11   PRO A CD  1 
ATOM   66   N N   . ASN A 1 12  ? 1.830   9.538   7.803   1.00 24.23 ? 12   ASN A N   1 
ATOM   67   C CA  . ASN A 1 12  ? 0.592   9.731   8.575   1.00 24.71 ? 12   ASN A CA  1 
ATOM   68   C C   . ASN A 1 12  ? -0.245  8.472   8.866   1.00 25.37 ? 12   ASN A C   1 
ATOM   69   O O   . ASN A 1 12  ? -1.243  8.543   9.591   1.00 24.17 ? 12   ASN A O   1 
ATOM   70   C CB  . ASN A 1 12  ? -0.284  10.828  7.943   1.00 24.71 ? 12   ASN A CB  1 
ATOM   71   C CG  . ASN A 1 12  ? 0.371   12.192  7.999   1.00 24.72 ? 12   ASN A CG  1 
ATOM   72   O OD1 . ASN A 1 12  ? 0.761   12.653  9.063   1.00 24.84 ? 12   ASN A OD1 1 
ATOM   73   N ND2 . ASN A 1 12  ? 0.489   12.843  6.857   1.00 25.24 ? 12   ASN A ND2 1 
ATOM   74   N N   . LEU A 1 13  ? 0.154   7.328   8.320   1.00 26.90 ? 13   LEU A N   1 
ATOM   75   C CA  . LEU A 1 13  ? -0.603  6.095   8.528   1.00 28.23 ? 13   LEU A CA  1 
ATOM   76   C C   . LEU A 1 13  ? -0.250  5.419   9.850   1.00 28.55 ? 13   LEU A C   1 
ATOM   77   O O   . LEU A 1 13  ? -0.954  4.517   10.281  1.00 27.81 ? 13   LEU A O   1 
ATOM   78   C CB  . LEU A 1 13  ? -0.453  5.154   7.330   1.00 29.08 ? 13   LEU A CB  1 
ATOM   79   C CG  . LEU A 1 13  ? -1.287  5.732   6.168   1.00 30.88 ? 13   LEU A CG  1 
ATOM   80   C CD1 . LEU A 1 13  ? -0.653  5.484   4.813   1.00 32.55 ? 13   LEU A CD1 1 
ATOM   81   C CD2 . LEU A 1 13  ? -2.723  5.232   6.170   1.00 31.22 ? 13   LEU A CD2 1 
ATOM   82   N N   . GLY A 1 14  ? 0.814   5.881   10.505  1.00 29.43 ? 14   GLY A N   1 
ATOM   83   C CA  . GLY A 1 14  ? 1.064   5.513   11.891  1.00 30.08 ? 14   GLY A CA  1 
ATOM   84   C C   . GLY A 1 14  ? -0.070  5.973   12.795  1.00 31.26 ? 14   GLY A C   1 
ATOM   85   O O   . GLY A 1 14  ? -0.321  5.376   13.837  1.00 30.31 ? 14   GLY A O   1 
ATOM   86   N N   . ARG A 1 15  ? -0.785  7.011   12.364  1.00 32.73 ? 15   ARG A N   1 
ATOM   87   C CA  . ARG A 1 15  ? -1.742  7.720   13.208  1.00 33.33 ? 15   ARG A CA  1 
ATOM   88   C C   . ARG A 1 15  ? -3.138  7.153   13.115  1.00 35.30 ? 15   ARG A C   1 
ATOM   89   O O   . ARG A 1 15  ? -4.043  7.653   13.778  1.00 37.39 ? 15   ARG A O   1 
ATOM   90   C CB  . ARG A 1 15  ? -1.805  9.191   12.802  1.00 33.47 ? 15   ARG A CB  1 
ATOM   91   C CG  . ARG A 1 15  ? -0.449  9.880   12.676  1.00 33.51 ? 15   ARG A CG  1 
ATOM   92   C CD  . ARG A 1 15  ? 0.140   10.202  14.026  1.00 32.50 ? 15   ARG A CD  1 
ATOM   93   N NE  . ARG A 1 15  ? -0.762  11.088  14.740  1.00 33.10 ? 15   ARG A NE  1 
ATOM   94   C CZ  . ARG A 1 15  ? -0.623  11.419  16.013  1.00 33.52 ? 15   ARG A CZ  1 
ATOM   95   N NH1 . ARG A 1 15  ? 0.407   10.946  16.702  1.00 35.72 ? 15   ARG A NH1 1 
ATOM   96   N NH2 . ARG A 1 15  ? -1.498  12.230  16.596  1.00 32.30 ? 15   ARG A NH2 1 
ATOM   97   N N   . LEU A 1 16  ? -3.315  6.146   12.271  1.00 37.03 ? 16   LEU A N   1 
ATOM   98   C CA  . LEU A 1 16  ? -4.576  5.435   12.129  1.00 39.95 ? 16   LEU A CA  1 
ATOM   99   C C   . LEU A 1 16  ? -5.286  5.272   13.483  1.00 42.65 ? 16   LEU A C   1 
ATOM   100  O O   . LEU A 1 16  ? -4.668  4.835   14.443  1.00 45.09 ? 16   LEU A O   1 
ATOM   101  C CB  . LEU A 1 16  ? -4.275  4.071   11.506  1.00 41.23 ? 16   LEU A CB  1 
ATOM   102  C CG  . LEU A 1 16  ? -5.306  3.369   10.633  1.00 43.91 ? 16   LEU A CG  1 
ATOM   103  C CD1 . LEU A 1 16  ? -5.861  4.288   9.561   1.00 44.50 ? 16   LEU A CD1 1 
ATOM   104  C CD2 . LEU A 1 16  ? -4.649  2.146   9.997   1.00 45.41 ? 16   LEU A CD2 1 
ATOM   105  N N   . GLY A 1 17  ? -6.571  5.619   13.561  1.00 47.16 ? 17   GLY A N   1 
ATOM   106  C CA  . GLY A 1 17  ? -7.297  5.665   14.849  1.00 51.11 ? 17   GLY A CA  1 
ATOM   107  C C   . GLY A 1 17  ? -6.902  6.925   15.605  1.00 55.49 ? 17   GLY A C   1 
ATOM   108  O O   . GLY A 1 17  ? -6.321  6.839   16.691  1.00 56.15 ? 17   GLY A O   1 
ATOM   109  N N   . ARG A 1 18  ? -7.257  8.088   15.040  1.00 59.07 ? 18   ARG A N   1 
ATOM   110  C CA  . ARG A 1 18  ? -6.488  9.353   15.216  1.00 59.75 ? 18   ARG A CA  1 
ATOM   111  C C   . ARG A 1 18  ? -5.747  9.523   16.546  1.00 52.63 ? 18   ARG A C   1 
ATOM   112  O O   . ARG A 1 18  ? -4.679  8.933   16.735  1.00 42.54 ? 18   ARG A O   1 
ATOM   113  C CB  . ARG A 1 18  ? -7.350  10.590  14.876  1.00 64.98 ? 18   ARG A CB  1 
ATOM   114  C CG  . ARG A 1 18  ? -7.567  10.815  13.369  1.00 70.56 ? 18   ARG A CG  1 
ATOM   115  C CD  . ARG A 1 18  ? -6.267  10.657  12.547  1.00 75.14 ? 18   ARG A CD  1 
ATOM   116  N NE  . ARG A 1 18  ? -6.390  11.038  11.126  1.00 76.12 ? 18   ARG A NE  1 
ATOM   117  C CZ  . ARG A 1 18  ? -5.369  11.173  10.271  1.00 70.09 ? 18   ARG A CZ  1 
ATOM   118  N NH1 . ARG A 1 18  ? -4.114  10.966  10.656  1.00 70.58 ? 18   ARG A NH1 1 
ATOM   119  N NH2 . ARG A 1 18  ? -5.605  11.530  9.017   1.00 65.72 ? 18   ARG A NH2 1 
ATOM   120  N N   . GLY A 1 26  ? -11.521 4.358   14.713  1.00 50.03 ? 26   GLY A N   1 
ATOM   121  C CA  . GLY A 1 26  ? -11.500 3.190   15.588  1.00 49.02 ? 26   GLY A CA  1 
ATOM   122  C C   . GLY A 1 26  ? -10.154 2.465   15.614  1.00 48.58 ? 26   GLY A C   1 
ATOM   123  O O   . GLY A 1 26  ? -9.514  2.381   16.664  1.00 48.88 ? 26   GLY A O   1 
ATOM   124  N N   . THR A 1 27  ? -9.716  1.960   14.458  1.00 44.85 ? 27   THR A N   1 
ATOM   125  C CA  . THR A 1 27  ? -8.598  0.994   14.375  1.00 42.47 ? 27   THR A CA  1 
ATOM   126  C C   . THR A 1 27  ? -7.194  1.612   14.385  1.00 41.75 ? 27   THR A C   1 
ATOM   127  O O   . THR A 1 27  ? -6.941  2.541   13.625  1.00 43.18 ? 27   THR A O   1 
ATOM   128  C CB  . THR A 1 27  ? -8.717  0.166   13.084  1.00 40.71 ? 27   THR A CB  1 
ATOM   129  O OG1 . THR A 1 27  ? -9.930  -0.594  13.114  1.00 36.67 ? 27   THR A OG1 1 
ATOM   130  C CG2 . THR A 1 27  ? -7.509  -0.771  12.908  1.00 40.45 ? 27   THR A CG2 1 
ATOM   131  N N   . THR A 1 28  ? -6.293  1.068   15.216  1.00 39.89 ? 28   THR A N   1 
ATOM   132  C CA  . THR A 1 28  ? -4.871  1.485   15.264  1.00 38.87 ? 28   THR A CA  1 
ATOM   133  C C   . THR A 1 28  ? -4.037  0.747   14.225  1.00 36.86 ? 28   THR A C   1 
ATOM   134  O O   . THR A 1 28  ? -4.437  -0.308  13.748  1.00 40.62 ? 28   THR A O   1 
ATOM   135  C CB  . THR A 1 28  ? -4.193  1.188   16.622  1.00 40.09 ? 28   THR A CB  1 
ATOM   136  O OG1 . THR A 1 28  ? -4.002  -0.228  16.775  1.00 39.41 ? 28   THR A OG1 1 
ATOM   137  C CG2 . THR A 1 28  ? -5.008  1.730   17.788  1.00 41.88 ? 28   THR A CG2 1 
ATOM   138  N N   . HIS A 1 29  ? -2.862  1.280   13.908  1.00 34.18 ? 29   HIS A N   1 
ATOM   139  C CA  . HIS A 1 29  ? -1.987  0.685   12.890  1.00 32.15 ? 29   HIS A CA  1 
ATOM   140  C C   . HIS A 1 29  ? -1.485  -0.726  13.275  1.00 31.51 ? 29   HIS A C   1 
ATOM   141  O O   . HIS A 1 29  ? -1.304  -1.604  12.404  1.00 28.90 ? 29   HIS A O   1 
ATOM   142  C CB  . HIS A 1 29  ? -0.792  1.603   12.599  1.00 31.26 ? 29   HIS A CB  1 
ATOM   143  C CG  . HIS A 1 29  ? 0.040   1.143   11.449  1.00 32.20 ? 29   HIS A CG  1 
ATOM   144  N ND1 . HIS A 1 29  ? 1.081   0.253   11.595  1.00 33.35 ? 29   HIS A ND1 1 
ATOM   145  C CD2 . HIS A 1 29  ? -0.039  1.418   10.123  1.00 32.78 ? 29   HIS A CD2 1 
ATOM   146  C CE1 . HIS A 1 29  ? 1.613   0.003   10.411  1.00 33.90 ? 29   HIS A CE1 1 
ATOM   147  N NE2 . HIS A 1 29  ? 0.953   0.699   9.501   1.00 33.23 ? 29   HIS A NE2 1 
ATOM   148  N N   . ASP A 1 30  ? -1.246  -0.915  14.574  1.00 30.66 ? 30   ASP A N   1 
ATOM   149  C CA  . ASP A 1 30  ? -0.775  -2.182  15.111  1.00 30.30 ? 30   ASP A CA  1 
ATOM   150  C C   . ASP A 1 30  ? -1.816  -3.262  14.909  1.00 31.28 ? 30   ASP A C   1 
ATOM   151  O O   . ASP A 1 30  ? -1.477  -4.421  14.625  1.00 29.89 ? 30   ASP A O   1 
ATOM   152  C CB  . ASP A 1 30  ? -0.513  -2.054  16.605  1.00 30.49 ? 30   ASP A CB  1 
ATOM   153  C CG  . ASP A 1 30  ? 0.867   -1.566  16.923  1.00 29.59 ? 30   ASP A CG  1 
ATOM   154  O OD1 . ASP A 1 30  ? 1.759   -1.726  16.075  1.00 28.97 ? 30   ASP A OD1 1 
ATOM   155  O OD2 . ASP A 1 30  ? 1.050   -1.046  18.044  1.00 29.56 ? 30   ASP A OD2 1 
ATOM   156  N N   . GLU A 1 31  ? -3.079  -2.872  15.098  1.00 32.45 ? 31   GLU A N   1 
ATOM   157  C CA  . GLU A 1 31  ? -4.221  -3.743  14.814  1.00 34.21 ? 31   GLU A CA  1 
ATOM   158  C C   . GLU A 1 31  ? -4.307  -4.087  13.333  1.00 31.77 ? 31   GLU A C   1 
ATOM   159  O O   . GLU A 1 31  ? -4.567  -5.241  12.977  1.00 29.82 ? 31   GLU A O   1 
ATOM   160  C CB  . GLU A 1 31  ? -5.545  -3.128  15.313  1.00 37.01 ? 31   GLU A CB  1 
ATOM   161  C CG  . GLU A 1 31  ? -5.904  -3.615  16.713  1.00 41.85 ? 31   GLU A CG  1 
ATOM   162  C CD  . GLU A 1 31  ? -7.067  -2.886  17.368  1.00 46.22 ? 31   GLU A CD  1 
ATOM   163  O OE1 . GLU A 1 31  ? -7.310  -1.685  17.088  1.00 44.56 ? 31   GLU A OE1 1 
ATOM   164  O OE2 . GLU A 1 31  ? -7.733  -3.545  18.199  1.00 55.02 ? 31   GLU A OE2 1 
ATOM   165  N N   . LEU A 1 32  ? -4.078  -3.083  12.487  1.00 28.87 ? 32   LEU A N   1 
ATOM   166  C CA  . LEU A 1 32  ? -4.078  -3.283  11.055  1.00 27.00 ? 32   LEU A CA  1 
ATOM   167  C C   . LEU A 1 32  ? -3.041  -4.318  10.651  1.00 26.00 ? 32   LEU A C   1 
ATOM   168  O O   . LEU A 1 32  ? -3.291  -5.153  9.776   1.00 24.99 ? 32   LEU A O   1 
ATOM   169  C CB  . LEU A 1 32  ? -3.794  -1.976  10.327  1.00 27.05 ? 32   LEU A CB  1 
ATOM   170  C CG  . LEU A 1 32  ? -3.735  -2.116  8.797   1.00 26.87 ? 32   LEU A CG  1 
ATOM   171  C CD1 . LEU A 1 32  ? -5.107  -2.507  8.240   1.00 26.60 ? 32   LEU A CD1 1 
ATOM   172  C CD2 . LEU A 1 32  ? -3.215  -0.831  8.170   1.00 26.50 ? 32   LEU A CD2 1 
ATOM   173  N N   . VAL A 1 33  ? -1.878  -4.256  11.286  1.00 25.25 ? 33   VAL A N   1 
ATOM   174  C CA  . VAL A 1 33  ? -0.822  -5.207  10.998  1.00 24.74 ? 33   VAL A CA  1 
ATOM   175  C C   . VAL A 1 33  ? -1.343  -6.584  11.370  1.00 25.89 ? 33   VAL A C   1 
ATOM   176  O O   . VAL A 1 33  ? -1.250  -7.515  10.574  1.00 26.25 ? 33   VAL A O   1 
ATOM   177  C CB  . VAL A 1 33  ? 0.475   -4.876  11.759  1.00 23.66 ? 33   VAL A CB  1 
ATOM   178  C CG1 . VAL A 1 33  ? 1.553   -5.911  11.465  1.00 23.59 ? 33   VAL A CG1 1 
ATOM   179  C CG2 . VAL A 1 33  ? 0.950   -3.472  11.403  1.00 23.37 ? 33   VAL A CG2 1 
ATOM   180  N N   . ALA A 1 34  ? -1.935  -6.696  12.562  1.00 27.78 ? 34   ALA A N   1 
ATOM   181  C CA  . ALA A 1 34  ? -2.502  -7.973  13.043  1.00 28.16 ? 34   ALA A CA  1 
ATOM   182  C C   . ALA A 1 34  ? -3.602  -8.532  12.132  1.00 27.49 ? 34   ALA A C   1 
ATOM   183  O O   . ALA A 1 34  ? -3.585  -9.717  11.829  1.00 28.47 ? 34   ALA A O   1 
ATOM   184  C CB  . ALA A 1 34  ? -3.015  -7.833  14.468  1.00 28.76 ? 34   ALA A CB  1 
ATOM   185  N N   . LEU A 1 35  ? -4.539  -7.686  11.704  1.00 27.71 ? 35   LEU A N   1 
ATOM   186  C CA  . LEU A 1 35  ? -5.590  -8.087  10.764  1.00 28.68 ? 35   LEU A CA  1 
ATOM   187  C C   . LEU A 1 35  ? -5.000  -8.654  9.502   1.00 28.70 ? 35   LEU A C   1 
ATOM   188  O O   . LEU A 1 35  ? -5.408  -9.718  9.044   1.00 29.15 ? 35   LEU A O   1 
ATOM   189  C CB  . LEU A 1 35  ? -6.486  -6.904  10.394  1.00 30.14 ? 35   LEU A CB  1 
ATOM   190  C CG  . LEU A 1 35  ? -7.547  -6.637  11.467  1.00 33.10 ? 35   LEU A CG  1 
ATOM   191  C CD1 . LEU A 1 35  ? -8.053  -5.194  11.449  1.00 34.43 ? 35   LEU A CD1 1 
ATOM   192  C CD2 . LEU A 1 35  ? -8.700  -7.630  11.339  1.00 33.44 ? 35   LEU A CD2 1 
ATOM   193  N N   . ILE A 1 36  ? -4.035  -7.930  8.947   1.00 29.03 ? 36   ILE A N   1 
ATOM   194  C CA  . ILE A 1 36  ? -3.400  -8.299  7.687   1.00 29.08 ? 36   ILE A CA  1 
ATOM   195  C C   . ILE A 1 36  ? -2.612  -9.583  7.849   1.00 29.88 ? 36   ILE A C   1 
ATOM   196  O O   . ILE A 1 36  ? -2.765  -10.502 7.055   1.00 30.83 ? 36   ILE A O   1 
ATOM   197  C CB  . ILE A 1 36  ? -2.468  -7.171  7.188   1.00 28.97 ? 36   ILE A CB  1 
ATOM   198  C CG1 . ILE A 1 36  ? -3.303  -5.995  6.661   1.00 27.98 ? 36   ILE A CG1 1 
ATOM   199  C CG2 . ILE A 1 36  ? -1.488  -7.682  6.132   1.00 28.69 ? 36   ILE A CG2 1 
ATOM   200  C CD1 . ILE A 1 36  ? -2.491  -4.751  6.368   1.00 28.30 ? 36   ILE A CD1 1 
ATOM   201  N N   . GLU A 1 37  ? -1.770  -9.635  8.874   1.00 31.35 ? 37   GLU A N   1 
ATOM   202  C CA  . GLU A 1 37  ? -1.029  -10.848 9.205   1.00 34.06 ? 37   GLU A CA  1 
ATOM   203  C C   . GLU A 1 37  ? -1.932  -12.088 9.381   1.00 36.03 ? 37   GLU A C   1 
ATOM   204  O O   . GLU A 1 37  ? -1.610  -13.167 8.874   1.00 35.19 ? 37   GLU A O   1 
ATOM   205  C CB  . GLU A 1 37  ? -0.175  -10.620 10.456  1.00 34.87 ? 37   GLU A CB  1 
ATOM   206  C CG  . GLU A 1 37  ? 1.074   -9.795  10.186  1.00 34.99 ? 37   GLU A CG  1 
ATOM   207  C CD  . GLU A 1 37  ? 1.966   -9.699  11.394  1.00 35.48 ? 37   GLU A CD  1 
ATOM   208  O OE1 . GLU A 1 37  ? 1.444   -9.406  12.494  1.00 35.90 ? 37   GLU A OE1 1 
ATOM   209  O OE2 . GLU A 1 37  ? 3.182   -9.920  11.239  1.00 35.43 ? 37   GLU A OE2 1 
ATOM   210  N N   . ARG A 1 38  ? -3.060  -11.932 10.072  1.00 36.94 ? 38   ARG A N   1 
ATOM   211  C CA  . ARG A 1 38  ? -4.027  -13.023 10.184  1.00 39.47 ? 38   ARG A CA  1 
ATOM   212  C C   . ARG A 1 38  ? -4.647  -13.417 8.839   1.00 39.71 ? 38   ARG A C   1 
ATOM   213  O O   . ARG A 1 38  ? -4.700  -14.601 8.501   1.00 40.93 ? 38   ARG A O   1 
ATOM   214  C CB  . ARG A 1 38  ? -5.148  -12.666 11.165  1.00 42.35 ? 38   ARG A CB  1 
ATOM   215  C CG  . ARG A 1 38  ? -6.028  -13.865 11.526  1.00 45.68 ? 38   ARG A CG  1 
ATOM   216  C CD  . ARG A 1 38  ? -7.047  -13.520 12.593  1.00 47.36 ? 38   ARG A CD  1 
ATOM   217  N NE  . ARG A 1 38  ? -7.899  -12.420 12.146  1.00 48.49 ? 38   ARG A NE  1 
ATOM   218  C CZ  . ARG A 1 38  ? -8.864  -11.862 12.874  1.00 47.13 ? 38   ARG A CZ  1 
ATOM   219  N NH1 . ARG A 1 38  ? -9.135  -12.298 14.104  1.00 46.49 ? 38   ARG A NH1 1 
ATOM   220  N NH2 . ARG A 1 38  ? -9.567  -10.860 12.357  1.00 45.79 ? 38   ARG A NH2 1 
ATOM   221  N N   . GLU A 1 39  ? -5.135  -12.430 8.090   1.00 39.78 ? 39   GLU A N   1 
ATOM   222  C CA  . GLU A 1 39  ? -5.789  -12.688 6.810   1.00 40.98 ? 39   GLU A CA  1 
ATOM   223  C C   . GLU A 1 39  ? -4.815  -13.341 5.848   1.00 40.63 ? 39   GLU A C   1 
ATOM   224  O O   . GLU A 1 39  ? -5.196  -14.222 5.076   1.00 41.00 ? 39   GLU A O   1 
ATOM   225  C CB  . GLU A 1 39  ? -6.345  -11.393 6.189   1.00 43.37 ? 39   GLU A CB  1 
ATOM   226  C CG  . GLU A 1 39  ? -7.259  -11.583 4.962   1.00 44.58 ? 39   GLU A CG  1 
ATOM   227  C CD  . GLU A 1 39  ? -8.664  -12.095 5.318   1.00 47.50 ? 39   GLU A CD  1 
ATOM   228  O OE1 . GLU A 1 39  ? -9.028  -12.078 6.532   1.00 47.32 ? 39   GLU A OE1 1 
ATOM   229  O OE2 . GLU A 1 39  ? -9.406  -12.511 4.382   1.00 42.85 ? 39   GLU A OE2 1 
ATOM   230  N N   . ALA A 1 40  ? -3.559  -12.905 5.896   1.00 40.15 ? 40   ALA A N   1 
ATOM   231  C CA  . ALA A 1 40  ? -2.516  -13.464 5.041   1.00 40.15 ? 40   ALA A CA  1 
ATOM   232  C C   . ALA A 1 40  ? -2.232  -14.932 5.388   1.00 38.40 ? 40   ALA A C   1 
ATOM   233  O O   . ALA A 1 40  ? -2.089  -15.767 4.496   1.00 35.17 ? 40   ALA A O   1 
ATOM   234  C CB  . ALA A 1 40  ? -1.249  -12.624 5.146   1.00 41.09 ? 40   ALA A CB  1 
ATOM   235  N N   . ALA A 1 41  ? -2.152  -15.229 6.686   1.00 38.26 ? 41   ALA A N   1 
ATOM   236  C CA  . ALA A 1 41  ? -2.045  -16.608 7.174   1.00 38.03 ? 41   ALA A CA  1 
ATOM   237  C C   . ALA A 1 41  ? -3.135  -17.480 6.546   1.00 38.01 ? 41   ALA A C   1 
ATOM   238  O O   . ALA A 1 41  ? -2.823  -18.449 5.862   1.00 36.82 ? 41   ALA A O   1 
ATOM   239  C CB  . ALA A 1 41  ? -2.132  -16.661 8.703   1.00 37.05 ? 41   ALA A CB  1 
ATOM   240  N N   . GLU A 1 42  ? -4.401  -17.117 6.755   1.00 38.97 ? 42   GLU A N   1 
ATOM   241  C CA  . GLU A 1 42  ? -5.534  -17.839 6.150   1.00 41.69 ? 42   GLU A CA  1 
ATOM   242  C C   . GLU A 1 42  ? -5.394  -18.112 4.645   1.00 37.55 ? 42   GLU A C   1 
ATOM   243  O O   . GLU A 1 42  ? -5.794  -19.174 4.164   1.00 36.60 ? 42   GLU A O   1 
ATOM   244  C CB  . GLU A 1 42  ? -6.858  -17.109 6.406   1.00 46.83 ? 42   GLU A CB  1 
ATOM   245  C CG  . GLU A 1 42  ? -7.632  -17.675 7.585   1.00 55.19 ? 42   GLU A CG  1 
ATOM   246  C CD  . GLU A 1 42  ? -8.750  -16.754 8.045   1.00 64.92 ? 42   GLU A CD  1 
ATOM   247  O OE1 . GLU A 1 42  ? -9.406  -16.136 7.165   1.00 67.78 ? 42   GLU A OE1 1 
ATOM   248  O OE2 . GLU A 1 42  ? -8.968  -16.643 9.282   1.00 68.31 ? 42   GLU A OE2 1 
ATOM   249  N N   . LEU A 1 43  ? -4.818  -17.163 3.916   1.00 33.76 ? 43   LEU A N   1 
ATOM   250  C CA  . LEU A 1 43  ? -4.663  -17.283 2.476   1.00 31.17 ? 43   LEU A CA  1 
ATOM   251  C C   . LEU A 1 43  ? -3.390  -18.043 2.095   1.00 30.27 ? 43   LEU A C   1 
ATOM   252  O O   . LEU A 1 43  ? -3.137  -18.287 0.909   1.00 28.29 ? 43   LEU A O   1 
ATOM   253  C CB  . LEU A 1 43  ? -4.658  -15.888 1.829   1.00 31.34 ? 43   LEU A CB  1 
ATOM   254  C CG  . LEU A 1 43  ? -5.951  -15.067 1.869   1.00 30.55 ? 43   LEU A CG  1 
ATOM   255  C CD1 . LEU A 1 43  ? -5.655  -13.621 1.513   1.00 30.72 ? 43   LEU A CD1 1 
ATOM   256  C CD2 . LEU A 1 43  ? -6.997  -15.642 0.928   1.00 30.05 ? 43   LEU A CD2 1 
ATOM   257  N N   . GLY A 1 44  ? -2.593  -18.419 3.089   1.00 30.60 ? 44   GLY A N   1 
ATOM   258  C CA  . GLY A 1 44  ? -1.315  -19.090 2.835   1.00 32.68 ? 44   GLY A CA  1 
ATOM   259  C C   . GLY A 1 44  ? -0.283  -18.152 2.230   1.00 33.17 ? 44   GLY A C   1 
ATOM   260  O O   . GLY A 1 44  ? 0.395   -18.493 1.273   1.00 34.51 ? 44   GLY A O   1 
ATOM   261  N N   . LEU A 1 45  ? -0.205  -16.948 2.788   1.00 33.83 ? 45   LEU A N   1 
ATOM   262  C CA  . LEU A 1 45  ? 0.808   -15.975 2.454   1.00 32.07 ? 45   LEU A CA  1 
ATOM   263  C C   . LEU A 1 45  ? 1.497   -15.548 3.740   1.00 29.27 ? 45   LEU A C   1 
ATOM   264  O O   . LEU A 1 45  ? 1.021   -15.819 4.852   1.00 26.52 ? 45   LEU A O   1 
ATOM   265  C CB  . LEU A 1 45  ? 0.162   -14.733 1.840   1.00 34.81 ? 45   LEU A CB  1 
ATOM   266  C CG  . LEU A 1 45  ? -0.856  -14.864 0.703   1.00 37.39 ? 45   LEU A CG  1 
ATOM   267  C CD1 . LEU A 1 45  ? -1.455  -13.490 0.418   1.00 37.86 ? 45   LEU A CD1 1 
ATOM   268  C CD2 . LEU A 1 45  ? -0.244  -15.460 -0.563  1.00 38.05 ? 45   LEU A CD2 1 
ATOM   269  N N   . LYS A 1 46  ? 2.620   -14.868 3.573   1.00 27.95 ? 46   LYS A N   1 
ATOM   270  C CA  . LYS A 1 46  ? 3.211   -14.094 4.644   1.00 28.58 ? 46   LYS A CA  1 
ATOM   271  C C   . LYS A 1 46  ? 3.112   -12.621 4.279   1.00 27.08 ? 46   LYS A C   1 
ATOM   272  O O   . LYS A 1 46  ? 3.486   -12.228 3.178   1.00 26.37 ? 46   LYS A O   1 
ATOM   273  C CB  . LYS A 1 46  ? 4.674   -14.476 4.882   1.00 29.90 ? 46   LYS A CB  1 
ATOM   274  C CG  . LYS A 1 46  ? 5.264   -13.894 6.159   1.00 31.59 ? 46   LYS A CG  1 
ATOM   275  C CD  . LYS A 1 46  ? 6.759   -14.143 6.189   1.00 35.28 ? 46   LYS A CD  1 
ATOM   276  C CE  . LYS A 1 46  ? 7.416   -13.673 7.485   1.00 36.89 ? 46   LYS A CE  1 
ATOM   277  N NZ  . LYS A 1 46  ? 8.727   -14.360 7.716   1.00 36.76 ? 46   LYS A NZ  1 
ATOM   278  N N   . ALA A 1 47  ? 2.592   -11.821 5.207   1.00 25.59 ? 47   ALA A N   1 
ATOM   279  C CA  . ALA A 1 47  ? 2.561   -10.389 5.044   1.00 24.78 ? 47   ALA A CA  1 
ATOM   280  C C   . ALA A 1 47  ? 3.684   -9.762  5.842   1.00 23.31 ? 47   ALA A C   1 
ATOM   281  O O   . ALA A 1 47  ? 3.814   -9.976  7.046   1.00 21.65 ? 47   ALA A O   1 
ATOM   282  C CB  . ALA A 1 47  ? 1.220   -9.822  5.478   1.00 25.33 ? 47   ALA A CB  1 
ATOM   283  N N   . VAL A 1 48  ? 4.496   -8.990  5.132   1.00 22.79 ? 48   VAL A N   1 
ATOM   284  C CA  . VAL A 1 48  ? 5.449   -8.087  5.739   1.00 22.46 ? 48   VAL A CA  1 
ATOM   285  C C   . VAL A 1 48  ? 4.857   -6.681  5.663   1.00 23.01 ? 48   VAL A C   1 
ATOM   286  O O   . VAL A 1 48  ? 4.800   -6.104  4.575   1.00 23.94 ? 48   VAL A O   1 
ATOM   287  C CB  . VAL A 1 48  ? 6.794   -8.094  4.994   1.00 21.28 ? 48   VAL A CB  1 
ATOM   288  C CG1 . VAL A 1 48  ? 7.811   -7.264  5.764   1.00 21.06 ? 48   VAL A CG1 1 
ATOM   289  C CG2 . VAL A 1 48  ? 7.285   -9.515  4.786   1.00 20.95 ? 48   VAL A CG2 1 
ATOM   290  N N   . VAL A 1 49  ? 4.418   -6.139  6.802   1.00 22.93 ? 49   VAL A N   1 
ATOM   291  C CA  . VAL A 1 49  ? 3.801   -4.813  6.845   1.00 23.38 ? 49   VAL A CA  1 
ATOM   292  C C   . VAL A 1 49  ? 4.786   -3.787  7.404   1.00 24.65 ? 49   VAL A C   1 
ATOM   293  O O   . VAL A 1 49  ? 5.543   -4.076  8.316   1.00 24.17 ? 49   VAL A O   1 
ATOM   294  C CB  . VAL A 1 49  ? 2.524   -4.802  7.692   1.00 22.98 ? 49   VAL A CB  1 
ATOM   295  C CG1 . VAL A 1 49  ? 1.845   -3.454  7.602   1.00 23.38 ? 49   VAL A CG1 1 
ATOM   296  C CG2 . VAL A 1 49  ? 1.581   -5.886  7.229   1.00 23.50 ? 49   VAL A CG2 1 
ATOM   297  N N   . ARG A 1 50  ? 4.757   -2.577  6.854   1.00 26.07 ? 50   ARG A N   1 
ATOM   298  C CA  . ARG A 1 50  ? 5.775   -1.581  7.127   1.00 26.55 ? 50   ARG A CA  1 
ATOM   299  C C   . ARG A 1 50  ? 5.196   -0.197  7.059   1.00 24.39 ? 50   ARG A C   1 
ATOM   300  O O   . ARG A 1 50  ? 4.333   0.048   6.222   1.00 25.15 ? 50   ARG A O   1 
ATOM   301  C CB  . ARG A 1 50  ? 6.818   -1.687  6.044   1.00 29.50 ? 50   ARG A CB  1 
ATOM   302  C CG  . ARG A 1 50  ? 7.567   -2.992  6.068   1.00 31.89 ? 50   ARG A CG  1 
ATOM   303  C CD  . ARG A 1 50  ? 8.706   -2.887  7.059   1.00 34.05 ? 50   ARG A CD  1 
ATOM   304  N NE  . ARG A 1 50  ? 9.640   -3.995  6.947   1.00 37.60 ? 50   ARG A NE  1 
ATOM   305  C CZ  . ARG A 1 50  ? 10.285  -4.344  5.833   1.00 40.10 ? 50   ARG A CZ  1 
ATOM   306  N NH1 . ARG A 1 50  ? 10.099  -3.699  4.684   1.00 40.31 ? 50   ARG A NH1 1 
ATOM   307  N NH2 . ARG A 1 50  ? 11.116  -5.379  5.868   1.00 43.45 ? 50   ARG A NH2 1 
ATOM   308  N N   . GLN A 1 51  ? 5.673   0.721   7.894   1.00 21.94 ? 51   GLN A N   1 
ATOM   309  C CA  . GLN A 1 51  ? 5.181   2.092   7.823   1.00 20.85 ? 51   GLN A CA  1 
ATOM   310  C C   . GLN A 1 51  ? 6.297   3.097   8.010   1.00 19.71 ? 51   GLN A C   1 
ATOM   311  O O   . GLN A 1 51  ? 7.169   2.901   8.830   1.00 19.08 ? 51   GLN A O   1 
ATOM   312  C CB  . GLN A 1 51  ? 4.067   2.308   8.840   1.00 20.95 ? 51   GLN A CB  1 
ATOM   313  C CG  . GLN A 1 51  ? 3.266   3.580   8.621   1.00 21.56 ? 51   GLN A CG  1 
ATOM   314  C CD  . GLN A 1 51  ? 3.996   4.819   9.122   1.00 22.07 ? 51   GLN A CD  1 
ATOM   315  O OE1 . GLN A 1 51  ? 4.526   4.818   10.227  1.00 22.63 ? 51   GLN A OE1 1 
ATOM   316  N NE2 . GLN A 1 51  ? 4.028   5.879   8.314   1.00 22.13 ? 51   GLN A NE2 1 
ATOM   317  N N   . SER A 1 52  ? 6.298   4.156   7.212   1.00 19.36 ? 52   SER A N   1 
ATOM   318  C CA  . SER A 1 52  ? 7.281   5.225   7.389   1.00 19.23 ? 52   SER A CA  1 
ATOM   319  C C   . SER A 1 52  ? 6.784   6.565   6.883   1.00 19.14 ? 52   SER A C   1 
ATOM   320  O O   . SER A 1 52  ? 6.123   6.642   5.842   1.00 19.46 ? 52   SER A O   1 
ATOM   321  C CB  . SER A 1 52  ? 8.597   4.900   6.697   1.00 18.85 ? 52   SER A CB  1 
ATOM   322  O OG  . SER A 1 52  ? 9.594   5.822   7.114   1.00 18.87 ? 52   SER A OG  1 
ATOM   323  N N   . ASP A 1 53  ? 7.111   7.617   7.631   1.00 19.18 ? 53   ASP A N   1 
ATOM   324  C CA  . ASP A 1 53  ? 6.854   8.985   7.187   1.00 19.56 ? 53   ASP A CA  1 
ATOM   325  C C   . ASP A 1 53  ? 7.979   9.466   6.270   1.00 18.41 ? 53   ASP A C   1 
ATOM   326  O O   . ASP A 1 53  ? 7.903   10.539  5.707   1.00 17.62 ? 53   ASP A O   1 
ATOM   327  C CB  . ASP A 1 53  ? 6.684   9.943   8.374   1.00 20.38 ? 53   ASP A CB  1 
ATOM   328  C CG  . ASP A 1 53  ? 5.566   9.524   9.328   1.00 21.28 ? 53   ASP A CG  1 
ATOM   329  O OD1 . ASP A 1 53  ? 4.470   9.094   8.903   1.00 21.46 ? 53   ASP A OD1 1 
ATOM   330  O OD2 . ASP A 1 53  ? 5.792   9.644   10.541  1.00 23.62 ? 53   ASP A OD2 1 
ATOM   331  N N   . SER A 1 54  ? 8.999   8.637   6.111   1.00 17.94 ? 54   SER A N   1 
ATOM   332  C CA  . SER A 1 54  ? 10.159  8.961   5.315   1.00 17.99 ? 54   SER A CA  1 
ATOM   333  C C   . SER A 1 54  ? 10.051  8.383   3.890   1.00 18.06 ? 54   SER A C   1 
ATOM   334  O O   . SER A 1 54  ? 10.006  7.157   3.698   1.00 18.04 ? 54   SER A O   1 
ATOM   335  C CB  . SER A 1 54  ? 11.410  8.430   6.030   1.00 17.80 ? 54   SER A CB  1 
ATOM   336  O OG  . SER A 1 54  ? 12.464  8.301   5.112   1.00 17.63 ? 54   SER A OG  1 
ATOM   337  N N   . GLU A 1 55  ? 10.031  9.261   2.892   1.00 18.35 ? 55   GLU A N   1 
ATOM   338  C CA  . GLU A 1 55  ? 10.033  8.833   1.480   1.00 18.81 ? 55   GLU A CA  1 
ATOM   339  C C   . GLU A 1 55  ? 11.220  7.926   1.131   1.00 18.86 ? 55   GLU A C   1 
ATOM   340  O O   . GLU A 1 55  ? 11.062  6.904   0.475   1.00 18.22 ? 55   GLU A O   1 
ATOM   341  C CB  . GLU A 1 55  ? 10.048  10.051  0.561   1.00 19.50 ? 55   GLU A CB  1 
ATOM   342  C CG  . GLU A 1 55  ? 9.651   9.758   -0.875  1.00 20.53 ? 55   GLU A CG  1 
ATOM   343  C CD  . GLU A 1 55  ? 9.658   10.994  -1.759  1.00 21.29 ? 55   GLU A CD  1 
ATOM   344  O OE1 . GLU A 1 55  ? 10.542  11.858  -1.585  1.00 21.63 ? 55   GLU A OE1 1 
ATOM   345  O OE2 . GLU A 1 55  ? 8.790   11.096  -2.655  1.00 22.82 ? 55   GLU A OE2 1 
ATOM   346  N N   . ALA A 1 56  ? 12.405  8.301   1.599   1.00 19.57 ? 56   ALA A N   1 
ATOM   347  C CA  . ALA A 1 56  ? 13.618  7.542   1.320   1.00 19.58 ? 56   ALA A CA  1 
ATOM   348  C C   . ALA A 1 56  ? 13.517  6.132   1.868   1.00 20.05 ? 56   ALA A C   1 
ATOM   349  O O   . ALA A 1 56  ? 13.969  5.175   1.241   1.00 19.65 ? 56   ALA A O   1 
ATOM   350  C CB  . ALA A 1 56  ? 14.830  8.250   1.906   1.00 19.21 ? 56   ALA A CB  1 
ATOM   351  N N   . GLN A 1 57  ? 12.932  6.022   3.052   1.00 21.35 ? 57   GLN A N   1 
ATOM   352  C CA  . GLN A 1 57  ? 12.695  4.728   3.678   1.00 22.53 ? 57   GLN A CA  1 
ATOM   353  C C   . GLN A 1 57  ? 11.672  3.913   2.860   1.00 22.55 ? 57   GLN A C   1 
ATOM   354  O O   . GLN A 1 57  ? 11.865  2.712   2.613   1.00 22.54 ? 57   GLN A O   1 
ATOM   355  C CB  . GLN A 1 57  ? 12.225  4.925   5.128   1.00 22.86 ? 57   GLN A CB  1 
ATOM   356  C CG  . GLN A 1 57  ? 11.849  3.633   5.848   1.00 23.59 ? 57   GLN A CG  1 
ATOM   357  C CD  . GLN A 1 57  ? 13.009  2.659   5.981   1.00 23.26 ? 57   GLN A CD  1 
ATOM   358  O OE1 . GLN A 1 57  ? 13.175  1.746   5.163   1.00 23.73 ? 57   GLN A OE1 1 
ATOM   359  N NE2 . GLN A 1 57  ? 13.816  2.850   7.009   1.00 22.52 ? 57   GLN A NE2 1 
ATOM   360  N N   . LEU A 1 58  ? 10.600  4.566   2.430   1.00 22.11 ? 58   LEU A N   1 
ATOM   361  C CA  . LEU A 1 58  ? 9.647   3.900   1.562   1.00 22.22 ? 58   LEU A CA  1 
ATOM   362  C C   . LEU A 1 58  ? 10.330  3.388   0.301   1.00 22.57 ? 58   LEU A C   1 
ATOM   363  O O   . LEU A 1 58  ? 10.156  2.225   -0.060  1.00 22.77 ? 58   LEU A O   1 
ATOM   364  C CB  . LEU A 1 58  ? 8.490   4.822   1.197   1.00 22.05 ? 58   LEU A CB  1 
ATOM   365  C CG  . LEU A 1 58  ? 7.613   5.280   2.357   1.00 22.40 ? 58   LEU A CG  1 
ATOM   366  C CD1 . LEU A 1 58  ? 6.394   5.981   1.812   1.00 23.16 ? 58   LEU A CD1 1 
ATOM   367  C CD2 . LEU A 1 58  ? 7.157   4.131   3.225   1.00 23.01 ? 58   LEU A CD2 1 
ATOM   368  N N   . LEU A 1 59  ? 11.120  4.245   -0.352  1.00 22.74 ? 59   LEU A N   1 
ATOM   369  C CA  . LEU A 1 59  ? 11.808  3.877   -1.601  1.00 22.52 ? 59   LEU A CA  1 
ATOM   370  C C   . LEU A 1 59  ? 12.711  2.666   -1.443  1.00 22.41 ? 59   LEU A C   1 
ATOM   371  O O   . LEU A 1 59  ? 12.834  1.865   -2.357  1.00 21.74 ? 59   LEU A O   1 
ATOM   372  C CB  . LEU A 1 59  ? 12.668  5.033   -2.121  1.00 23.07 ? 59   LEU A CB  1 
ATOM   373  C CG  . LEU A 1 59  ? 11.940  6.303   -2.570  1.00 24.03 ? 59   LEU A CG  1 
ATOM   374  C CD1 . LEU A 1 59  ? 12.908  7.325   -3.158  1.00 24.06 ? 59   LEU A CD1 1 
ATOM   375  C CD2 . LEU A 1 59  ? 10.827  5.977   -3.556  1.00 24.28 ? 59   LEU A CD2 1 
ATOM   376  N N   . ASP A 1 60  ? 13.360  2.555   -0.286  1.00 22.97 ? 60   ASP A N   1 
ATOM   377  C CA  . ASP A 1 60  ? 14.255  1.449   -0.010  1.00 23.05 ? 60   ASP A CA  1 
ATOM   378  C C   . ASP A 1 60  ? 13.429  0.164   0.040   1.00 22.62 ? 60   ASP A C   1 
ATOM   379  O O   . ASP A 1 60  ? 13.813  -0.846  -0.564  1.00 21.81 ? 60   ASP A O   1 
ATOM   380  C CB  . ASP A 1 60  ? 15.032  1.698   1.292   1.00 23.92 ? 60   ASP A CB  1 
ATOM   381  C CG  . ASP A 1 60  ? 16.066  0.603   1.599   1.00 24.89 ? 60   ASP A CG  1 
ATOM   382  O OD1 . ASP A 1 60  ? 16.708  0.057   0.665   1.00 24.63 ? 60   ASP A OD1 1 
ATOM   383  O OD2 . ASP A 1 60  ? 16.226  0.285   2.799   1.00 26.38 ? 60   ASP A OD2 1 
ATOM   384  N N   . TRP A 1 61  ? 12.276  0.208   0.709   1.00 22.52 ? 61   TRP A N   1 
ATOM   385  C CA  . TRP A 1 61  ? 11.406  -0.977  0.761   1.00 23.35 ? 61   TRP A CA  1 
ATOM   386  C C   . TRP A 1 61  ? 10.905  -1.404  -0.618  1.00 24.39 ? 61   TRP A C   1 
ATOM   387  O O   . TRP A 1 61  ? 10.777  -2.602  -0.882  1.00 25.23 ? 61   TRP A O   1 
ATOM   388  C CB  . TRP A 1 61  ? 10.220  -0.780  1.707   1.00 22.75 ? 61   TRP A CB  1 
ATOM   389  C CG  . TRP A 1 61  ? 10.626  -0.685  3.133   1.00 22.81 ? 61   TRP A CG  1 
ATOM   390  C CD1 . TRP A 1 61  ? 11.688  -1.299  3.724   1.00 22.63 ? 61   TRP A CD1 1 
ATOM   391  C CD2 . TRP A 1 61  ? 9.967   0.057   4.163   1.00 23.33 ? 61   TRP A CD2 1 
ATOM   392  N NE1 . TRP A 1 61  ? 11.737  -0.982  5.059   1.00 22.72 ? 61   TRP A NE1 1 
ATOM   393  C CE2 . TRP A 1 61  ? 10.697  -0.149  5.357   1.00 23.04 ? 61   TRP A CE2 1 
ATOM   394  C CE3 . TRP A 1 61  ? 8.834   0.878   4.192   1.00 23.40 ? 61   TRP A CE3 1 
ATOM   395  C CZ2 . TRP A 1 61  ? 10.340  0.439   6.566   1.00 23.07 ? 61   TRP A CZ2 1 
ATOM   396  C CZ3 . TRP A 1 61  ? 8.477   1.456   5.386   1.00 24.03 ? 61   TRP A CZ3 1 
ATOM   397  C CH2 . TRP A 1 61  ? 9.232   1.231   6.569   1.00 23.83 ? 61   TRP A CH2 1 
ATOM   398  N N   . ILE A 1 62  ? 10.638  -0.424  -1.486  1.00 24.77 ? 62   ILE A N   1 
ATOM   399  C CA  . ILE A 1 62  ? 10.187  -0.684  -2.853  1.00 24.08 ? 62   ILE A CA  1 
ATOM   400  C C   . ILE A 1 62  ? 11.336  -1.276  -3.653  1.00 24.04 ? 62   ILE A C   1 
ATOM   401  O O   . ILE A 1 62  ? 11.142  -2.197  -4.448  1.00 23.69 ? 62   ILE A O   1 
ATOM   402  C CB  . ILE A 1 62  ? 9.719   0.601   -3.573  1.00 24.45 ? 62   ILE A CB  1 
ATOM   403  C CG1 . ILE A 1 62  ? 8.702   1.390   -2.727  1.00 25.26 ? 62   ILE A CG1 1 
ATOM   404  C CG2 . ILE A 1 62  ? 9.140   0.275   -4.945  1.00 24.02 ? 62   ILE A CG2 1 
ATOM   405  C CD1 . ILE A 1 62  ? 7.479   0.609   -2.316  1.00 25.50 ? 62   ILE A CD1 1 
ATOM   406  N N   . HIS A 1 63  ? 12.534  -0.734  -3.454  1.00 24.54 ? 63   HIS A N   1 
ATOM   407  C CA  . HIS A 1 63  ? 13.709  -1.220  -4.174  1.00 25.21 ? 63   HIS A CA  1 
ATOM   408  C C   . HIS A 1 63  ? 13.901  -2.695  -3.911  1.00 24.67 ? 63   HIS A C   1 
ATOM   409  O O   . HIS A 1 63  ? 14.066  -3.504  -4.828  1.00 22.41 ? 63   HIS A O   1 
ATOM   410  C CB  . HIS A 1 63  ? 14.956  -0.463  -3.739  1.00 25.76 ? 63   HIS A CB  1 
ATOM   411  C CG  . HIS A 1 63  ? 14.962  0.966   -4.167  1.00 27.67 ? 63   HIS A CG  1 
ATOM   412  N ND1 . HIS A 1 63  ? 14.305  1.406   -5.301  1.00 28.38 ? 63   HIS A ND1 1 
ATOM   413  C CD2 . HIS A 1 63  ? 15.564  2.056   -3.631  1.00 28.46 ? 63   HIS A CD2 1 
ATOM   414  C CE1 . HIS A 1 63  ? 14.488  2.707   -5.435  1.00 28.09 ? 63   HIS A CE1 1 
ATOM   415  N NE2 . HIS A 1 63  ? 15.248  3.127   -4.437  1.00 28.98 ? 63   HIS A NE2 1 
ATOM   416  N N   . GLN A 1 64  ? 13.852  -3.025  -2.629  1.00 24.99 ? 64   GLN A N   1 
ATOM   417  C CA  . GLN A 1 64  ? 14.029  -4.375  -2.187  1.00 24.82 ? 64   GLN A CA  1 
ATOM   418  C C   . GLN A 1 64  ? 12.978  -5.301  -2.802  1.00 23.68 ? 64   GLN A C   1 
ATOM   419  O O   . GLN A 1 64  ? 13.323  -6.382  -3.291  1.00 24.46 ? 64   GLN A O   1 
ATOM   420  C CB  . GLN A 1 64  ? 14.015  -4.415  -0.665  1.00 26.01 ? 64   GLN A CB  1 
ATOM   421  C CG  . GLN A 1 64  ? 15.274  -3.841  -0.017  1.00 26.48 ? 64   GLN A CG  1 
ATOM   422  C CD  . GLN A 1 64  ? 15.091  -3.599  1.480   1.00 28.49 ? 64   GLN A CD  1 
ATOM   423  O OE1 . GLN A 1 64  ? 15.354  -2.497  1.975   1.00 30.68 ? 64   GLN A OE1 1 
ATOM   424  N NE2 . GLN A 1 64  ? 14.604  -4.612  2.203   1.00 28.12 ? 64   GLN A NE2 1 
ATOM   425  N N   . ALA A 1 65  ? 11.720  -4.870  -2.808  1.00 22.61 ? 65   ALA A N   1 
ATOM   426  C CA  . ALA A 1 65  ? 10.626  -5.648  -3.430  1.00 22.40 ? 65   ALA A CA  1 
ATOM   427  C C   . ALA A 1 65  ? 10.833  -5.828  -4.926  1.00 22.57 ? 65   ALA A C   1 
ATOM   428  O O   . ALA A 1 65  ? 10.512  -6.872  -5.476  1.00 22.42 ? 65   ALA A O   1 
ATOM   429  C CB  . ALA A 1 65  ? 9.273   -4.993  -3.170  1.00 22.00 ? 65   ALA A CB  1 
ATOM   430  N N   . ALA A 1 66  ? 11.355  -4.797  -5.583  1.00 23.42 ? 66   ALA A N   1 
ATOM   431  C CA  . ALA A 1 66  ? 11.776  -4.910  -6.973  1.00 23.30 ? 66   ALA A CA  1 
ATOM   432  C C   . ALA A 1 66  ? 12.789  -6.034  -7.096  1.00 23.36 ? 66   ALA A C   1 
ATOM   433  O O   . ALA A 1 66  ? 12.547  -7.004  -7.778  1.00 23.11 ? 66   ALA A O   1 
ATOM   434  C CB  . ALA A 1 66  ? 12.367  -3.595  -7.465  1.00 23.35 ? 66   ALA A CB  1 
ATOM   435  N N   . ASP A 1 67  ? 13.907  -5.904  -6.389  1.00 24.74 ? 67   ASP A N   1 
ATOM   436  C CA  . ASP A 1 67  ? 14.973  -6.913  -6.378  1.00 24.59 ? 67   ASP A CA  1 
ATOM   437  C C   . ASP A 1 67  ? 14.452  -8.314  -6.063  1.00 25.55 ? 67   ASP A C   1 
ATOM   438  O O   . ASP A 1 67  ? 14.792  -9.274  -6.734  1.00 26.17 ? 67   ASP A O   1 
ATOM   439  C CB  . ASP A 1 67  ? 16.049  -6.534  -5.345  1.00 23.99 ? 67   ASP A CB  1 
ATOM   440  C CG  . ASP A 1 67  ? 16.964  -5.392  -5.821  1.00 23.88 ? 67   ASP A CG  1 
ATOM   441  O OD1 . ASP A 1 67  ? 17.047  -5.119  -7.036  1.00 22.74 ? 67   ASP A OD1 1 
ATOM   442  O OD2 . ASP A 1 67  ? 17.619  -4.760  -4.962  1.00 24.14 ? 67   ASP A OD2 1 
ATOM   443  N N   . ALA A 1 68  ? 13.620  -8.429  -5.039  1.00 26.51 ? 68   ALA A N   1 
ATOM   444  C CA  . ALA A 1 68  ? 13.080  -9.727  -4.626  1.00 26.87 ? 68   ALA A CA  1 
ATOM   445  C C   . ALA A 1 68  ? 12.033  -10.296 -5.599  1.00 27.75 ? 68   ALA A C   1 
ATOM   446  O O   . ALA A 1 68  ? 11.699  -11.488 -5.520  1.00 29.39 ? 68   ALA A O   1 
ATOM   447  C CB  . ALA A 1 68  ? 12.466  -9.594  -3.236  1.00 26.76 ? 68   ALA A CB  1 
ATOM   448  N N   . ALA A 1 69  ? 11.516  -9.433  -6.485  1.00 26.98 ? 69   ALA A N   1 
ATOM   449  C CA  . ALA A 1 69  ? 10.379  -9.724  -7.352  1.00 25.69 ? 69   ALA A CA  1 
ATOM   450  C C   . ALA A 1 69  ? 9.124   -10.034 -6.528  1.00 26.80 ? 69   ALA A C   1 
ATOM   451  O O   . ALA A 1 69  ? 8.299   -10.841 -6.940  1.00 27.28 ? 69   ALA A O   1 
ATOM   452  C CB  . ALA A 1 69  ? 10.712  -10.852 -8.312  1.00 24.26 ? 69   ALA A CB  1 
ATOM   453  N N   . GLU A 1 70  ? 8.981   -9.369  -5.377  1.00 27.83 ? 70   GLU A N   1 
ATOM   454  C CA  . GLU A 1 70  ? 7.844   -9.568  -4.461  1.00 28.64 ? 70   GLU A CA  1 
ATOM   455  C C   . GLU A 1 70  ? 6.737   -8.545  -4.717  1.00 27.41 ? 70   GLU A C   1 
ATOM   456  O O   . GLU A 1 70  ? 7.011   -7.394  -5.029  1.00 28.77 ? 70   GLU A O   1 
ATOM   457  C CB  . GLU A 1 70  ? 8.301   -9.441  -3.008  1.00 30.28 ? 70   GLU A CB  1 
ATOM   458  C CG  . GLU A 1 70  ? 9.164   -10.587 -2.509  1.00 32.57 ? 70   GLU A CG  1 
ATOM   459  C CD  . GLU A 1 70  ? 9.750   -10.324 -1.121  1.00 36.26 ? 70   GLU A CD  1 
ATOM   460  O OE1 . GLU A 1 70  ? 9.411   -9.277  -0.512  1.00 38.94 ? 70   GLU A OE1 1 
ATOM   461  O OE2 . GLU A 1 70  ? 10.558  -11.157 -0.629  1.00 36.51 ? 70   GLU A OE2 1 
ATOM   462  N N   . PRO A 1 71  ? 5.475   -8.951  -4.591  1.00 26.25 ? 71   PRO A N   1 
ATOM   463  C CA  . PRO A 1 71  ? 4.431   -7.969  -4.837  1.00 26.57 ? 71   PRO A CA  1 
ATOM   464  C C   . PRO A 1 71  ? 4.240   -7.017  -3.663  1.00 26.22 ? 71   PRO A C   1 
ATOM   465  O O   . PRO A 1 71  ? 4.680   -7.319  -2.553  1.00 26.40 ? 71   PRO A O   1 
ATOM   466  C CB  . PRO A 1 71  ? 3.179   -8.826  -5.070  1.00 27.07 ? 71   PRO A CB  1 
ATOM   467  C CG  . PRO A 1 71  ? 3.479   -10.122 -4.423  1.00 27.11 ? 71   PRO A CG  1 
ATOM   468  C CD  . PRO A 1 71  ? 4.949   -10.321 -4.581  1.00 26.79 ? 71   PRO A CD  1 
ATOM   469  N N   . VAL A 1 72  ? 3.583   -5.880  -3.937  1.00 25.06 ? 72   VAL A N   1 
ATOM   470  C CA  . VAL A 1 72  ? 3.429   -4.783  -2.985  1.00 23.30 ? 72   VAL A CA  1 
ATOM   471  C C   . VAL A 1 72  ? 2.009   -4.267  -3.000  1.00 22.25 ? 72   VAL A C   1 
ATOM   472  O O   . VAL A 1 72  ? 1.437   -4.027  -4.058  1.00 22.71 ? 72   VAL A O   1 
ATOM   473  C CB  . VAL A 1 72  ? 4.338   -3.580  -3.320  1.00 23.84 ? 72   VAL A CB  1 
ATOM   474  C CG1 . VAL A 1 72  ? 4.043   -2.396  -2.397  1.00 23.83 ? 72   VAL A CG1 1 
ATOM   475  C CG2 . VAL A 1 72  ? 5.810   -3.966  -3.219  1.00 24.36 ? 72   VAL A CG2 1 
ATOM   476  N N   . ILE A 1 73  ? 1.465   -4.096  -1.804  1.00 20.89 ? 73   ILE A N   1 
ATOM   477  C CA  . ILE A 1 73  ? 0.244   -3.347  -1.571  1.00 19.81 ? 73   ILE A CA  1 
ATOM   478  C C   . ILE A 1 73  ? 0.699   -2.025  -0.951  1.00 20.07 ? 73   ILE A C   1 
ATOM   479  O O   . ILE A 1 73  ? 1.317   -2.025  0.119   1.00 20.43 ? 73   ILE A O   1 
ATOM   480  C CB  . ILE A 1 73  ? -0.672  -4.100  -0.592  1.00 18.86 ? 73   ILE A CB  1 
ATOM   481  C CG1 . ILE A 1 73  ? -1.181  -5.393  -1.239  1.00 17.82 ? 73   ILE A CG1 1 
ATOM   482  C CG2 . ILE A 1 73  ? -1.800  -3.196  -0.107  1.00 19.00 ? 73   ILE A CG2 1 
ATOM   483  C CD1 . ILE A 1 73  ? -1.939  -6.293  -0.295  1.00 17.21 ? 73   ILE A CD1 1 
ATOM   484  N N   . LEU A 1 74  ? 0.421   -0.909  -1.618  1.00 19.98 ? 74   LEU A N   1 
ATOM   485  C CA  . LEU A 1 74  ? 0.984   0.377   -1.211  1.00 20.04 ? 74   LEU A CA  1 
ATOM   486  C C   . LEU A 1 74  ? -0.091  1.417   -0.929  1.00 19.71 ? 74   LEU A C   1 
ATOM   487  O O   . LEU A 1 74  ? -0.997  1.644   -1.736  1.00 19.32 ? 74   LEU A O   1 
ATOM   488  C CB  . LEU A 1 74  ? 1.967   0.896   -2.271  1.00 20.61 ? 74   LEU A CB  1 
ATOM   489  C CG  . LEU A 1 74  ? 2.564   2.310   -2.074  1.00 21.52 ? 74   LEU A CG  1 
ATOM   490  C CD1 . LEU A 1 74  ? 3.389   2.448   -0.791  1.00 21.52 ? 74   LEU A CD1 1 
ATOM   491  C CD2 . LEU A 1 74  ? 3.403   2.729   -3.280  1.00 21.58 ? 74   LEU A CD2 1 
ATOM   492  N N   . ASN A 1 75  ? 0.021   2.042   0.238   1.00 19.53 ? 75   ASN A N   1 
ATOM   493  C CA  . ASN A 1 75  ? -0.802  3.189   0.594   1.00 18.95 ? 75   ASN A CA  1 
ATOM   494  C C   . ASN A 1 75  ? 0.151   4.283   1.005   1.00 19.46 ? 75   ASN A C   1 
ATOM   495  O O   . ASN A 1 75  ? 0.629   4.306   2.131   1.00 19.32 ? 75   ASN A O   1 
ATOM   496  C CB  . ASN A 1 75  ? -1.768  2.855   1.717   1.00 17.98 ? 75   ASN A CB  1 
ATOM   497  C CG  . ASN A 1 75  ? -2.634  4.033   2.113   1.00 17.56 ? 75   ASN A CG  1 
ATOM   498  O OD1 . ASN A 1 75  ? -2.542  5.140   1.562   1.00 16.52 ? 75   ASN A OD1 1 
ATOM   499  N ND2 . ASN A 1 75  ? -3.494  3.795   3.081   1.00 17.57 ? 75   ASN A ND2 1 
ATOM   500  N N   . ALA A 1 76  ? 0.431   5.186   0.070   1.00 20.69 ? 76   ALA A N   1 
ATOM   501  C CA  . ALA A 1 76  ? 1.521   6.143   0.219   1.00 21.08 ? 76   ALA A CA  1 
ATOM   502  C C   . ALA A 1 76  ? 1.073   7.432   0.897   1.00 21.60 ? 76   ALA A C   1 
ATOM   503  O O   . ALA A 1 76  ? 1.832   8.401   0.920   1.00 23.55 ? 76   ALA A O   1 
ATOM   504  C CB  . ALA A 1 76  ? 2.132   6.447   -1.144  1.00 20.86 ? 76   ALA A CB  1 
ATOM   505  N N   . GLY A 1 77  ? -0.134  7.452   1.459   1.00 21.04 ? 77   GLY A N   1 
ATOM   506  C CA  . GLY A 1 77  ? -0.709  8.697   1.967   1.00 20.92 ? 77   GLY A CA  1 
ATOM   507  C C   . GLY A 1 77  ? -0.623  9.859   0.980   1.00 20.62 ? 77   GLY A C   1 
ATOM   508  O O   . GLY A 1 77  ? -0.854  9.703   -0.241  1.00 19.81 ? 77   GLY A O   1 
ATOM   509  N N   . GLY A 1 78  ? -0.269  11.024  1.516   1.00 20.46 ? 78   GLY A N   1 
ATOM   510  C CA  . GLY A 1 78  ? -0.142  12.245  0.711   1.00 20.81 ? 78   GLY A CA  1 
ATOM   511  C C   . GLY A 1 78  ? 0.787   12.157  -0.495  1.00 20.50 ? 78   GLY A C   1 
ATOM   512  O O   . GLY A 1 78  ? 0.527   12.791  -1.512  1.00 20.51 ? 78   GLY A O   1 
ATOM   513  N N   . LEU A 1 79  ? 1.852   11.362  -0.380  1.00 20.29 ? 79   LEU A N   1 
ATOM   514  C CA  . LEU A 1 79  ? 2.868   11.217  -1.430  1.00 20.01 ? 79   LEU A CA  1 
ATOM   515  C C   . LEU A 1 79  ? 2.321   10.652  -2.740  1.00 20.22 ? 79   LEU A C   1 
ATOM   516  O O   . LEU A 1 79  ? 2.966   10.749  -3.793  1.00 19.57 ? 79   LEU A O   1 
ATOM   517  C CB  . LEU A 1 79  ? 3.989   10.304  -0.952  1.00 19.86 ? 79   LEU A CB  1 
ATOM   518  C CG  . LEU A 1 79  ? 4.857   10.805  0.198   1.00 20.01 ? 79   LEU A CG  1 
ATOM   519  C CD1 . LEU A 1 79  ? 5.772   9.696   0.687   1.00 19.89 ? 79   LEU A CD1 1 
ATOM   520  C CD2 . LEU A 1 79  ? 5.696   11.984  -0.251  1.00 20.68 ? 79   LEU A CD2 1 
ATOM   521  N N   . THR A 1 80  ? 1.157   10.018  -2.654  1.00 20.22 ? 80   THR A N   1 
ATOM   522  C CA  . THR A 1 80  ? 0.440   9.530   -3.821  1.00 20.18 ? 80   THR A CA  1 
ATOM   523  C C   . THR A 1 80  ? 0.229   10.613  -4.879  1.00 20.55 ? 80   THR A C   1 
ATOM   524  O O   . THR A 1 80  ? 0.368   10.370  -6.081  1.00 20.44 ? 80   THR A O   1 
ATOM   525  C CB  . THR A 1 80  ? -0.939  9.061   -3.373  1.00 20.06 ? 80   THR A CB  1 
ATOM   526  O OG1 . THR A 1 80  ? -0.778  8.034   -2.388  1.00 20.35 ? 80   THR A OG1 1 
ATOM   527  C CG2 . THR A 1 80  ? -1.760  8.583   -4.552  1.00 19.83 ? 80   THR A CG2 1 
ATOM   528  N N   . HIS A 1 81  ? -0.126  11.805  -4.412  1.00 21.16 ? 81   HIS A N   1 
ATOM   529  C CA  . HIS A 1 81  ? -0.533  12.901  -5.288  1.00 21.87 ? 81   HIS A CA  1 
ATOM   530  C C   . HIS A 1 81  ? 0.637   13.815  -5.666  1.00 22.52 ? 81   HIS A C   1 
ATOM   531  O O   . HIS A 1 81  ? 0.452   14.740  -6.480  1.00 22.45 ? 81   HIS A O   1 
ATOM   532  C CB  . HIS A 1 81  ? -1.586  13.754  -4.600  1.00 21.63 ? 81   HIS A CB  1 
ATOM   533  C CG  . HIS A 1 81  ? -2.557  12.974  -3.785  1.00 22.16 ? 81   HIS A CG  1 
ATOM   534  N ND1 . HIS A 1 81  ? -3.430  12.067  -4.339  1.00 22.88 ? 81   HIS A ND1 1 
ATOM   535  C CD2 . HIS A 1 81  ? -2.803  12.971  -2.455  1.00 22.49 ? 81   HIS A CD2 1 
ATOM   536  C CE1 . HIS A 1 81  ? -4.175  11.536  -3.385  1.00 22.83 ? 81   HIS A CE1 1 
ATOM   537  N NE2 . HIS A 1 81  ? -3.812  12.066  -2.231  1.00 22.92 ? 81   HIS A NE2 1 
ATOM   538  N N   . THR A 1 82  ? 1.818   13.545  -5.088  1.00 21.26 ? 82   THR A N   1 
ATOM   539  C CA  . THR A 1 82  ? 2.923   14.483  -5.099  1.00 21.03 ? 82   THR A CA  1 
ATOM   540  C C   . THR A 1 82  ? 4.299   13.909  -5.529  1.00 21.40 ? 82   THR A C   1 
ATOM   541  O O   . THR A 1 82  ? 5.116   14.636  -6.112  1.00 21.33 ? 82   THR A O   1 
ATOM   542  C CB  . THR A 1 82  ? 3.057   15.147  -3.700  1.00 21.48 ? 82   THR A CB  1 
ATOM   543  O OG1 . THR A 1 82  ? 3.633   14.235  -2.741  1.00 20.87 ? 82   THR A OG1 1 
ATOM   544  C CG2 . THR A 1 82  ? 1.701   15.657  -3.204  1.00 21.14 ? 82   THR A CG2 1 
ATOM   545  N N   . SER A 1 83  ? 4.561   12.632  -5.243  1.00 21.82 ? 83   SER A N   1 
ATOM   546  C CA  . SER A 1 83  ? 5.892   12.020  -5.463  1.00 21.68 ? 83   SER A CA  1 
ATOM   547  C C   . SER A 1 83  ? 6.058   11.305  -6.823  1.00 21.33 ? 83   SER A C   1 
ATOM   548  O O   . SER A 1 83  ? 5.459   10.245  -7.075  1.00 22.06 ? 83   SER A O   1 
ATOM   549  C CB  . SER A 1 83  ? 6.222   11.032  -4.330  1.00 21.56 ? 83   SER A CB  1 
ATOM   550  O OG  . SER A 1 83  ? 7.541   10.515  -4.476  1.00 21.11 ? 83   SER A OG  1 
ATOM   551  N N   . VAL A 1 84  ? 6.895   11.891  -7.674  1.00 20.50 ? 84   VAL A N   1 
ATOM   552  C CA  . VAL A 1 84  ? 7.295   11.293  -8.939  1.00 20.11 ? 84   VAL A CA  1 
ATOM   553  C C   . VAL A 1 84  ? 8.353   10.242  -8.632  1.00 20.32 ? 84   VAL A C   1 
ATOM   554  O O   . VAL A 1 84  ? 8.430   9.223   -9.308  1.00 21.41 ? 84   VAL A O   1 
ATOM   555  C CB  . VAL A 1 84  ? 7.871   12.372  -9.895  1.00 19.89 ? 84   VAL A CB  1 
ATOM   556  C CG1 . VAL A 1 84  ? 8.609   11.755  -11.078 1.00 19.96 ? 84   VAL A CG1 1 
ATOM   557  C CG2 . VAL A 1 84  ? 6.767   13.302  -10.363 1.00 19.62 ? 84   VAL A CG2 1 
ATOM   558  N N   . ALA A 1 85  ? 9.168   10.499  -7.615  1.00 19.91 ? 85   ALA A N   1 
ATOM   559  C CA  . ALA A 1 85  ? 10.221  9.571   -7.209  1.00 20.55 ? 85   ALA A CA  1 
ATOM   560  C C   . ALA A 1 85  ? 9.667   8.198   -6.759  1.00 20.75 ? 85   ALA A C   1 
ATOM   561  O O   . ALA A 1 85  ? 10.135  7.128   -7.183  1.00 20.61 ? 85   ALA A O   1 
ATOM   562  C CB  . ALA A 1 85  ? 11.053  10.200  -6.091  1.00 20.73 ? 85   ALA A CB  1 
ATOM   563  N N   . LEU A 1 86  ? 8.672   8.240   -5.891  1.00 20.29 ? 86   LEU A N   1 
ATOM   564  C CA  . LEU A 1 86  ? 7.999   7.041   -5.489  1.00 20.60 ? 86   LEU A CA  1 
ATOM   565  C C   . LEU A 1 86  ? 7.426   6.327   -6.700  1.00 20.98 ? 86   LEU A C   1 
ATOM   566  O O   . LEU A 1 86  ? 7.561   5.118   -6.841  1.00 21.06 ? 86   LEU A O   1 
ATOM   567  C CB  . LEU A 1 86  ? 6.878   7.400   -4.533  1.00 21.72 ? 86   LEU A CB  1 
ATOM   568  C CG  . LEU A 1 86  ? 6.125   6.247   -3.873  1.00 22.27 ? 86   LEU A CG  1 
ATOM   569  C CD1 . LEU A 1 86  ? 7.075   5.154   -3.382  1.00 22.40 ? 86   LEU A CD1 1 
ATOM   570  C CD2 . LEU A 1 86  ? 5.287   6.821   -2.734  1.00 22.25 ? 86   LEU A CD2 1 
ATOM   571  N N   . ARG A 1 87  ? 6.783   7.081   -7.584  1.00 21.41 ? 87   ARG A N   1 
ATOM   572  C CA  . ARG A 1 87  ? 6.226   6.500   -8.810  1.00 21.42 ? 87   ARG A CA  1 
ATOM   573  C C   . ARG A 1 87  ? 7.283   5.719   -9.598  1.00 20.80 ? 87   ARG A C   1 
ATOM   574  O O   . ARG A 1 87  ? 7.017   4.625   -10.115 1.00 19.76 ? 87   ARG A O   1 
ATOM   575  C CB  . ARG A 1 87  ? 5.622   7.597   -9.688  1.00 21.39 ? 87   ARG A CB  1 
ATOM   576  C CG  . ARG A 1 87  ? 5.080   7.093   -11.009 1.00 21.68 ? 87   ARG A CG  1 
ATOM   577  C CD  . ARG A 1 87  ? 5.473   8.035   -12.112 1.00 22.09 ? 87   ARG A CD  1 
ATOM   578  N NE  . ARG A 1 87  ? 4.957   7.635   -13.417 1.00 22.53 ? 87   ARG A NE  1 
ATOM   579  C CZ  . ARG A 1 87  ? 3.706   7.843   -13.832 1.00 22.42 ? 87   ARG A CZ  1 
ATOM   580  N NH1 . ARG A 1 87  ? 2.809   8.404   -13.037 1.00 22.24 ? 87   ARG A NH1 1 
ATOM   581  N NH2 . ARG A 1 87  ? 3.342   7.463   -15.045 1.00 22.47 ? 87   ARG A NH2 1 
ATOM   582  N N   . ASP A 1 88  ? 8.480   6.283   -9.664  1.00 20.75 ? 88   ASP A N   1 
ATOM   583  C CA  . ASP A 1 88  ? 9.553   5.692   -10.438 1.00 21.73 ? 88   ASP A CA  1 
ATOM   584  C C   . ASP A 1 88  ? 10.121  4.428   -9.816  1.00 22.11 ? 88   ASP A C   1 
ATOM   585  O O   . ASP A 1 88  ? 10.566  3.535   -10.542 1.00 21.79 ? 88   ASP A O   1 
ATOM   586  C CB  . ASP A 1 88  ? 10.667  6.705   -10.663 1.00 22.09 ? 88   ASP A CB  1 
ATOM   587  C CG  . ASP A 1 88  ? 10.340  7.673   -11.762 1.00 23.05 ? 88   ASP A CG  1 
ATOM   588  O OD1 . ASP A 1 88  ? 9.255   7.558   -12.379 1.00 23.36 ? 88   ASP A OD1 1 
ATOM   589  O OD2 . ASP A 1 88  ? 11.181  8.548   -12.022 1.00 24.72 ? 88   ASP A OD2 1 
ATOM   590  N N   . ALA A 1 89  ? 10.122  4.350   -8.487  1.00 21.60 ? 89   ALA A N   1 
ATOM   591  C CA  . ALA A 1 89  ? 10.547  3.126   -7.835  1.00 21.65 ? 89   ALA A CA  1 
ATOM   592  C C   . ALA A 1 89  ? 9.514   2.023   -8.049  1.00 22.46 ? 89   ALA A C   1 
ATOM   593  O O   . ALA A 1 89  ? 9.883   0.877   -8.305  1.00 23.52 ? 89   ALA A O   1 
ATOM   594  C CB  . ALA A 1 89  ? 10.774  3.354   -6.358  1.00 21.62 ? 89   ALA A CB  1 
ATOM   595  N N   . CYS A 1 90  ? 8.229   2.359   -7.942  1.00 22.07 ? 90   CYS A N   1 
ATOM   596  C CA  . CYS A 1 90  ? 7.178   1.378   -8.154  1.00 21.71 ? 90   CYS A CA  1 
ATOM   597  C C   . CYS A 1 90  ? 7.167   0.935   -9.595  1.00 22.87 ? 90   CYS A C   1 
ATOM   598  O O   . CYS A 1 90  ? 6.870   -0.217  -9.876  1.00 23.91 ? 90   CYS A O   1 
ATOM   599  C CB  . CYS A 1 90  ? 5.813   1.941   -7.800  1.00 21.25 ? 90   CYS A CB  1 
ATOM   600  S SG  . CYS A 1 90  ? 5.706   2.640   -6.150  1.00 20.77 ? 90   CYS A SG  1 
ATOM   601  N N   . ALA A 1 91  ? 7.494   1.830   -10.523 1.00 24.53 ? 91   ALA A N   1 
ATOM   602  C CA  . ALA A 1 91  ? 7.505   1.450   -11.951 1.00 25.78 ? 91   ALA A CA  1 
ATOM   603  C C   . ALA A 1 91  ? 8.483   0.310   -12.268 1.00 26.66 ? 91   ALA A C   1 
ATOM   604  O O   . ALA A 1 91  ? 8.317   -0.411  -13.241 1.00 25.73 ? 91   ALA A O   1 
ATOM   605  C CB  . ALA A 1 91  ? 7.800   2.648   -12.821 1.00 25.42 ? 91   ALA A CB  1 
ATOM   606  N N   . GLU A 1 92  ? 9.485   0.162   -11.412 1.00 29.83 ? 92   GLU A N   1 
ATOM   607  C CA  . GLU A 1 92  ? 10.521  -0.865  -11.509 1.00 31.50 ? 92   GLU A CA  1 
ATOM   608  C C   . GLU A 1 92  ? 10.046  -2.262  -11.024 1.00 30.31 ? 92   GLU A C   1 
ATOM   609  O O   . GLU A 1 92  ? 10.566  -3.261  -11.476 1.00 29.36 ? 92   GLU A O   1 
ATOM   610  C CB  . GLU A 1 92  ? 11.720  -0.390  -10.677 1.00 34.98 ? 92   GLU A CB  1 
ATOM   611  C CG  . GLU A 1 92  ? 13.062  -1.003  -11.027 1.00 39.57 ? 92   GLU A CG  1 
ATOM   612  C CD  . GLU A 1 92  ? 14.160  -0.640  -10.033 1.00 41.27 ? 92   GLU A CD  1 
ATOM   613  O OE1 . GLU A 1 92  ? 13.906  0.141   -9.080  1.00 40.00 ? 92   GLU A OE1 1 
ATOM   614  O OE2 . GLU A 1 92  ? 15.286  -1.164  -10.204 1.00 44.84 ? 92   GLU A OE2 1 
ATOM   615  N N   . LEU A 1 93  ? 9.066   -2.318  -10.114 1.00 29.86 ? 93   LEU A N   1 
ATOM   616  C CA  . LEU A 1 93  ? 8.509   -3.580  -9.605  1.00 28.87 ? 93   LEU A CA  1 
ATOM   617  C C   . LEU A 1 93  ? 8.005   -4.432  -10.740 1.00 29.87 ? 93   LEU A C   1 
ATOM   618  O O   . LEU A 1 93  ? 7.288   -3.938  -11.588 1.00 32.60 ? 93   LEU A O   1 
ATOM   619  C CB  . LEU A 1 93  ? 7.317   -3.307  -8.690  1.00 28.46 ? 93   LEU A CB  1 
ATOM   620  C CG  . LEU A 1 93  ? 7.571   -2.576  -7.365  1.00 28.51 ? 93   LEU A CG  1 
ATOM   621  C CD1 . LEU A 1 93  ? 6.260   -2.008  -6.815  1.00 28.03 ? 93   LEU A CD1 1 
ATOM   622  C CD2 . LEU A 1 93  ? 8.262   -3.488  -6.346  1.00 28.10 ? 93   LEU A CD2 1 
ATOM   623  N N   . SER A 1 94  ? 8.362   -5.711  -10.757 1.00 31.14 ? 94   SER A N   1 
ATOM   624  C CA  . SER A 1 94  ? 7.924   -6.633  -11.828 1.00 30.73 ? 94   SER A CA  1 
ATOM   625  C C   . SER A 1 94  ? 6.668   -7.399  -11.413 1.00 29.49 ? 94   SER A C   1 
ATOM   626  O O   . SER A 1 94  ? 5.825   -7.722  -12.247 1.00 28.91 ? 94   SER A O   1 
ATOM   627  C CB  . SER A 1 94  ? 9.042   -7.616  -12.180 1.00 31.17 ? 94   SER A CB  1 
ATOM   628  O OG  . SER A 1 94  ? 9.445   -8.353  -11.035 1.00 32.80 ? 94   SER A OG  1 
ATOM   629  N N   . ALA A 1 95  ? 6.563   -7.688  -10.117 1.00 28.55 ? 95   ALA A N   1 
ATOM   630  C CA  . ALA A 1 95  ? 5.353   -8.264  -9.529  1.00 27.30 ? 95   ALA A CA  1 
ATOM   631  C C   . ALA A 1 95  ? 4.194   -7.235  -9.433  1.00 26.76 ? 95   ALA A C   1 
ATOM   632  O O   . ALA A 1 95  ? 4.383   -6.028  -9.673  1.00 26.70 ? 95   ALA A O   1 
ATOM   633  C CB  . ALA A 1 95  ? 5.680   -8.831  -8.158  1.00 26.85 ? 95   ALA A CB  1 
ATOM   634  N N   . PRO A 1 96  ? 2.984   -7.713  -9.101  1.00 25.97 ? 96   PRO A N   1 
ATOM   635  C CA  . PRO A 1 96  ? 1.870   -6.784  -8.987  1.00 25.23 ? 96   PRO A CA  1 
ATOM   636  C C   . PRO A 1 96  ? 2.046   -5.728  -7.904  1.00 24.33 ? 96   PRO A C   1 
ATOM   637  O O   . PRO A 1 96  ? 2.703   -5.964  -6.897  1.00 23.70 ? 96   PRO A O   1 
ATOM   638  C CB  . PRO A 1 96  ? 0.681   -7.694  -8.650  1.00 25.60 ? 96   PRO A CB  1 
ATOM   639  C CG  . PRO A 1 96  ? 1.030   -9.015  -9.239  1.00 25.50 ? 96   PRO A CG  1 
ATOM   640  C CD  . PRO A 1 96  ? 2.525   -9.121  -9.122  1.00 26.39 ? 96   PRO A CD  1 
ATOM   641  N N   . LEU A 1 97  ? 1.452   -4.568  -8.165  1.00 24.08 ? 97   LEU A N   1 
ATOM   642  C CA  . LEU A 1 97  ? 1.386   -3.447  -7.260  1.00 23.06 ? 97   LEU A CA  1 
ATOM   643  C C   . LEU A 1 97  ? -0.077  -3.069  -7.157  1.00 22.90 ? 97   LEU A C   1 
ATOM   644  O O   . LEU A 1 97  ? -0.703  -2.734  -8.177  1.00 22.52 ? 97   LEU A O   1 
ATOM   645  C CB  . LEU A 1 97  ? 2.147   -2.266  -7.845  1.00 23.13 ? 97   LEU A CB  1 
ATOM   646  C CG  . LEU A 1 97  ? 1.963   -0.936  -7.108  1.00 23.55 ? 97   LEU A CG  1 
ATOM   647  C CD1 . LEU A 1 97  ? 2.707   -0.961  -5.777  1.00 23.39 ? 97   LEU A CD1 1 
ATOM   648  C CD2 . LEU A 1 97  ? 2.421   0.222   -7.981  1.00 24.18 ? 97   LEU A CD2 1 
ATOM   649  N N   . ILE A 1 98  ? -0.622  -3.128  -5.943  1.00 22.41 ? 98   ILE A N   1 
ATOM   650  C CA  . ILE A 1 98  ? -1.995  -2.710  -5.700  1.00 22.50 ? 98   ILE A CA  1 
ATOM   651  C C   . ILE A 1 98  ? -1.918  -1.428  -4.900  1.00 23.05 ? 98   ILE A C   1 
ATOM   652  O O   . ILE A 1 98  ? -1.322  -1.400  -3.833  1.00 23.15 ? 98   ILE A O   1 
ATOM   653  C CB  . ILE A 1 98  ? -2.811  -3.740  -4.889  1.00 22.72 ? 98   ILE A CB  1 
ATOM   654  C CG1 . ILE A 1 98  ? -2.602  -5.176  -5.386  1.00 22.87 ? 98   ILE A CG1 1 
ATOM   655  C CG2 . ILE A 1 98  ? -4.283  -3.399  -4.944  1.00 23.13 ? 98   ILE A CG2 1 
ATOM   656  C CD1 . ILE A 1 98  ? -2.801  -5.360  -6.873  1.00 23.40 ? 98   ILE A CD1 1 
ATOM   657  N N   . GLU A 1 99  ? -2.501  -0.363  -5.435  1.00 24.13 ? 99   GLU A N   1 
ATOM   658  C CA  . GLU A 1 99  ? -2.579  0.914   -4.746  1.00 24.94 ? 99   GLU A CA  1 
ATOM   659  C C   . GLU A 1 99  ? -3.839  0.915   -3.883  1.00 24.92 ? 99   GLU A C   1 
ATOM   660  O O   . GLU A 1 99  ? -4.924  0.558   -4.364  1.00 23.41 ? 99   GLU A O   1 
ATOM   661  C CB  . GLU A 1 99  ? -2.646  2.044   -5.763  1.00 26.75 ? 99   GLU A CB  1 
ATOM   662  C CG  . GLU A 1 99  ? -2.625  3.448   -5.179  1.00 28.69 ? 99   GLU A CG  1 
ATOM   663  C CD  . GLU A 1 99  ? -3.118  4.496   -6.167  1.00 30.76 ? 99   GLU A CD  1 
ATOM   664  O OE1 . GLU A 1 99  ? -3.294  4.182   -7.366  1.00 31.90 ? 99   GLU A OE1 1 
ATOM   665  O OE2 . GLU A 1 99  ? -3.338  5.646   -5.742  1.00 33.09 ? 99   GLU A OE2 1 
ATOM   666  N N   . VAL A 1 100 ? -3.676  1.327   -2.619  1.00 25.29 ? 100  VAL A N   1 
ATOM   667  C CA  . VAL A 1 100 ? -4.737  1.286   -1.614  1.00 24.78 ? 100  VAL A CA  1 
ATOM   668  C C   . VAL A 1 100 ? -4.900  2.637   -0.912  1.00 25.38 ? 100  VAL A C   1 
ATOM   669  O O   . VAL A 1 100 ? -3.918  3.307   -0.583  1.00 24.91 ? 100  VAL A O   1 
ATOM   670  C CB  . VAL A 1 100 ? -4.467  0.193   -0.568  1.00 24.74 ? 100  VAL A CB  1 
ATOM   671  C CG1 . VAL A 1 100 ? -5.493  0.250   0.555   1.00 25.31 ? 100  VAL A CG1 1 
ATOM   672  C CG2 . VAL A 1 100 ? -4.494  -1.176  -1.228  1.00 24.97 ? 100  VAL A CG2 1 
ATOM   673  N N   . HIS A 1 101 ? -6.163  3.026   -0.729  1.00 25.84 ? 101  HIS A N   1 
ATOM   674  C CA  . HIS A 1 101 ? -6.550  4.187   0.040   1.00 26.07 ? 101  HIS A CA  1 
ATOM   675  C C   . HIS A 1 101 ? -7.748  3.815   0.908   1.00 26.25 ? 101  HIS A C   1 
ATOM   676  O O   . HIS A 1 101 ? -8.734  3.263   0.430   1.00 26.60 ? 101  HIS A O   1 
ATOM   677  C CB  . HIS A 1 101 ? -6.896  5.340   -0.874  1.00 27.05 ? 101  HIS A CB  1 
ATOM   678  C CG  . HIS A 1 101 ? -5.750  5.788   -1.725  1.00 29.86 ? 101  HIS A CG  1 
ATOM   679  N ND1 . HIS A 1 101 ? -4.810  6.694   -1.287  1.00 32.07 ? 101  HIS A ND1 1 
ATOM   680  C CD2 . HIS A 1 101 ? -5.380  5.444   -2.983  1.00 30.96 ? 101  HIS A CD2 1 
ATOM   681  C CE1 . HIS A 1 101 ? -3.914  6.895   -2.238  1.00 31.69 ? 101  HIS A CE1 1 
ATOM   682  N NE2 . HIS A 1 101 ? -4.235  6.146   -3.277  1.00 30.57 ? 101  HIS A NE2 1 
ATOM   683  N N   . ILE A 1 102 ? -7.632  4.110   2.197   1.00 25.99 ? 102  ILE A N   1 
ATOM   684  C CA  . ILE A 1 102 ? -8.648  3.807   3.204   1.00 24.98 ? 102  ILE A CA  1 
ATOM   685  C C   . ILE A 1 102 ? -9.908  4.646   2.957   1.00 24.62 ? 102  ILE A C   1 
ATOM   686  O O   . ILE A 1 102 ? -11.040 4.144   3.051   1.00 24.46 ? 102  ILE A O   1 
ATOM   687  C CB  . ILE A 1 102 ? -8.052  4.061   4.619   1.00 24.61 ? 102  ILE A CB  1 
ATOM   688  C CG1 . ILE A 1 102 ? -6.866  3.115   4.860   1.00 24.32 ? 102  ILE A CG1 1 
ATOM   689  C CG2 . ILE A 1 102 ? -9.078  3.876   5.726   1.00 24.24 ? 102  ILE A CG2 1 
ATOM   690  C CD1 . ILE A 1 102 ? -6.218  3.260   6.218   1.00 24.33 ? 102  ILE A CD1 1 
ATOM   691  N N   . SER A 1 103 ? -9.691  5.918   2.620   1.00 24.29 ? 103  SER A N   1 
ATOM   692  C CA  . SER A 1 103 ? -10.764 6.874   2.324   1.00 23.84 ? 103  SER A CA  1 
ATOM   693  C C   . SER A 1 103 ? -11.116 6.878   0.841   1.00 23.03 ? 103  SER A C   1 
ATOM   694  O O   . SER A 1 103 ? -10.347 6.404   0.011   1.00 22.86 ? 103  SER A O   1 
ATOM   695  C CB  . SER A 1 103 ? -10.337 8.293   2.752   1.00 24.08 ? 103  SER A CB  1 
ATOM   696  O OG  . SER A 1 103 ? -9.289  8.807   1.933   1.00 24.66 ? 103  SER A OG  1 
ATOM   697  N N   . ASN A 1 104 ? -12.280 7.414   0.503   1.00 22.75 ? 104  ASN A N   1 
ATOM   698  C CA  . ASN A 1 104 ? -12.570 7.708   -0.894  1.00 23.17 ? 104  ASN A CA  1 
ATOM   699  C C   . ASN A 1 104 ? -11.977 9.069   -1.217  1.00 23.48 ? 104  ASN A C   1 
ATOM   700  O O   . ASN A 1 104 ? -12.484 10.100  -0.777  1.00 24.14 ? 104  ASN A O   1 
ATOM   701  C CB  . ASN A 1 104 ? -14.074 7.694   -1.181  1.00 22.74 ? 104  ASN A CB  1 
ATOM   702  C CG  . ASN A 1 104 ? -14.389 7.848   -2.662  1.00 22.09 ? 104  ASN A CG  1 
ATOM   703  O OD1 . ASN A 1 104 ? -13.540 8.258   -3.462  1.00 21.23 ? 104  ASN A OD1 1 
ATOM   704  N ND2 . ASN A 1 104 ? -15.617 7.523   -3.031  1.00 21.89 ? 104  ASN A ND2 1 
ATOM   705  N N   . VAL A 1 105 ? -10.896 9.060   -1.980  1.00 23.65 ? 105  VAL A N   1 
ATOM   706  C CA  . VAL A 1 105 ? -10.175 10.291  -2.321  1.00 23.85 ? 105  VAL A CA  1 
ATOM   707  C C   . VAL A 1 105 ? -10.966 11.193  -3.291  1.00 23.57 ? 105  VAL A C   1 
ATOM   708  O O   . VAL A 1 105 ? -10.720 12.415  -3.394  1.00 24.60 ? 105  VAL A O   1 
ATOM   709  C CB  . VAL A 1 105 ? -8.773  9.963   -2.891  1.00 24.48 ? 105  VAL A CB  1 
ATOM   710  C CG1 . VAL A 1 105 ? -7.901  9.290   -1.828  1.00 24.87 ? 105  VAL A CG1 1 
ATOM   711  C CG2 . VAL A 1 105 ? -8.864  9.069   -4.122  1.00 24.31 ? 105  VAL A CG2 1 
ATOM   712  N N   . HIS A 1 106 ? -11.959 10.607  -3.958  1.00 22.16 ? 106  HIS A N   1 
ATOM   713  C CA  . HIS A 1 106 ? -12.721 11.338  -4.955  1.00 20.95 ? 106  HIS A CA  1 
ATOM   714  C C   . HIS A 1 106 ? -13.864 12.081  -4.313  1.00 20.80 ? 106  HIS A C   1 
ATOM   715  O O   . HIS A 1 106 ? -14.580 12.802  -4.984  1.00 20.76 ? 106  HIS A O   1 
ATOM   716  C CB  . HIS A 1 106 ? -13.190 10.385  -6.047  1.00 20.06 ? 106  HIS A CB  1 
ATOM   717  C CG  . HIS A 1 106 ? -12.076 9.583   -6.641  1.00 19.74 ? 106  HIS A CG  1 
ATOM   718  N ND1 . HIS A 1 106 ? -11.203 10.093  -7.582  1.00 19.71 ? 106  HIS A ND1 1 
ATOM   719  C CD2 . HIS A 1 106 ? -11.665 8.315   -6.399  1.00 19.60 ? 106  HIS A CD2 1 
ATOM   720  C CE1 . HIS A 1 106 ? -10.312 9.171   -7.903  1.00 19.43 ? 106  HIS A CE1 1 
ATOM   721  N NE2 . HIS A 1 106 ? -10.570 8.084   -7.198  1.00 19.49 ? 106  HIS A NE2 1 
ATOM   722  N N   . ALA A 1 107 ? -14.009 11.914  -3.004  1.00 22.02 ? 107  ALA A N   1 
ATOM   723  C CA  . ALA A 1 107 ? -15.067 12.562  -2.228  1.00 24.30 ? 107  ALA A CA  1 
ATOM   724  C C   . ALA A 1 107 ? -14.583 13.740  -1.388  1.00 26.17 ? 107  ALA A C   1 
ATOM   725  O O   . ALA A 1 107 ? -15.368 14.317  -0.670  1.00 25.21 ? 107  ALA A O   1 
ATOM   726  C CB  . ALA A 1 107 ? -15.739 11.548  -1.313  1.00 23.86 ? 107  ALA A CB  1 
ATOM   727  N N   . ARG A 1 108 ? -13.300 14.078  -1.453  1.00 30.32 ? 108  ARG A N   1 
ATOM   728  C CA  . ARG A 1 108 ? -12.763 15.161  -0.639  1.00 33.02 ? 108  ARG A CA  1 
ATOM   729  C C   . ARG A 1 108 ? -12.270 16.258  -1.601  1.00 30.83 ? 108  ARG A C   1 
ATOM   730  O O   . ARG A 1 108 ? -12.976 16.578  -2.551  1.00 29.56 ? 108  ARG A O   1 
ATOM   731  C CB  . ARG A 1 108 ? -11.693 14.623  0.335   1.00 38.14 ? 108  ARG A CB  1 
ATOM   732  C CG  . ARG A 1 108 ? -12.243 13.795  1.500   1.00 42.53 ? 108  ARG A CG  1 
ATOM   733  C CD  . ARG A 1 108 ? -11.272 12.712  1.970   1.00 46.96 ? 108  ARG A CD  1 
ATOM   734  N NE  . ARG A 1 108 ? -10.163 13.228  2.796   1.00 53.37 ? 108  ARG A NE  1 
ATOM   735  C CZ  . ARG A 1 108 ? -9.021  12.564  3.070   1.00 59.95 ? 108  ARG A CZ  1 
ATOM   736  N NH1 . ARG A 1 108 ? -8.793  11.343  2.579   1.00 65.19 ? 108  ARG A NH1 1 
ATOM   737  N NH2 . ARG A 1 108 ? -8.079  13.121  3.834   1.00 57.94 ? 108  ARG A NH2 1 
ATOM   738  N N   . GLU A 1 109 ? -11.093 16.830  -1.365  1.00 29.62 ? 109  GLU A N   1 
ATOM   739  C CA  . GLU A 1 109 ? -10.556 17.902  -2.203  1.00 29.90 ? 109  GLU A CA  1 
ATOM   740  C C   . GLU A 1 109 ? -10.211 17.432  -3.617  1.00 30.87 ? 109  GLU A C   1 
ATOM   741  O O   . GLU A 1 109 ? -9.960  16.245  -3.843  1.00 31.06 ? 109  GLU A O   1 
ATOM   742  C CB  . GLU A 1 109 ? -9.296  18.499  -1.567  1.00 29.88 ? 109  GLU A CB  1 
ATOM   743  C CG  . GLU A 1 109 ? -9.486  19.155  -0.206  1.00 29.48 ? 109  GLU A CG  1 
ATOM   744  C CD  . GLU A 1 109 ? -9.090  18.262  0.949   1.00 29.89 ? 109  GLU A CD  1 
ATOM   745  O OE1 . GLU A 1 109 ? -9.357  17.051  0.896   1.00 29.76 ? 109  GLU A OE1 1 
ATOM   746  O OE2 . GLU A 1 109 ? -8.512  18.772  1.926   1.00 31.04 ? 109  GLU A OE2 1 
ATOM   747  N N   . GLU A 1 110 ? -10.189 18.375  -4.557  1.00 31.86 ? 110  GLU A N   1 
ATOM   748  C CA  . GLU A 1 110 ? -9.952  18.046  -5.961  1.00 33.93 ? 110  GLU A CA  1 
ATOM   749  C C   . GLU A 1 110 ? -8.554  17.533  -6.186  1.00 31.66 ? 110  GLU A C   1 
ATOM   750  O O   . GLU A 1 110 ? -8.343  16.674  -7.045  1.00 30.34 ? 110  GLU A O   1 
ATOM   751  C CB  . GLU A 1 110 ? -10.203 19.249  -6.884  1.00 38.73 ? 110  GLU A CB  1 
ATOM   752  C CG  . GLU A 1 110 ? -11.607 19.283  -7.485  1.00 45.70 ? 110  GLU A CG  1 
ATOM   753  C CD  . GLU A 1 110 ? -11.915 18.071  -8.394  1.00 52.20 ? 110  GLU A CD  1 
ATOM   754  O OE1 . GLU A 1 110 ? -11.018 17.710  -9.212  1.00 54.44 ? 110  GLU A OE1 1 
ATOM   755  O OE2 . GLU A 1 110 ? -13.036 17.472  -8.282  1.00 48.14 ? 110  GLU A OE2 1 
ATOM   756  N N   . PHE A 1 111 ? -7.601  18.062  -5.422  1.00 29.43 ? 111  PHE A N   1 
ATOM   757  C CA  . PHE A 1 111 ? -6.198  17.700  -5.595  1.00 28.26 ? 111  PHE A CA  1 
ATOM   758  C C   . PHE A 1 111 ? -5.933  16.225  -5.240  1.00 28.69 ? 111  PHE A C   1 
ATOM   759  O O   . PHE A 1 111 ? -4.959  15.606  -5.741  1.00 25.28 ? 111  PHE A O   1 
ATOM   760  C CB  . PHE A 1 111 ? -5.265  18.675  -4.828  1.00 27.87 ? 111  PHE A CB  1 
ATOM   761  C CG  . PHE A 1 111 ? -5.335  18.565  -3.331  1.00 26.81 ? 111  PHE A CG  1 
ATOM   762  C CD1 . PHE A 1 111 ? -4.605  17.593  -2.652  1.00 26.81 ? 111  PHE A CD1 1 
ATOM   763  C CD2 . PHE A 1 111 ? -6.098  19.453  -2.597  1.00 26.37 ? 111  PHE A CD2 1 
ATOM   764  C CE1 . PHE A 1 111 ? -4.666  17.490  -1.273  1.00 26.62 ? 111  PHE A CE1 1 
ATOM   765  C CE2 . PHE A 1 111 ? -6.154  19.365  -1.214  1.00 26.43 ? 111  PHE A CE2 1 
ATOM   766  C CZ  . PHE A 1 111 ? -5.442  18.379  -0.550  1.00 26.61 ? 111  PHE A CZ  1 
ATOM   767  N N   . ARG A 1 112 ? -6.817  15.666  -4.394  1.00 29.01 ? 112  ARG A N   1 
ATOM   768  C CA  . ARG A 1 112 ? -6.736  14.245  -3.996  1.00 28.24 ? 112  ARG A CA  1 
ATOM   769  C C   . ARG A 1 112 ? -7.163  13.272  -5.091  1.00 27.84 ? 112  ARG A C   1 
ATOM   770  O O   . ARG A 1 112 ? -6.967  12.078  -4.930  1.00 29.70 ? 112  ARG A O   1 
ATOM   771  C CB  . ARG A 1 112 ? -7.549  13.977  -2.725  1.00 27.89 ? 112  ARG A CB  1 
ATOM   772  C CG  . ARG A 1 112 ? -6.735  14.126  -1.454  1.00 29.26 ? 112  ARG A CG  1 
ATOM   773  C CD  . ARG A 1 112 ? -7.550  13.916  -0.184  1.00 29.95 ? 112  ARG A CD  1 
ATOM   774  N NE  . ARG A 1 112 ? -7.338  15.027  0.751   1.00 31.05 ? 112  ARG A NE  1 
ATOM   775  C CZ  . ARG A 1 112 ? -6.245  15.211  1.492   1.00 31.38 ? 112  ARG A CZ  1 
ATOM   776  N NH1 . ARG A 1 112 ? -5.233  14.353  1.452   1.00 32.60 ? 112  ARG A NH1 1 
ATOM   777  N NH2 . ARG A 1 112 ? -6.169  16.264  2.289   1.00 31.64 ? 112  ARG A NH2 1 
ATOM   778  N N   . ARG A 1 113 ? -7.714  13.779  -6.201  1.00 26.61 ? 113  ARG A N   1 
ATOM   779  C CA  . ARG A 1 113 ? -8.288  12.947  -7.258  1.00 25.10 ? 113  ARG A CA  1 
ATOM   780  C C   . ARG A 1 113 ? -7.332  12.657  -8.386  1.00 25.76 ? 113  ARG A C   1 
ATOM   781  O O   . ARG A 1 113 ? -7.734  12.059  -9.385  1.00 28.55 ? 113  ARG A O   1 
ATOM   782  C CB  . ARG A 1 113 ? -9.529  13.607  -7.811  1.00 23.94 ? 113  ARG A CB  1 
ATOM   783  C CG  . ARG A 1 113 ? -10.510 13.919  -6.702  1.00 24.34 ? 113  ARG A CG  1 
ATOM   784  C CD  . ARG A 1 113 ? -11.889 14.230  -7.229  1.00 24.24 ? 113  ARG A CD  1 
ATOM   785  N NE  . ARG A 1 113 ? -12.337 13.195  -8.143  1.00 23.65 ? 113  ARG A NE  1 
ATOM   786  C CZ  . ARG A 1 113 ? -13.443 13.272  -8.854  1.00 22.12 ? 113  ARG A CZ  1 
ATOM   787  N NH1 . ARG A 1 113 ? -14.212 14.335  -8.718  1.00 21.44 ? 113  ARG A NH1 1 
ATOM   788  N NH2 . ARG A 1 113 ? -13.770 12.279  -9.676  1.00 21.33 ? 113  ARG A NH2 1 
ATOM   789  N N   . HIS A 1 114 ? -6.076  13.076  -8.232  1.00 25.64 ? 114  HIS A N   1 
ATOM   790  C CA  . HIS A 1 114 ? -4.996  12.678  -9.132  1.00 24.95 ? 114  HIS A CA  1 
ATOM   791  C C   . HIS A 1 114 ? -3.941  11.851  -8.377  1.00 23.81 ? 114  HIS A C   1 
ATOM   792  O O   . HIS A 1 114 ? -3.600  12.173  -7.233  1.00 23.48 ? 114  HIS A O   1 
ATOM   793  C CB  . HIS A 1 114 ? -4.325  13.904  -9.733  1.00 25.90 ? 114  HIS A CB  1 
ATOM   794  C CG  . HIS A 1 114 ? -3.068  13.573  -10.466 1.00 27.85 ? 114  HIS A CG  1 
ATOM   795  N ND1 . HIS A 1 114 ? -1.835  13.541  -9.850  1.00 28.88 ? 114  HIS A ND1 1 
ATOM   796  C CD2 . HIS A 1 114 ? -2.862  13.183  -11.745 1.00 28.61 ? 114  HIS A CD2 1 
ATOM   797  C CE1 . HIS A 1 114 ? -0.917  13.179  -10.726 1.00 28.79 ? 114  HIS A CE1 1 
ATOM   798  N NE2 . HIS A 1 114 ? -1.516  12.955  -11.884 1.00 29.02 ? 114  HIS A NE2 1 
ATOM   799  N N   . SER A 1 115 ? -3.420  10.808  -9.026  1.00 22.30 ? 115  SER A N   1 
ATOM   800  C CA  . SER A 1 115 ? -2.422  9.911   -8.420  1.00 21.76 ? 115  SER A CA  1 
ATOM   801  C C   . SER A 1 115 ? -1.314  9.542   -9.403  1.00 21.94 ? 115  SER A C   1 
ATOM   802  O O   . SER A 1 115 ? -1.602  8.953   -10.453 1.00 22.00 ? 115  SER A O   1 
ATOM   803  C CB  . SER A 1 115 ? -3.081  8.612   -7.925  1.00 20.92 ? 115  SER A CB  1 
ATOM   804  O OG  . SER A 1 115 ? -2.137  7.550   -7.772  1.00 20.04 ? 115  SER A OG  1 
ATOM   805  N N   . TYR A 1 116 ? -0.060  9.824   -9.034  1.00 21.27 ? 116  TYR A N   1 
ATOM   806  C CA  . TYR A 1 116 ? 1.091   9.434   -9.854  1.00 21.05 ? 116  TYR A CA  1 
ATOM   807  C C   . TYR A 1 116 ? 1.298   7.943   -9.889  1.00 21.48 ? 116  TYR A C   1 
ATOM   808  O O   . TYR A 1 116 ? 1.999   7.455   -10.768 1.00 22.60 ? 116  TYR A O   1 
ATOM   809  C CB  . TYR A 1 116 ? 2.394   10.069  -9.366  1.00 20.86 ? 116  TYR A CB  1 
ATOM   810  C CG  . TYR A 1 116 ? 2.496   11.530  -9.691  1.00 20.63 ? 116  TYR A CG  1 
ATOM   811  C CD1 . TYR A 1 116 ? 2.656   11.953  -11.002 1.00 19.98 ? 116  TYR A CD1 1 
ATOM   812  C CD2 . TYR A 1 116 ? 2.420   12.493  -8.689  1.00 20.81 ? 116  TYR A CD2 1 
ATOM   813  C CE1 . TYR A 1 116 ? 2.735   13.295  -11.319 1.00 20.46 ? 116  TYR A CE1 1 
ATOM   814  C CE2 . TYR A 1 116 ? 2.504   13.844  -8.997  1.00 21.29 ? 116  TYR A CE2 1 
ATOM   815  C CZ  . TYR A 1 116 ? 2.653   14.241  -10.318 1.00 20.99 ? 116  TYR A CZ  1 
ATOM   816  O OH  . TYR A 1 116 ? 2.743   15.579  -10.628 1.00 20.72 ? 116  TYR A OH  1 
ATOM   817  N N   . LEU A 1 117 ? 0.716   7.217   -8.935  1.00 21.27 ? 117  LEU A N   1 
ATOM   818  C CA  . LEU A 1 117 ? 0.941   5.773   -8.833  1.00 20.85 ? 117  LEU A CA  1 
ATOM   819  C C   . LEU A 1 117 ? -0.023  4.964   -9.704  1.00 19.67 ? 117  LEU A C   1 
ATOM   820  O O   . LEU A 1 117 ? 0.388   4.036   -10.383 1.00 19.87 ? 117  LEU A O   1 
ATOM   821  C CB  . LEU A 1 117 ? 0.825   5.325   -7.374  1.00 21.59 ? 117  LEU A CB  1 
ATOM   822  C CG  . LEU A 1 117 ? 1.684   6.034   -6.316  1.00 21.80 ? 117  LEU A CG  1 
ATOM   823  C CD1 . LEU A 1 117 ? 1.360   5.462   -4.942  1.00 22.15 ? 117  LEU A CD1 1 
ATOM   824  C CD2 . LEU A 1 117 ? 3.171   5.904   -6.607  1.00 21.96 ? 117  LEU A CD2 1 
ATOM   825  N N   . SER A 1 118 ? -1.300  5.324   -9.695  1.00 18.53 ? 118  SER A N   1 
ATOM   826  C CA  . SER A 1 118 ? -2.314  4.576   -10.441 1.00 17.54 ? 118  SER A CA  1 
ATOM   827  C C   . SER A 1 118 ? -1.917  4.114   -11.840 1.00 17.36 ? 118  SER A C   1 
ATOM   828  O O   . SER A 1 118 ? -2.143  2.965   -12.166 1.00 16.90 ? 118  SER A O   1 
ATOM   829  C CB  . SER A 1 118 ? -3.609  5.371   -10.539 1.00 16.79 ? 118  SER A CB  1 
ATOM   830  O OG  . SER A 1 118 ? -4.169  5.530   -9.268  1.00 16.46 ? 118  SER A OG  1 
ATOM   831  N N   . PRO A 1 119 ? -1.337  4.998   -12.674 1.00 17.77 ? 119  PRO A N   1 
ATOM   832  C CA  . PRO A 1 119 ? -1.098  4.580   -14.056 1.00 18.14 ? 119  PRO A CA  1 
ATOM   833  C C   . PRO A 1 119 ? -0.117  3.416   -14.154 1.00 18.65 ? 119  PRO A C   1 
ATOM   834  O O   . PRO A 1 119 ? -0.301  2.519   -14.978 1.00 18.42 ? 119  PRO A O   1 
ATOM   835  C CB  . PRO A 1 119 ? -0.525  5.840   -14.704 1.00 18.21 ? 119  PRO A CB  1 
ATOM   836  C CG  . PRO A 1 119 ? -0.993  6.957   -13.838 1.00 17.90 ? 119  PRO A CG  1 
ATOM   837  C CD  . PRO A 1 119 ? -0.901  6.388   -12.465 1.00 17.90 ? 119  PRO A CD  1 
ATOM   838  N N   . ILE A 1 120 ? 0.885   3.423   -13.278 1.00 19.27 ? 120  ILE A N   1 
ATOM   839  C CA  . ILE A 1 120 ? 1.871   2.334   -13.176 1.00 19.63 ? 120  ILE A CA  1 
ATOM   840  C C   . ILE A 1 120 ? 1.488   1.213   -12.175 1.00 19.02 ? 120  ILE A C   1 
ATOM   841  O O   . ILE A 1 120 ? 2.242   0.287   -11.978 1.00 18.71 ? 120  ILE A O   1 
ATOM   842  C CB  . ILE A 1 120 ? 3.316   2.895   -12.928 1.00 20.30 ? 120  ILE A CB  1 
ATOM   843  C CG1 . ILE A 1 120 ? 3.471   3.633   -11.598 1.00 20.57 ? 120  ILE A CG1 1 
ATOM   844  C CG2 . ILE A 1 120 ? 3.676   3.904   -14.013 1.00 20.50 ? 120  ILE A CG2 1 
ATOM   845  C CD1 . ILE A 1 120 ? 3.605   2.734   -10.404 1.00 21.47 ? 120  ILE A CD1 1 
ATOM   846  N N   . ALA A 1 121 ? 0.308   1.280   -11.570 1.00 18.90 ? 121  ALA A N   1 
ATOM   847  C CA  . ALA A 1 121 ? -0.151  0.217   -10.684 1.00 18.92 ? 121  ALA A CA  1 
ATOM   848  C C   . ALA A 1 121 ? -0.903  -0.857  -11.472 1.00 19.18 ? 121  ALA A C   1 
ATOM   849  O O   . ALA A 1 121 ? -1.402  -0.594  -12.565 1.00 19.03 ? 121  ALA A O   1 
ATOM   850  C CB  . ALA A 1 121 ? -1.040  0.787   -9.588  1.00 18.85 ? 121  ALA A CB  1 
ATOM   851  N N   . THR A 1 122 ? -0.970  -2.070  -10.916 1.00 19.37 ? 122  THR A N   1 
ATOM   852  C CA  . THR A 1 122 ? -1.787  -3.114  -11.494 1.00 19.20 ? 122  THR A CA  1 
ATOM   853  C C   . THR A 1 122 ? -3.237  -2.706  -11.362 1.00 19.11 ? 122  THR A C   1 
ATOM   854  O O   . THR A 1 122 ? -4.013  -2.827  -12.309 1.00 19.50 ? 122  THR A O   1 
ATOM   855  C CB  . THR A 1 122 ? -1.561  -4.474  -10.819 1.00 19.43 ? 122  THR A CB  1 
ATOM   856  O OG1 . THR A 1 122 ? -0.190  -4.847  -10.953 1.00 19.53 ? 122  THR A OG1 1 
ATOM   857  C CG2 . THR A 1 122 ? -2.412  -5.546  -11.490 1.00 19.55 ? 122  THR A CG2 1 
ATOM   858  N N   . GLY A 1 123 ? -3.587  -2.198  -10.189 1.00 19.29 ? 123  GLY A N   1 
ATOM   859  C CA  . GLY A 1 123 ? -4.956  -1.780  -9.902  1.00 19.89 ? 123  GLY A CA  1 
ATOM   860  C C   . GLY A 1 123 ? -5.055  -0.950  -8.635  1.00 20.47 ? 123  GLY A C   1 
ATOM   861  O O   . GLY A 1 123 ? -4.055  -0.706  -7.969  1.00 21.31 ? 123  GLY A O   1 
ATOM   862  N N   . VAL A 1 124 ? -6.262  -0.513  -8.302  1.00 20.96 ? 124  VAL A N   1 
ATOM   863  C CA  . VAL A 1 124 ? -6.462  0.466   -7.236  1.00 21.31 ? 124  VAL A CA  1 
ATOM   864  C C   . VAL A 1 124 ? -7.742  0.185   -6.453  1.00 21.30 ? 124  VAL A C   1 
ATOM   865  O O   . VAL A 1 124 ? -8.773  -0.138  -7.036  1.00 21.16 ? 124  VAL A O   1 
ATOM   866  C CB  . VAL A 1 124 ? -6.569  1.915   -7.790  1.00 21.44 ? 124  VAL A CB  1 
ATOM   867  C CG1 . VAL A 1 124 ? -6.484  2.938   -6.650  1.00 21.52 ? 124  VAL A CG1 1 
ATOM   868  C CG2 . VAL A 1 124 ? -5.493  2.189   -8.838  1.00 21.22 ? 124  VAL A CG2 1 
ATOM   869  N N   . ILE A 1 125 ? -7.661  0.347   -5.135  1.00 20.89 ? 125  ILE A N   1 
ATOM   870  C CA  . ILE A 1 125 ? -8.812  0.211   -4.247  1.00 20.44 ? 125  ILE A CA  1 
ATOM   871  C C   . ILE A 1 125 ? -8.872  1.443   -3.357  1.00 19.69 ? 125  ILE A C   1 
ATOM   872  O O   . ILE A 1 125 ? -7.904  1.739   -2.674  1.00 18.81 ? 125  ILE A O   1 
ATOM   873  C CB  . ILE A 1 125 ? -8.709  -1.068  -3.366  1.00 20.56 ? 125  ILE A CB  1 
ATOM   874  C CG1 . ILE A 1 125 ? -8.476  -2.303  -4.241  1.00 20.86 ? 125  ILE A CG1 1 
ATOM   875  C CG2 . ILE A 1 125 ? -9.968  -1.277  -2.533  1.00 20.18 ? 125  ILE A CG2 1 
ATOM   876  C CD1 . ILE A 1 125 ? -8.503  -3.607  -3.475  1.00 21.00 ? 125  ILE A CD1 1 
ATOM   877  N N   . VAL A 1 126 ? -10.001 2.156   -3.376  1.00 19.64 ? 126  VAL A N   1 
ATOM   878  C CA  . VAL A 1 126 ? -10.206 3.323   -2.509  1.00 19.28 ? 126  VAL A CA  1 
ATOM   879  C C   . VAL A 1 126 ? -11.561 3.264   -1.808  1.00 19.04 ? 126  VAL A C   1 
ATOM   880  O O   . VAL A 1 126 ? -12.527 2.783   -2.376  1.00 18.54 ? 126  VAL A O   1 
ATOM   881  C CB  . VAL A 1 126 ? -10.061 4.670   -3.288  1.00 19.52 ? 126  VAL A CB  1 
ATOM   882  C CG1 . VAL A 1 126 ? -8.962  4.581   -4.326  1.00 19.54 ? 126  VAL A CG1 1 
ATOM   883  C CG2 . VAL A 1 126 ? -11.347 5.094   -3.970  1.00 19.97 ? 126  VAL A CG2 1 
ATOM   884  N N   . GLY A 1 127 ? -11.623 3.752   -0.573  1.00 19.59 ? 127  GLY A N   1 
ATOM   885  C CA  . GLY A 1 127 ? -12.899 3.952   0.131   1.00 20.52 ? 127  GLY A CA  1 
ATOM   886  C C   . GLY A 1 127 ? -13.551 2.755   0.808   1.00 21.16 ? 127  GLY A C   1 
ATOM   887  O O   . GLY A 1 127 ? -14.686 2.840   1.265   1.00 20.85 ? 127  GLY A O   1 
ATOM   888  N N   . LEU A 1 128 ? -12.836 1.642   0.875   1.00 22.92 ? 128  LEU A N   1 
ATOM   889  C CA  . LEU A 1 128 ? -13.341 0.437   1.521   1.00 24.20 ? 128  LEU A CA  1 
ATOM   890  C C   . LEU A 1 128 ? -12.668 0.223   2.876   1.00 26.35 ? 128  LEU A C   1 
ATOM   891  O O   . LEU A 1 128 ? -12.681 -0.899  3.413   1.00 27.25 ? 128  LEU A O   1 
ATOM   892  C CB  . LEU A 1 128 ? -13.131 -0.775  0.606   1.00 23.44 ? 128  LEU A CB  1 
ATOM   893  C CG  . LEU A 1 128 ? -13.791 -0.636  -0.774  1.00 22.56 ? 128  LEU A CG  1 
ATOM   894  C CD1 . LEU A 1 128 ? -13.715 -1.962  -1.522  1.00 21.84 ? 128  LEU A CD1 1 
ATOM   895  C CD2 . LEU A 1 128 ? -15.236 -0.136  -0.676  1.00 22.05 ? 128  LEU A CD2 1 
ATOM   896  N N   . GLY A 1 129 ? -12.094 1.305   3.416   1.00 27.90 ? 129  GLY A N   1 
ATOM   897  C CA  . GLY A 1 129 ? -11.428 1.296   4.712   1.00 29.02 ? 129  GLY A CA  1 
ATOM   898  C C   . GLY A 1 129 ? -10.307 0.286   4.772   1.00 31.11 ? 129  GLY A C   1 
ATOM   899  O O   . GLY A 1 129 ? -9.867  -0.226  3.750   1.00 31.47 ? 129  GLY A O   1 
ATOM   900  N N   . ILE A 1 130 ? -9.878  -0.034  5.985   1.00 34.32 ? 130  ILE A N   1 
ATOM   901  C CA  . ILE A 1 130 ? -8.884  -1.088  6.207   1.00 36.00 ? 130  ILE A CA  1 
ATOM   902  C C   . ILE A 1 130 ? -9.130  -2.426  5.484   1.00 35.69 ? 130  ILE A C   1 
ATOM   903  O O   . ILE A 1 130 ? -8.189  -3.209  5.330   1.00 35.66 ? 130  ILE A O   1 
ATOM   904  C CB  . ILE A 1 130 ? -8.661  -1.376  7.719   1.00 38.98 ? 130  ILE A CB  1 
ATOM   905  C CG1 . ILE A 1 130 ? -9.985  -1.659  8.457   1.00 40.97 ? 130  ILE A CG1 1 
ATOM   906  C CG2 . ILE A 1 130 ? -7.896  -0.227  8.372   1.00 39.58 ? 130  ILE A CG2 1 
ATOM   907  C CD1 . ILE A 1 130 ? -10.490 -3.090  8.334   1.00 42.03 ? 130  ILE A CD1 1 
ATOM   908  N N   . GLN A 1 131 ? -10.357 -2.712  5.046   1.00 35.60 ? 131  GLN A N   1 
ATOM   909  C CA  . GLN A 1 131 ? -10.594 -3.969  4.345   1.00 36.07 ? 131  GLN A CA  1 
ATOM   910  C C   . GLN A 1 131 ? -10.006 -3.944  2.926   1.00 31.63 ? 131  GLN A C   1 
ATOM   911  O O   . GLN A 1 131 ? -9.718  -4.990  2.344   1.00 30.98 ? 131  GLN A O   1 
ATOM   912  C CB  . GLN A 1 131 ? -12.072 -4.378  4.334   1.00 40.24 ? 131  GLN A CB  1 
ATOM   913  C CG  . GLN A 1 131 ? -12.235 -5.763  3.707   1.00 46.38 ? 131  GLN A CG  1 
ATOM   914  C CD  . GLN A 1 131 ? -13.599 -6.386  3.876   1.00 50.72 ? 131  GLN A CD  1 
ATOM   915  O OE1 . GLN A 1 131 ? -14.494 -5.805  4.489   1.00 56.93 ? 131  GLN A OE1 1 
ATOM   916  N NE2 . GLN A 1 131 ? -13.771 -7.581  3.308   1.00 51.52 ? 131  GLN A NE2 1 
ATOM   917  N N   . GLY A 1 132 ? -9.797  -2.755  2.383   1.00 28.00 ? 132  GLY A N   1 
ATOM   918  C CA  . GLY A 1 132 ? -9.082  -2.624  1.120   1.00 26.08 ? 132  GLY A CA  1 
ATOM   919  C C   . GLY A 1 132 ? -7.781  -3.399  1.089   1.00 23.99 ? 132  GLY A C   1 
ATOM   920  O O   . GLY A 1 132 ? -7.465  -4.034  0.094   1.00 23.97 ? 132  GLY A O   1 
ATOM   921  N N   . TYR A 1 133 ? -7.030  -3.353  2.183   1.00 22.59 ? 133  TYR A N   1 
ATOM   922  C CA  . TYR A 1 133 ? -5.791  -4.132  2.320   1.00 21.83 ? 133  TYR A CA  1 
ATOM   923  C C   . TYR A 1 133 ? -6.019  -5.650  2.212   1.00 22.28 ? 133  TYR A C   1 
ATOM   924  O O   . TYR A 1 133 ? -5.263  -6.365  1.536   1.00 22.01 ? 133  TYR A O   1 
ATOM   925  C CB  . TYR A 1 133 ? -5.119  -3.828  3.658   1.00 21.20 ? 133  TYR A CB  1 
ATOM   926  C CG  . TYR A 1 133 ? -4.518  -2.425  3.830   1.00 21.12 ? 133  TYR A CG  1 
ATOM   927  C CD1 . TYR A 1 133 ? -3.217  -2.137  3.404   1.00 20.75 ? 133  TYR A CD1 1 
ATOM   928  C CD2 . TYR A 1 133 ? -5.232  -1.409  4.469   1.00 20.40 ? 133  TYR A CD2 1 
ATOM   929  C CE1 . TYR A 1 133 ? -2.662  -0.883  3.580   1.00 20.30 ? 133  TYR A CE1 1 
ATOM   930  C CE2 . TYR A 1 133 ? -4.682  -0.152  4.648   1.00 20.13 ? 133  TYR A CE2 1 
ATOM   931  C CZ  . TYR A 1 133 ? -3.398  0.106   4.202   1.00 20.56 ? 133  TYR A CZ  1 
ATOM   932  O OH  . TYR A 1 133 ? -2.855  1.366   4.385   1.00 21.05 ? 133  TYR A OH  1 
ATOM   933  N N   . LEU A 1 134 ? -7.065  -6.128  2.887   1.00 22.90 ? 134  LEU A N   1 
ATOM   934  C CA  . LEU A 1 134 ? -7.435  -7.547  2.889   1.00 23.16 ? 134  LEU A CA  1 
ATOM   935  C C   . LEU A 1 134 ? -7.936  -8.017  1.513   1.00 23.59 ? 134  LEU A C   1 
ATOM   936  O O   . LEU A 1 134 ? -7.637  -9.133  1.078   1.00 23.93 ? 134  LEU A O   1 
ATOM   937  C CB  . LEU A 1 134 ? -8.499  -7.818  3.966   1.00 23.44 ? 134  LEU A CB  1 
ATOM   938  C CG  . LEU A 1 134 ? -8.195  -7.366  5.415   1.00 23.65 ? 134  LEU A CG  1 
ATOM   939  C CD1 . LEU A 1 134 ? -9.167  -7.981  6.404   1.00 23.64 ? 134  LEU A CD1 1 
ATOM   940  C CD2 . LEU A 1 134 ? -6.783  -7.699  5.854   1.00 23.42 ? 134  LEU A CD2 1 
ATOM   941  N N   . LEU A 1 135 ? -8.698  -7.167  0.831   1.00 24.02 ? 135  LEU A N   1 
ATOM   942  C CA  . LEU A 1 135 ? -9.156  -7.465  -0.526  1.00 24.30 ? 135  LEU A CA  1 
ATOM   943  C C   . LEU A 1 135 ? -7.977  -7.550  -1.496  1.00 25.16 ? 135  LEU A C   1 
ATOM   944  O O   . LEU A 1 135 ? -7.878  -8.489  -2.308  1.00 24.95 ? 135  LEU A O   1 
ATOM   945  C CB  . LEU A 1 135 ? -10.133 -6.397  -1.004  1.00 24.55 ? 135  LEU A CB  1 
ATOM   946  C CG  . LEU A 1 135 ? -11.419 -6.238  -0.194  1.00 24.67 ? 135  LEU A CG  1 
ATOM   947  C CD1 . LEU A 1 135 ? -12.318 -5.207  -0.864  1.00 24.21 ? 135  LEU A CD1 1 
ATOM   948  C CD2 . LEU A 1 135 ? -12.130 -7.577  -0.021  1.00 24.85 ? 135  LEU A CD2 1 
ATOM   949  N N   . ALA A 1 136 ? -7.088  -6.565  -1.406  1.00 25.31 ? 136  ALA A N   1 
ATOM   950  C CA  . ALA A 1 136 ? -5.815  -6.613  -2.124  1.00 25.96 ? 136  ALA A CA  1 
ATOM   951  C C   . ALA A 1 136 ? -5.014  -7.929  -1.858  1.00 26.11 ? 136  ALA A C   1 
ATOM   952  O O   . ALA A 1 136 ? -4.437  -8.512  -2.782  1.00 23.94 ? 136  ALA A O   1 
ATOM   953  C CB  . ALA A 1 136 ? -4.983  -5.370  -1.796  1.00 25.45 ? 136  ALA A CB  1 
ATOM   954  N N   . LEU A 1 137 ? -4.982  -8.406  -0.618  1.00 27.62 ? 137  LEU A N   1 
ATOM   955  C CA  . LEU A 1 137 ? -4.303  -9.677  -0.344  1.00 30.03 ? 137  LEU A CA  1 
ATOM   956  C C   . LEU A 1 137 ? -4.954  -10.788 -1.132  1.00 32.75 ? 137  LEU A C   1 
ATOM   957  O O   . LEU A 1 137 ? -4.269  -11.618 -1.754  1.00 32.40 ? 137  LEU A O   1 
ATOM   958  C CB  . LEU A 1 137 ? -4.366  -10.064 1.133   1.00 30.69 ? 137  LEU A CB  1 
ATOM   959  C CG  . LEU A 1 137 ? -3.369  -9.448  2.108   1.00 31.35 ? 137  LEU A CG  1 
ATOM   960  C CD1 . LEU A 1 137 ? -3.722  -9.878  3.529   1.00 31.93 ? 137  LEU A CD1 1 
ATOM   961  C CD2 . LEU A 1 137 ? -1.949  -9.851  1.749   1.00 31.64 ? 137  LEU A CD2 1 
ATOM   962  N N   . ARG A 1 138 ? -6.286  -10.812 -1.089  1.00 35.39 ? 138  ARG A N   1 
ATOM   963  C CA  . ARG A 1 138 ? -7.036  -11.875 -1.726  1.00 36.97 ? 138  ARG A CA  1 
ATOM   964  C C   . ARG A 1 138 ? -6.844  -11.891 -3.239  1.00 36.05 ? 138  ARG A C   1 
ATOM   965  O O   . ARG A 1 138 ? -6.911  -12.950 -3.849  1.00 38.28 ? 138  ARG A O   1 
ATOM   966  C CB  . ARG A 1 138 ? -8.513  -11.769 -1.383  1.00 40.42 ? 138  ARG A CB  1 
ATOM   967  C CG  . ARG A 1 138 ? -9.340  -12.949 -1.909  1.00 43.67 ? 138  ARG A CG  1 
ATOM   968  C CD  . ARG A 1 138 ? -10.662 -13.044 -1.168  1.00 45.19 ? 138  ARG A CD  1 
ATOM   969  N NE  . ARG A 1 138 ? -10.399 -13.183 0.262   1.00 45.98 ? 138  ARG A NE  1 
ATOM   970  C CZ  . ARG A 1 138 ? -10.514 -14.313 0.953   1.00 46.57 ? 138  ARG A CZ  1 
ATOM   971  N NH1 . ARG A 1 138 ? -10.946 -15.429 0.378   1.00 46.63 ? 138  ARG A NH1 1 
ATOM   972  N NH2 . ARG A 1 138 ? -10.218 -14.314 2.247   1.00 47.83 ? 138  ARG A NH2 1 
ATOM   973  N N   . TYR A 1 139 ? -6.607  -10.726 -3.841  1.00 33.84 ? 139  TYR A N   1 
ATOM   974  C CA  . TYR A 1 139 ? -6.255  -10.655 -5.260  1.00 30.94 ? 139  TYR A CA  1 
ATOM   975  C C   . TYR A 1 139 ? -4.964  -11.406 -5.541  1.00 30.87 ? 139  TYR A C   1 
ATOM   976  O O   . TYR A 1 139 ? -4.920  -12.302 -6.391  1.00 31.19 ? 139  TYR A O   1 
ATOM   977  C CB  . TYR A 1 139 ? -6.076  -9.209  -5.708  1.00 29.04 ? 139  TYR A CB  1 
ATOM   978  C CG  . TYR A 1 139 ? -5.699  -9.117  -7.155  1.00 28.13 ? 139  TYR A CG  1 
ATOM   979  C CD1 . TYR A 1 139 ? -6.673  -9.193  -8.147  1.00 28.44 ? 139  TYR A CD1 1 
ATOM   980  C CD2 . TYR A 1 139 ? -4.368  -9.001  -7.544  1.00 27.83 ? 139  TYR A CD2 1 
ATOM   981  C CE1 . TYR A 1 139 ? -6.339  -9.127  -9.490  1.00 28.10 ? 139  TYR A CE1 1 
ATOM   982  C CE2 . TYR A 1 139 ? -4.018  -8.930  -8.881  1.00 27.92 ? 139  TYR A CE2 1 
ATOM   983  C CZ  . TYR A 1 139 ? -5.010  -8.995  -9.851  1.00 28.15 ? 139  TYR A CZ  1 
ATOM   984  O OH  . TYR A 1 139 ? -4.680  -8.928  -11.180 1.00 27.69 ? 139  TYR A OH  1 
ATOM   985  N N   . LEU A 1 140 ? -3.919  -11.020 -4.814  1.00 31.31 ? 140  LEU A N   1 
ATOM   986  C CA  . LEU A 1 140 ? -2.560  -11.539 -5.012  1.00 31.47 ? 140  LEU A CA  1 
ATOM   987  C C   . LEU A 1 140 ? -2.479  -13.031 -4.703  1.00 32.35 ? 140  LEU A C   1 
ATOM   988  O O   . LEU A 1 140 ? -1.675  -13.742 -5.287  1.00 33.41 ? 140  LEU A O   1 
ATOM   989  C CB  . LEU A 1 140 ? -1.555  -10.769 -4.145  1.00 30.73 ? 140  LEU A CB  1 
ATOM   990  C CG  . LEU A 1 140 ? -1.483  -9.242  -4.320  1.00 29.62 ? 140  LEU A CG  1 
ATOM   991  C CD1 . LEU A 1 140 ? -0.889  -8.533  -3.105  1.00 28.42 ? 140  LEU A CD1 1 
ATOM   992  C CD2 . LEU A 1 140 ? -0.686  -8.942  -5.577  1.00 30.23 ? 140  LEU A CD2 1 
ATOM   993  N N   . ALA A 1 141 ? -3.330  -13.505 -3.799  1.00 33.12 ? 141  ALA A N   1 
ATOM   994  C CA  . ALA A 1 141 ? -3.523  -14.945 -3.614  1.00 33.66 ? 141  ALA A CA  1 
ATOM   995  C C   . ALA A 1 141 ? -3.968  -15.698 -4.881  1.00 35.01 ? 141  ALA A C   1 
ATOM   996  O O   . ALA A 1 141 ? -3.710  -16.892 -4.980  1.00 36.47 ? 141  ALA A O   1 
ATOM   997  C CB  . ALA A 1 141 ? -4.525  -15.195 -2.494  1.00 33.53 ? 141  ALA A CB  1 
ATOM   998  N N   . GLU A 1 142 ? -4.625  -15.023 -5.833  1.00 37.84 ? 142  GLU A N   1 
ATOM   999  C CA  . GLU A 1 142 ? -5.219  -15.683 -7.019  1.00 39.49 ? 142  GLU A CA  1 
ATOM   1000 C C   . GLU A 1 142 ? -4.713  -15.074 -8.328  1.00 37.91 ? 142  GLU A C   1 
ATOM   1001 O O   . GLU A 1 142 ? -3.505  -15.043 -8.573  1.00 35.90 ? 142  GLU A O   1 
ATOM   1002 C CB  . GLU A 1 142 ? -6.755  -15.634 -6.945  1.00 41.40 ? 142  GLU A CB  1 
ATOM   1003 C CG  . GLU A 1 142 ? -7.280  -15.505 -5.504  1.00 45.64 ? 142  GLU A CG  1 
ATOM   1004 C CD  . GLU A 1 142 ? -8.522  -16.339 -5.134  1.00 49.50 ? 142  GLU A CD  1 
ATOM   1005 O OE1 . GLU A 1 142 ? -8.958  -17.222 -5.912  1.00 52.67 ? 142  GLU A OE1 1 
ATOM   1006 O OE2 . GLU A 1 142 ? -9.065  -16.108 -4.022  1.00 49.40 ? 142  GLU A OE2 1 
HETATM 1007 C CAK . W4N B 2 .   ? -6.319  9.111   5.752   1.00 44.00 ? 1143 W4N A CAK 1 
HETATM 1008 C CAI . W4N B 2 .   ? -6.967  7.999   6.291   1.00 42.38 ? 1143 W4N A CAI 1 
HETATM 1009 C CAH . W4N B 2 .   ? -6.344  7.258   7.294   1.00 42.33 ? 1143 W4N A CAH 1 
HETATM 1010 C CAJ . W4N B 2 .   ? -5.080  7.623   7.766   1.00 42.12 ? 1143 W4N A CAJ 1 
HETATM 1011 C CAL . W4N B 2 .   ? -4.435  8.736   7.230   1.00 43.17 ? 1143 W4N A CAL 1 
HETATM 1012 C CAQ . W4N B 2 .   ? -5.050  9.487   6.218   1.00 42.92 ? 1143 W4N A CAQ 1 
HETATM 1013 C CAM . W4N B 2 .   ? -4.406  10.609  5.683   1.00 40.97 ? 1143 W4N A CAM 1 
HETATM 1014 C CAR . W4N B 2 .   ? -3.348  10.177  4.668   1.00 40.05 ? 1143 W4N A CAR 1 
HETATM 1015 O OAC . W4N B 2 .   ? -2.343  11.210  4.546   1.00 42.56 ? 1143 W4N A OAC 1 
HETATM 1016 C CAP . W4N B 2 .   ? -3.976  9.866   3.446   1.00 36.50 ? 1143 W4N A CAP 1 
HETATM 1017 C CAG . W4N B 2 .   ? -4.276  8.521   3.219   1.00 34.07 ? 1143 W4N A CAG 1 
HETATM 1018 C CAU . W4N B 2 .   ? -4.914  8.020   2.082   1.00 32.73 ? 1143 W4N A CAU 1 
HETATM 1019 C CAO . W4N B 2 .   ? -5.888  7.100   2.512   1.00 30.91 ? 1143 W4N A CAO 1 
HETATM 1020 O OAB . W4N B 2 .   ? -7.094  7.423   2.463   1.00 29.49 ? 1143 W4N A OAB 1 
HETATM 1021 O OAA . W4N B 2 .   ? -5.474  6.012   2.948   1.00 29.14 ? 1143 W4N A OAA 1 
HETATM 1022 O OAF . W4N B 2 .   ? -3.958  7.322   1.289   1.00 31.80 ? 1143 W4N A OAF 1 
HETATM 1023 C CAN . W4N B 2 .   ? -5.557  9.101   1.239   1.00 34.31 ? 1143 W4N A CAN 1 
HETATM 1024 C CAS . W4N B 2 .   ? -4.567  10.265  1.131   1.00 35.52 ? 1143 W4N A CAS 1 
HETATM 1025 O OAD . W4N B 2 .   ? -5.121  11.317  0.292   1.00 33.84 ? 1143 W4N A OAD 1 
HETATM 1026 C CAT . W4N B 2 .   ? -4.318  10.862  2.515   1.00 36.27 ? 1143 W4N A CAT 1 
HETATM 1027 O OAE . W4N B 2 .   ? -3.265  11.817  2.359   1.00 36.72 ? 1143 W4N A OAE 1 
HETATM 1028 S S   . SO4 C 3 .   ? 14.522  11.590  5.633   0.33 65.57 ? 1144 SO4 A S   1 
HETATM 1029 O O1  . SO4 C 3 .   ? 15.124  11.461  4.286   0.33 65.53 ? 1144 SO4 A O1  1 
HETATM 1030 O O2  . SO4 C 3 .   ? 14.315  13.026  5.934   0.33 65.53 ? 1144 SO4 A O2  1 
HETATM 1031 O O3  . SO4 C 3 .   ? 15.417  10.985  6.646   0.33 62.13 ? 1144 SO4 A O3  1 
HETATM 1032 O O4  . SO4 C 3 .   ? 13.210  10.901  5.643   0.33 64.76 ? 1144 SO4 A O4  1 
HETATM 1033 S S   . SO4 D 3 .   ? 0.130   10.868  -13.962 1.00 69.30 ? 1145 SO4 A S   1 
HETATM 1034 O O1  . SO4 D 3 .   ? 0.071   12.307  -14.338 1.00 73.04 ? 1145 SO4 A O1  1 
HETATM 1035 O O2  . SO4 D 3 .   ? -0.562  10.710  -12.666 1.00 75.02 ? 1145 SO4 A O2  1 
HETATM 1036 O O3  . SO4 D 3 .   ? 1.538   10.421  -13.856 1.00 76.45 ? 1145 SO4 A O3  1 
HETATM 1037 O O4  . SO4 D 3 .   ? -0.499  10.018  -14.996 1.00 76.13 ? 1145 SO4 A O4  1 
HETATM 1038 O O   . HOH E 4 .   ? -0.421  0.995   16.224  1.00 24.01 ? 2001 HOH A O   1 
HETATM 1039 O O   . HOH E 4 .   ? 8.180   -6.575  -7.821  1.00 17.36 ? 2002 HOH A O   1 
HETATM 1040 O O   . HOH E 4 .   ? -1.624  4.837   -2.279  1.00 32.30 ? 2003 HOH A O   1 
HETATM 1041 O O   . HOH E 4 .   ? 2.737   14.772  -0.085  1.00 7.23  ? 2004 HOH A O   1 
HETATM 1042 O O   . HOH E 4 .   ? 6.838   -2.865  -13.844 1.00 13.79 ? 2005 HOH A O   1 
HETATM 1043 O O   . HOH E 4 .   ? -12.885 -2.080  6.242   1.00 16.95 ? 2006 HOH A O   1 
# 
loop_
_pdbx_poly_seq_scheme.asym_id 
_pdbx_poly_seq_scheme.entity_id 
_pdbx_poly_seq_scheme.seq_id 
_pdbx_poly_seq_scheme.mon_id 
_pdbx_poly_seq_scheme.ndb_seq_num 
_pdbx_poly_seq_scheme.pdb_seq_num 
_pdbx_poly_seq_scheme.auth_seq_num 
_pdbx_poly_seq_scheme.pdb_mon_id 
_pdbx_poly_seq_scheme.auth_mon_id 
_pdbx_poly_seq_scheme.pdb_strand_id 
_pdbx_poly_seq_scheme.pdb_ins_code 
_pdbx_poly_seq_scheme.hetero 
A 1 1   SER 1   1   ?   ?   ?   A . n 
A 1 2   GLU 2   2   ?   ?   ?   A . n 
A 1 3   LEU 3   3   3   LEU LEU A . n 
A 1 4   ILE 4   4   4   ILE ILE A . n 
A 1 5   VAL 5   5   5   VAL VAL A . n 
A 1 6   ASN 6   6   6   ASN ASN A . n 
A 1 7   VAL 7   7   7   VAL VAL A . n 
A 1 8   ILE 8   8   8   ILE ILE A . n 
A 1 9   ASN 9   9   9   ASN ASN A . n 
A 1 10  GLY 10  10  10  GLY GLY A . n 
A 1 11  PRO 11  11  11  PRO PRO A . n 
A 1 12  ASN 12  12  12  ASN ASN A . n 
A 1 13  LEU 13  13  13  LEU LEU A . n 
A 1 14  GLY 14  14  14  GLY GLY A . n 
A 1 15  ARG 15  15  15  ARG ARG A . n 
A 1 16  LEU 16  16  16  LEU LEU A . n 
A 1 17  GLY 17  17  17  GLY GLY A . n 
A 1 18  ARG 18  18  18  ARG ARG A . n 
A 1 19  ARG 19  19  ?   ?   ?   A . n 
A 1 20  GLU 20  20  ?   ?   ?   A . n 
A 1 21  PRO 21  21  ?   ?   ?   A . n 
A 1 22  ALA 22  22  ?   ?   ?   A . n 
A 1 23  VAL 23  23  ?   ?   ?   A . n 
A 1 24  TYR 24  24  ?   ?   ?   A . n 
A 1 25  GLY 25  25  ?   ?   ?   A . n 
A 1 26  GLY 26  26  26  GLY GLY A . n 
A 1 27  THR 27  27  27  THR THR A . n 
A 1 28  THR 28  28  28  THR THR A . n 
A 1 29  HIS 29  29  29  HIS HIS A . n 
A 1 30  ASP 30  30  30  ASP ASP A . n 
A 1 31  GLU 31  31  31  GLU GLU A . n 
A 1 32  LEU 32  32  32  LEU LEU A . n 
A 1 33  VAL 33  33  33  VAL VAL A . n 
A 1 34  ALA 34  34  34  ALA ALA A . n 
A 1 35  LEU 35  35  35  LEU LEU A . n 
A 1 36  ILE 36  36  36  ILE ILE A . n 
A 1 37  GLU 37  37  37  GLU GLU A . n 
A 1 38  ARG 38  38  38  ARG ARG A . n 
A 1 39  GLU 39  39  39  GLU GLU A . n 
A 1 40  ALA 40  40  40  ALA ALA A . n 
A 1 41  ALA 41  41  41  ALA ALA A . n 
A 1 42  GLU 42  42  42  GLU GLU A . n 
A 1 43  LEU 43  43  43  LEU LEU A . n 
A 1 44  GLY 44  44  44  GLY GLY A . n 
A 1 45  LEU 45  45  45  LEU LEU A . n 
A 1 46  LYS 46  46  46  LYS LYS A . n 
A 1 47  ALA 47  47  47  ALA ALA A . n 
A 1 48  VAL 48  48  48  VAL VAL A . n 
A 1 49  VAL 49  49  49  VAL VAL A . n 
A 1 50  ARG 50  50  50  ARG ARG A . n 
A 1 51  GLN 51  51  51  GLN GLN A . n 
A 1 52  SER 52  52  52  SER SER A . n 
A 1 53  ASP 53  53  53  ASP ASP A . n 
A 1 54  SER 54  54  54  SER SER A . n 
A 1 55  GLU 55  55  55  GLU GLU A . n 
A 1 56  ALA 56  56  56  ALA ALA A . n 
A 1 57  GLN 57  57  57  GLN GLN A . n 
A 1 58  LEU 58  58  58  LEU LEU A . n 
A 1 59  LEU 59  59  59  LEU LEU A . n 
A 1 60  ASP 60  60  60  ASP ASP A . n 
A 1 61  TRP 61  61  61  TRP TRP A . n 
A 1 62  ILE 62  62  62  ILE ILE A . n 
A 1 63  HIS 63  63  63  HIS HIS A . n 
A 1 64  GLN 64  64  64  GLN GLN A . n 
A 1 65  ALA 65  65  65  ALA ALA A . n 
A 1 66  ALA 66  66  66  ALA ALA A . n 
A 1 67  ASP 67  67  67  ASP ASP A . n 
A 1 68  ALA 68  68  68  ALA ALA A . n 
A 1 69  ALA 69  69  69  ALA ALA A . n 
A 1 70  GLU 70  70  70  GLU GLU A . n 
A 1 71  PRO 71  71  71  PRO PRO A . n 
A 1 72  VAL 72  72  72  VAL VAL A . n 
A 1 73  ILE 73  73  73  ILE ILE A . n 
A 1 74  LEU 74  74  74  LEU LEU A . n 
A 1 75  ASN 75  75  75  ASN ASN A . n 
A 1 76  ALA 76  76  76  ALA ALA A . n 
A 1 77  GLY 77  77  77  GLY GLY A . n 
A 1 78  GLY 78  78  78  GLY GLY A . n 
A 1 79  LEU 79  79  79  LEU LEU A . n 
A 1 80  THR 80  80  80  THR THR A . n 
A 1 81  HIS 81  81  81  HIS HIS A . n 
A 1 82  THR 82  82  82  THR THR A . n 
A 1 83  SER 83  83  83  SER SER A . n 
A 1 84  VAL 84  84  84  VAL VAL A . n 
A 1 85  ALA 85  85  85  ALA ALA A . n 
A 1 86  LEU 86  86  86  LEU LEU A . n 
A 1 87  ARG 87  87  87  ARG ARG A . n 
A 1 88  ASP 88  88  88  ASP ASP A . n 
A 1 89  ALA 89  89  89  ALA ALA A . n 
A 1 90  CYS 90  90  90  CYS CYS A . n 
A 1 91  ALA 91  91  91  ALA ALA A . n 
A 1 92  GLU 92  92  92  GLU GLU A . n 
A 1 93  LEU 93  93  93  LEU LEU A . n 
A 1 94  SER 94  94  94  SER SER A . n 
A 1 95  ALA 95  95  95  ALA ALA A . n 
A 1 96  PRO 96  96  96  PRO PRO A . n 
A 1 97  LEU 97  97  97  LEU LEU A . n 
A 1 98  ILE 98  98  98  ILE ILE A . n 
A 1 99  GLU 99  99  99  GLU GLU A . n 
A 1 100 VAL 100 100 100 VAL VAL A . n 
A 1 101 HIS 101 101 101 HIS HIS A . n 
A 1 102 ILE 102 102 102 ILE ILE A . n 
A 1 103 SER 103 103 103 SER SER A . n 
A 1 104 ASN 104 104 104 ASN ASN A . n 
A 1 105 VAL 105 105 105 VAL VAL A . n 
A 1 106 HIS 106 106 106 HIS HIS A . n 
A 1 107 ALA 107 107 107 ALA ALA A . n 
A 1 108 ARG 108 108 108 ARG ARG A . n 
A 1 109 GLU 109 109 109 GLU GLU A . n 
A 1 110 GLU 110 110 110 GLU GLU A . n 
A 1 111 PHE 111 111 111 PHE PHE A . n 
A 1 112 ARG 112 112 112 ARG ARG A . n 
A 1 113 ARG 113 113 113 ARG ARG A . n 
A 1 114 HIS 114 114 114 HIS HIS A . n 
A 1 115 SER 115 115 115 SER SER A . n 
A 1 116 TYR 116 116 116 TYR TYR A . n 
A 1 117 LEU 117 117 117 LEU LEU A . n 
A 1 118 SER 118 118 118 SER SER A . n 
A 1 119 PRO 119 119 119 PRO PRO A . n 
A 1 120 ILE 120 120 120 ILE ILE A . n 
A 1 121 ALA 121 121 121 ALA ALA A . n 
A 1 122 THR 122 122 122 THR THR A . n 
A 1 123 GLY 123 123 123 GLY GLY A . n 
A 1 124 VAL 124 124 124 VAL VAL A . n 
A 1 125 ILE 125 125 125 ILE ILE A . n 
A 1 126 VAL 126 126 126 VAL VAL A . n 
A 1 127 GLY 127 127 127 GLY GLY A . n 
A 1 128 LEU 128 128 128 LEU LEU A . n 
A 1 129 GLY 129 129 129 GLY GLY A . n 
A 1 130 ILE 130 130 130 ILE ILE A . n 
A 1 131 GLN 131 131 131 GLN GLN A . n 
A 1 132 GLY 132 132 132 GLY GLY A . n 
A 1 133 TYR 133 133 133 TYR TYR A . n 
A 1 134 LEU 134 134 134 LEU LEU A . n 
A 1 135 LEU 135 135 135 LEU LEU A . n 
A 1 136 ALA 136 136 136 ALA ALA A . n 
A 1 137 LEU 137 137 137 LEU LEU A . n 
A 1 138 ARG 138 138 138 ARG ARG A . n 
A 1 139 TYR 139 139 139 TYR TYR A . n 
A 1 140 LEU 140 140 140 LEU LEU A . n 
A 1 141 ALA 141 141 141 ALA ALA A . n 
A 1 142 GLU 142 142 142 GLU GLU A . n 
A 1 143 HIS 143 143 ?   ?   ?   A . n 
A 1 144 VAL 144 144 ?   ?   ?   A . n 
A 1 145 GLY 145 145 ?   ?   ?   A . n 
A 1 146 THR 146 146 ?   ?   ?   A . n 
# 
loop_
_pdbx_nonpoly_scheme.asym_id 
_pdbx_nonpoly_scheme.entity_id 
_pdbx_nonpoly_scheme.mon_id 
_pdbx_nonpoly_scheme.ndb_seq_num 
_pdbx_nonpoly_scheme.pdb_seq_num 
_pdbx_nonpoly_scheme.auth_seq_num 
_pdbx_nonpoly_scheme.pdb_mon_id 
_pdbx_nonpoly_scheme.auth_mon_id 
_pdbx_nonpoly_scheme.pdb_strand_id 
_pdbx_nonpoly_scheme.pdb_ins_code 
B 2 W4N 1 1143 1143 W4N W4N A . 
C 3 SO4 1 1144 1144 SO4 SO4 A . 
D 3 SO4 1 1145 1145 SO4 SO4 A . 
E 4 HOH 1 2001 2001 HOH HOH A . 
E 4 HOH 2 2002 2002 HOH HOH A . 
E 4 HOH 3 2003 2003 HOH HOH A . 
E 4 HOH 4 2004 2004 HOH HOH A . 
E 4 HOH 5 2005 2005 HOH HOH A . 
E 4 HOH 6 2006 2006 HOH HOH A . 
# 
_pdbx_struct_assembly.id                   1 
_pdbx_struct_assembly.details              author_and_software_defined_assembly 
_pdbx_struct_assembly.method_details       PISA 
_pdbx_struct_assembly.oligomeric_details   dodecameric 
_pdbx_struct_assembly.oligomeric_count     12 
# 
_pdbx_struct_assembly_gen.assembly_id       1 
_pdbx_struct_assembly_gen.oper_expression   1,2,3,4,5,6,7,8,9,10,11,12 
_pdbx_struct_assembly_gen.asym_id_list      A,B,C,D,E 
# 
loop_
_pdbx_struct_assembly_prop.biol_id 
_pdbx_struct_assembly_prop.type 
_pdbx_struct_assembly_prop.value 
_pdbx_struct_assembly_prop.details 
1 'ABSA (A^2)' 39970  ? 
1 MORE         -522.7 ? 
1 'SSA (A^2)'  50280  ? 
# 
loop_
_pdbx_struct_oper_list.id 
_pdbx_struct_oper_list.type 
_pdbx_struct_oper_list.name 
_pdbx_struct_oper_list.symmetry_operation 
_pdbx_struct_oper_list.matrix[1][1] 
_pdbx_struct_oper_list.matrix[1][2] 
_pdbx_struct_oper_list.matrix[1][3] 
_pdbx_struct_oper_list.vector[1] 
_pdbx_struct_oper_list.matrix[2][1] 
_pdbx_struct_oper_list.matrix[2][2] 
_pdbx_struct_oper_list.matrix[2][3] 
_pdbx_struct_oper_list.vector[2] 
_pdbx_struct_oper_list.matrix[3][1] 
_pdbx_struct_oper_list.matrix[3][2] 
_pdbx_struct_oper_list.matrix[3][3] 
_pdbx_struct_oper_list.vector[3] 
1  'identity operation'         1_555  x,y,z           1.0000000000  0.0000000000  0.0000000000  0.0000000000   0.0000000000  1.0000000000  0.0000000000  0.0000000000  0.0000000000  0.0000000000  1.0000000000  0.0000000000   
2  'crystal symmetry operation' 16_544 x,-y-1/2,-z-1/2 -0.9666031640 0.2316952947  -0.1095244893 -20.9778964667 0.2316952947  0.6074190262  -0.7598417053 -2.1886261394 -0.1095244893 -0.7598417053 -0.6408158622 -11.0266640335 
3  'crystal symmetry operation' 30_554 z+1/2,-x,-y-1/2 0.0490358347  -0.9624014017 0.2671685404  23.4587018770  0.2218902832  -0.2503092322 -0.9423958778 16.5784363098 0.9738378659  0.1054932716  0.2012733975  -10.8644237858 
4  'crystal symmetry operation' 27_554 -x+1/2,y,-z-1/2 0.8805444816  -0.3949350926 -0.2620452032 4.6343979995   -0.3949350926 -0.9170592725 0.0550323843  47.9289294662 -0.2620452032 0.0550323843  -0.9634852091 -38.9765753782 
5  'crystal symmetry operation' 47_545 y+1/2,-z-1/2,-x 0.3532540859  0.5411904835  0.7631018355  -4.3339145185  0.8779160791  0.0900538507  -0.4702697757 20.7319957272 -0.3232257861 0.8360640912  -0.4433079366 -50.0710386013 
6  'crystal symmetry operation' 10_555 -y,z,-x         -0.2996435673 -0.1692598940 -0.9389168338 -21.3433733615 -0.7762253493 0.6154400353  0.1367763501  7.3035757234  0.5546962589  0.7697952008  -0.3157964680 -40.2320655693 
7  'crystal symmetry operation' 20_544 -z,x-1/2,-y-1/2 0.3532540859  0.8779160791  -0.3232257861 -32.8542302009 0.5411904835  0.0900538507  0.8360640912  42.3410746280 0.7631018355  -0.4702697757 -0.4433079366 -9.1400397015  
8  'crystal symmetry operation' 38_545 -x+1/2,-y-1/2,z -0.9139413176 0.1632397979  0.3715696924  -10.0837232857 0.1632397979  -0.6903597537 0.7048093210  57.6141132330 0.3715696924  0.7048093210  0.6043010713  -22.9758358487 
9  'crystal symmetry operation' 33_554 y+1/2,z,x-1/2   -0.1026463533 -0.5938208728 -0.7980228676 -6.5012101908  0.8607106719  -0.4551846539 0.2280001540  47.4462982687 -0.4986390132 -0.6634634142 0.5578310072  5.7812865249   
10 'crystal symmetry operation' 24_544 -y,-z-1/2,x-1/2 0.0490358347  0.2218902832  0.9738378659  5.7512763179   -0.9624014017 -0.2503092322 0.1054932716  27.8725468404 0.2671685404  -0.9423958778 0.2012733975  11.5427423853  
11 'crystal symmetry operation' 41_545 z+1/2,x-1/2,y   -0.1026463533 0.8607106719  -0.4986390132 -38.6220857709 -0.5938208728 -0.4551846539 -0.6634634142 21.5719446410 -0.7980228676 0.2280001540  0.5578310072  -19.2308585960 
12 'crystal symmetry operation' 7_555  -z,-x,y         -0.2996435673 -0.7762253493 0.5546962589  21.5903923419  -0.1692598940 0.6154400353  0.7697952008  22.8629609810 -0.9389168338 0.1367763501  -0.3157964680 -33.7437531771   
# 
loop_
_pdbx_struct_special_symmetry.id 
_pdbx_struct_special_symmetry.PDB_model_num 
_pdbx_struct_special_symmetry.auth_asym_id 
_pdbx_struct_special_symmetry.auth_comp_id 
_pdbx_struct_special_symmetry.auth_seq_id 
_pdbx_struct_special_symmetry.PDB_ins_code 
_pdbx_struct_special_symmetry.label_asym_id 
_pdbx_struct_special_symmetry.label_comp_id 
_pdbx_struct_special_symmetry.label_seq_id 
1 1 A SO4 1144 ? C SO4 . 
2 1 A SO4 1144 ? C SO4 . 
# 
loop_
_pdbx_audit_revision_history.ordinal 
_pdbx_audit_revision_history.data_content_type 
_pdbx_audit_revision_history.major_revision 
_pdbx_audit_revision_history.minor_revision 
_pdbx_audit_revision_history.revision_date 
1 'Structure model' 1 0 2014-04-16 
2 'Structure model' 1 1 2014-05-07 
3 'Structure model' 1 2 2018-01-24 
4 'Structure model' 1 3 2023-12-20 
# 
_pdbx_audit_revision_details.ordinal             1 
_pdbx_audit_revision_details.revision_ordinal    1 
_pdbx_audit_revision_details.data_content_type   'Structure model' 
_pdbx_audit_revision_details.provider            repository 
_pdbx_audit_revision_details.type                'Initial release' 
_pdbx_audit_revision_details.description         ? 
_pdbx_audit_revision_details.details             ? 
# 
loop_
_pdbx_audit_revision_group.ordinal 
_pdbx_audit_revision_group.revision_ordinal 
_pdbx_audit_revision_group.data_content_type 
_pdbx_audit_revision_group.group 
1 2 'Structure model' 'Database references'    
2 3 'Structure model' 'Database references'    
3 4 'Structure model' 'Data collection'        
4 4 'Structure model' 'Database references'    
5 4 'Structure model' 'Derived calculations'   
6 4 'Structure model' Other                    
7 4 'Structure model' 'Refinement description' 
# 
loop_
_pdbx_audit_revision_category.ordinal 
_pdbx_audit_revision_category.revision_ordinal 
_pdbx_audit_revision_category.data_content_type 
_pdbx_audit_revision_category.category 
1 3 'Structure model' citation                      
2 3 'Structure model' citation_author               
3 4 'Structure model' chem_comp_atom                
4 4 'Structure model' chem_comp_bond                
5 4 'Structure model' database_2                    
6 4 'Structure model' pdbx_database_status          
7 4 'Structure model' pdbx_initial_refinement_model 
8 4 'Structure model' struct_site                   
# 
loop_
_pdbx_audit_revision_item.ordinal 
_pdbx_audit_revision_item.revision_ordinal 
_pdbx_audit_revision_item.data_content_type 
_pdbx_audit_revision_item.item 
1  3 'Structure model' '_citation.journal_abbrev'             
2  3 'Structure model' '_citation.journal_id_ISSN'            
3  3 'Structure model' '_citation.page_last'                  
4  3 'Structure model' '_citation.pdbx_database_id_DOI'       
5  3 'Structure model' '_citation.title'                      
6  3 'Structure model' '_citation_author.name'                
7  4 'Structure model' '_database_2.pdbx_DOI'                 
8  4 'Structure model' '_database_2.pdbx_database_accession'  
9  4 'Structure model' '_pdbx_database_status.status_code_sf' 
10 4 'Structure model' '_struct_site.pdbx_auth_asym_id'       
11 4 'Structure model' '_struct_site.pdbx_auth_comp_id'       
12 4 'Structure model' '_struct_site.pdbx_auth_seq_id'        
# 
loop_
_software.name 
_software.classification 
_software.version 
_software.citation_id 
_software.pdbx_ordinal 
REFMAC refinement       5.7.0029 ? 1 
XDS    'data reduction' .        ? 2 
SCALE  'data scaling'   .        ? 3 
MOLREP phasing          .        ? 4 
# 
loop_
_pdbx_validate_torsion.id 
_pdbx_validate_torsion.PDB_model_num 
_pdbx_validate_torsion.auth_comp_id 
_pdbx_validate_torsion.auth_asym_id 
_pdbx_validate_torsion.auth_seq_id 
_pdbx_validate_torsion.PDB_ins_code 
_pdbx_validate_torsion.label_alt_id 
_pdbx_validate_torsion.phi 
_pdbx_validate_torsion.psi 
1 1 ASN A 12  ? ? 80.61   -4.85   
2 1 LEU A 16  ? ? -37.22  130.24  
3 1 THR A 82  ? ? -131.25 -31.50  
4 1 ARG A 108 ? ? -116.72 -135.98 
5 1 ILE A 130 ? ? -47.97  -19.62  
# 
loop_
_pdbx_unobs_or_zero_occ_residues.id 
_pdbx_unobs_or_zero_occ_residues.PDB_model_num 
_pdbx_unobs_or_zero_occ_residues.polymer_flag 
_pdbx_unobs_or_zero_occ_residues.occupancy_flag 
_pdbx_unobs_or_zero_occ_residues.auth_asym_id 
_pdbx_unobs_or_zero_occ_residues.auth_comp_id 
_pdbx_unobs_or_zero_occ_residues.auth_seq_id 
_pdbx_unobs_or_zero_occ_residues.PDB_ins_code 
_pdbx_unobs_or_zero_occ_residues.label_asym_id 
_pdbx_unobs_or_zero_occ_residues.label_comp_id 
_pdbx_unobs_or_zero_occ_residues.label_seq_id 
1  1 Y 1 A SER 1   ? A SER 1   
2  1 Y 1 A GLU 2   ? A GLU 2   
3  1 Y 1 A ARG 19  ? A ARG 19  
4  1 Y 1 A GLU 20  ? A GLU 20  
5  1 Y 1 A PRO 21  ? A PRO 21  
6  1 Y 1 A ALA 22  ? A ALA 22  
7  1 Y 1 A VAL 23  ? A VAL 23  
8  1 Y 1 A TYR 24  ? A TYR 24  
9  1 Y 1 A GLY 25  ? A GLY 25  
10 1 Y 1 A HIS 143 ? A HIS 143 
11 1 Y 1 A VAL 144 ? A VAL 144 
12 1 Y 1 A GLY 145 ? A GLY 145 
13 1 Y 1 A THR 146 ? A THR 146 
# 
loop_
_chem_comp_atom.comp_id 
_chem_comp_atom.atom_id 
_chem_comp_atom.type_symbol 
_chem_comp_atom.pdbx_aromatic_flag 
_chem_comp_atom.pdbx_stereo_config 
_chem_comp_atom.pdbx_ordinal 
ALA N    N N N 1   
ALA CA   C N S 2   
ALA C    C N N 3   
ALA O    O N N 4   
ALA CB   C N N 5   
ALA OXT  O N N 6   
ALA H    H N N 7   
ALA H2   H N N 8   
ALA HA   H N N 9   
ALA HB1  H N N 10  
ALA HB2  H N N 11  
ALA HB3  H N N 12  
ALA HXT  H N N 13  
ARG N    N N N 14  
ARG CA   C N S 15  
ARG C    C N N 16  
ARG O    O N N 17  
ARG CB   C N N 18  
ARG CG   C N N 19  
ARG CD   C N N 20  
ARG NE   N N N 21  
ARG CZ   C N N 22  
ARG NH1  N N N 23  
ARG NH2  N N N 24  
ARG OXT  O N N 25  
ARG H    H N N 26  
ARG H2   H N N 27  
ARG HA   H N N 28  
ARG HB2  H N N 29  
ARG HB3  H N N 30  
ARG HG2  H N N 31  
ARG HG3  H N N 32  
ARG HD2  H N N 33  
ARG HD3  H N N 34  
ARG HE   H N N 35  
ARG HH11 H N N 36  
ARG HH12 H N N 37  
ARG HH21 H N N 38  
ARG HH22 H N N 39  
ARG HXT  H N N 40  
ASN N    N N N 41  
ASN CA   C N S 42  
ASN C    C N N 43  
ASN O    O N N 44  
ASN CB   C N N 45  
ASN CG   C N N 46  
ASN OD1  O N N 47  
ASN ND2  N N N 48  
ASN OXT  O N N 49  
ASN H    H N N 50  
ASN H2   H N N 51  
ASN HA   H N N 52  
ASN HB2  H N N 53  
ASN HB3  H N N 54  
ASN HD21 H N N 55  
ASN HD22 H N N 56  
ASN HXT  H N N 57  
ASP N    N N N 58  
ASP CA   C N S 59  
ASP C    C N N 60  
ASP O    O N N 61  
ASP CB   C N N 62  
ASP CG   C N N 63  
ASP OD1  O N N 64  
ASP OD2  O N N 65  
ASP OXT  O N N 66  
ASP H    H N N 67  
ASP H2   H N N 68  
ASP HA   H N N 69  
ASP HB2  H N N 70  
ASP HB3  H N N 71  
ASP HD2  H N N 72  
ASP HXT  H N N 73  
CYS N    N N N 74  
CYS CA   C N R 75  
CYS C    C N N 76  
CYS O    O N N 77  
CYS CB   C N N 78  
CYS SG   S N N 79  
CYS OXT  O N N 80  
CYS H    H N N 81  
CYS H2   H N N 82  
CYS HA   H N N 83  
CYS HB2  H N N 84  
CYS HB3  H N N 85  
CYS HG   H N N 86  
CYS HXT  H N N 87  
GLN N    N N N 88  
GLN CA   C N S 89  
GLN C    C N N 90  
GLN O    O N N 91  
GLN CB   C N N 92  
GLN CG   C N N 93  
GLN CD   C N N 94  
GLN OE1  O N N 95  
GLN NE2  N N N 96  
GLN OXT  O N N 97  
GLN H    H N N 98  
GLN H2   H N N 99  
GLN HA   H N N 100 
GLN HB2  H N N 101 
GLN HB3  H N N 102 
GLN HG2  H N N 103 
GLN HG3  H N N 104 
GLN HE21 H N N 105 
GLN HE22 H N N 106 
GLN HXT  H N N 107 
GLU N    N N N 108 
GLU CA   C N S 109 
GLU C    C N N 110 
GLU O    O N N 111 
GLU CB   C N N 112 
GLU CG   C N N 113 
GLU CD   C N N 114 
GLU OE1  O N N 115 
GLU OE2  O N N 116 
GLU OXT  O N N 117 
GLU H    H N N 118 
GLU H2   H N N 119 
GLU HA   H N N 120 
GLU HB2  H N N 121 
GLU HB3  H N N 122 
GLU HG2  H N N 123 
GLU HG3  H N N 124 
GLU HE2  H N N 125 
GLU HXT  H N N 126 
GLY N    N N N 127 
GLY CA   C N N 128 
GLY C    C N N 129 
GLY O    O N N 130 
GLY OXT  O N N 131 
GLY H    H N N 132 
GLY H2   H N N 133 
GLY HA2  H N N 134 
GLY HA3  H N N 135 
GLY HXT  H N N 136 
HIS N    N N N 137 
HIS CA   C N S 138 
HIS C    C N N 139 
HIS O    O N N 140 
HIS CB   C N N 141 
HIS CG   C Y N 142 
HIS ND1  N Y N 143 
HIS CD2  C Y N 144 
HIS CE1  C Y N 145 
HIS NE2  N Y N 146 
HIS OXT  O N N 147 
HIS H    H N N 148 
HIS H2   H N N 149 
HIS HA   H N N 150 
HIS HB2  H N N 151 
HIS HB3  H N N 152 
HIS HD1  H N N 153 
HIS HD2  H N N 154 
HIS HE1  H N N 155 
HIS HE2  H N N 156 
HIS HXT  H N N 157 
HOH O    O N N 158 
HOH H1   H N N 159 
HOH H2   H N N 160 
ILE N    N N N 161 
ILE CA   C N S 162 
ILE C    C N N 163 
ILE O    O N N 164 
ILE CB   C N S 165 
ILE CG1  C N N 166 
ILE CG2  C N N 167 
ILE CD1  C N N 168 
ILE OXT  O N N 169 
ILE H    H N N 170 
ILE H2   H N N 171 
ILE HA   H N N 172 
ILE HB   H N N 173 
ILE HG12 H N N 174 
ILE HG13 H N N 175 
ILE HG21 H N N 176 
ILE HG22 H N N 177 
ILE HG23 H N N 178 
ILE HD11 H N N 179 
ILE HD12 H N N 180 
ILE HD13 H N N 181 
ILE HXT  H N N 182 
LEU N    N N N 183 
LEU CA   C N S 184 
LEU C    C N N 185 
LEU O    O N N 186 
LEU CB   C N N 187 
LEU CG   C N N 188 
LEU CD1  C N N 189 
LEU CD2  C N N 190 
LEU OXT  O N N 191 
LEU H    H N N 192 
LEU H2   H N N 193 
LEU HA   H N N 194 
LEU HB2  H N N 195 
LEU HB3  H N N 196 
LEU HG   H N N 197 
LEU HD11 H N N 198 
LEU HD12 H N N 199 
LEU HD13 H N N 200 
LEU HD21 H N N 201 
LEU HD22 H N N 202 
LEU HD23 H N N 203 
LEU HXT  H N N 204 
LYS N    N N N 205 
LYS CA   C N S 206 
LYS C    C N N 207 
LYS O    O N N 208 
LYS CB   C N N 209 
LYS CG   C N N 210 
LYS CD   C N N 211 
LYS CE   C N N 212 
LYS NZ   N N N 213 
LYS OXT  O N N 214 
LYS H    H N N 215 
LYS H2   H N N 216 
LYS HA   H N N 217 
LYS HB2  H N N 218 
LYS HB3  H N N 219 
LYS HG2  H N N 220 
LYS HG3  H N N 221 
LYS HD2  H N N 222 
LYS HD3  H N N 223 
LYS HE2  H N N 224 
LYS HE3  H N N 225 
LYS HZ1  H N N 226 
LYS HZ2  H N N 227 
LYS HZ3  H N N 228 
LYS HXT  H N N 229 
PHE N    N N N 230 
PHE CA   C N S 231 
PHE C    C N N 232 
PHE O    O N N 233 
PHE CB   C N N 234 
PHE CG   C Y N 235 
PHE CD1  C Y N 236 
PHE CD2  C Y N 237 
PHE CE1  C Y N 238 
PHE CE2  C Y N 239 
PHE CZ   C Y N 240 
PHE OXT  O N N 241 
PHE H    H N N 242 
PHE H2   H N N 243 
PHE HA   H N N 244 
PHE HB2  H N N 245 
PHE HB3  H N N 246 
PHE HD1  H N N 247 
PHE HD2  H N N 248 
PHE HE1  H N N 249 
PHE HE2  H N N 250 
PHE HZ   H N N 251 
PHE HXT  H N N 252 
PRO N    N N N 253 
PRO CA   C N S 254 
PRO C    C N N 255 
PRO O    O N N 256 
PRO CB   C N N 257 
PRO CG   C N N 258 
PRO CD   C N N 259 
PRO OXT  O N N 260 
PRO H    H N N 261 
PRO HA   H N N 262 
PRO HB2  H N N 263 
PRO HB3  H N N 264 
PRO HG2  H N N 265 
PRO HG3  H N N 266 
PRO HD2  H N N 267 
PRO HD3  H N N 268 
PRO HXT  H N N 269 
SER N    N N N 270 
SER CA   C N S 271 
SER C    C N N 272 
SER O    O N N 273 
SER CB   C N N 274 
SER OG   O N N 275 
SER OXT  O N N 276 
SER H    H N N 277 
SER H2   H N N 278 
SER HA   H N N 279 
SER HB2  H N N 280 
SER HB3  H N N 281 
SER HG   H N N 282 
SER HXT  H N N 283 
SO4 S    S N N 284 
SO4 O1   O N N 285 
SO4 O2   O N N 286 
SO4 O3   O N N 287 
SO4 O4   O N N 288 
THR N    N N N 289 
THR CA   C N S 290 
THR C    C N N 291 
THR O    O N N 292 
THR CB   C N R 293 
THR OG1  O N N 294 
THR CG2  C N N 295 
THR OXT  O N N 296 
THR H    H N N 297 
THR H2   H N N 298 
THR HA   H N N 299 
THR HB   H N N 300 
THR HG1  H N N 301 
THR HG21 H N N 302 
THR HG22 H N N 303 
THR HG23 H N N 304 
THR HXT  H N N 305 
TRP N    N N N 306 
TRP CA   C N S 307 
TRP C    C N N 308 
TRP O    O N N 309 
TRP CB   C N N 310 
TRP CG   C Y N 311 
TRP CD1  C Y N 312 
TRP CD2  C Y N 313 
TRP NE1  N Y N 314 
TRP CE2  C Y N 315 
TRP CE3  C Y N 316 
TRP CZ2  C Y N 317 
TRP CZ3  C Y N 318 
TRP CH2  C Y N 319 
TRP OXT  O N N 320 
TRP H    H N N 321 
TRP H2   H N N 322 
TRP HA   H N N 323 
TRP HB2  H N N 324 
TRP HB3  H N N 325 
TRP HD1  H N N 326 
TRP HE1  H N N 327 
TRP HE3  H N N 328 
TRP HZ2  H N N 329 
TRP HZ3  H N N 330 
TRP HH2  H N N 331 
TRP HXT  H N N 332 
TYR N    N N N 333 
TYR CA   C N S 334 
TYR C    C N N 335 
TYR O    O N N 336 
TYR CB   C N N 337 
TYR CG   C Y N 338 
TYR CD1  C Y N 339 
TYR CD2  C Y N 340 
TYR CE1  C Y N 341 
TYR CE2  C Y N 342 
TYR CZ   C Y N 343 
TYR OH   O N N 344 
TYR OXT  O N N 345 
TYR H    H N N 346 
TYR H2   H N N 347 
TYR HA   H N N 348 
TYR HB2  H N N 349 
TYR HB3  H N N 350 
TYR HD1  H N N 351 
TYR HD2  H N N 352 
TYR HE1  H N N 353 
TYR HE2  H N N 354 
TYR HH   H N N 355 
TYR HXT  H N N 356 
VAL N    N N N 357 
VAL CA   C N S 358 
VAL C    C N N 359 
VAL O    O N N 360 
VAL CB   C N N 361 
VAL CG1  C N N 362 
VAL CG2  C N N 363 
VAL OXT  O N N 364 
VAL H    H N N 365 
VAL H2   H N N 366 
VAL HA   H N N 367 
VAL HB   H N N 368 
VAL HG11 H N N 369 
VAL HG12 H N N 370 
VAL HG13 H N N 371 
VAL HG21 H N N 372 
VAL HG22 H N N 373 
VAL HG23 H N N 374 
VAL HXT  H N N 375 
W4N CAK  C Y N 376 
W4N CAI  C Y N 377 
W4N CAH  C Y N 378 
W4N CAJ  C Y N 379 
W4N CAL  C Y N 380 
W4N CAQ  C Y N 381 
W4N CAM  C N N 382 
W4N CAR  C N S 383 
W4N OAC  O N N 384 
W4N CAP  C N N 385 
W4N CAG  C N N 386 
W4N CAU  C N R 387 
W4N CAO  C N N 388 
W4N OAB  O N N 389 
W4N OAA  O N N 390 
W4N OAF  O N N 391 
W4N CAN  C N N 392 
W4N CAS  C N R 393 
W4N OAD  O N N 394 
W4N CAT  C N R 395 
W4N OAE  O N N 396 
W4N HAK  H N N 397 
W4N HAI  H N N 398 
W4N HAH  H N N 399 
W4N HAJ  H N N 400 
W4N HAL  H N N 401 
W4N HAM1 H N N 402 
W4N HAM2 H N N 403 
W4N HAR  H N N 404 
W4N HAC  H N N 405 
W4N HAG  H N N 406 
W4N HAT  H N N 407 
W4N HAF  H N N 408 
W4N HAN1 H N N 409 
W4N HAN2 H N N 410 
W4N HAB  H N N 411 
W4N HAS  H N N 412 
W4N HAD  H N N 413 
W4N HAE  H N N 414 
# 
loop_
_chem_comp_bond.comp_id 
_chem_comp_bond.atom_id_1 
_chem_comp_bond.atom_id_2 
_chem_comp_bond.value_order 
_chem_comp_bond.pdbx_aromatic_flag 
_chem_comp_bond.pdbx_stereo_config 
_chem_comp_bond.pdbx_ordinal 
ALA N   CA   sing N N 1   
ALA N   H    sing N N 2   
ALA N   H2   sing N N 3   
ALA CA  C    sing N N 4   
ALA CA  CB   sing N N 5   
ALA CA  HA   sing N N 6   
ALA C   O    doub N N 7   
ALA C   OXT  sing N N 8   
ALA CB  HB1  sing N N 9   
ALA CB  HB2  sing N N 10  
ALA CB  HB3  sing N N 11  
ALA OXT HXT  sing N N 12  
ARG N   CA   sing N N 13  
ARG N   H    sing N N 14  
ARG N   H2   sing N N 15  
ARG CA  C    sing N N 16  
ARG CA  CB   sing N N 17  
ARG CA  HA   sing N N 18  
ARG C   O    doub N N 19  
ARG C   OXT  sing N N 20  
ARG CB  CG   sing N N 21  
ARG CB  HB2  sing N N 22  
ARG CB  HB3  sing N N 23  
ARG CG  CD   sing N N 24  
ARG CG  HG2  sing N N 25  
ARG CG  HG3  sing N N 26  
ARG CD  NE   sing N N 27  
ARG CD  HD2  sing N N 28  
ARG CD  HD3  sing N N 29  
ARG NE  CZ   sing N N 30  
ARG NE  HE   sing N N 31  
ARG CZ  NH1  sing N N 32  
ARG CZ  NH2  doub N N 33  
ARG NH1 HH11 sing N N 34  
ARG NH1 HH12 sing N N 35  
ARG NH2 HH21 sing N N 36  
ARG NH2 HH22 sing N N 37  
ARG OXT HXT  sing N N 38  
ASN N   CA   sing N N 39  
ASN N   H    sing N N 40  
ASN N   H2   sing N N 41  
ASN CA  C    sing N N 42  
ASN CA  CB   sing N N 43  
ASN CA  HA   sing N N 44  
ASN C   O    doub N N 45  
ASN C   OXT  sing N N 46  
ASN CB  CG   sing N N 47  
ASN CB  HB2  sing N N 48  
ASN CB  HB3  sing N N 49  
ASN CG  OD1  doub N N 50  
ASN CG  ND2  sing N N 51  
ASN ND2 HD21 sing N N 52  
ASN ND2 HD22 sing N N 53  
ASN OXT HXT  sing N N 54  
ASP N   CA   sing N N 55  
ASP N   H    sing N N 56  
ASP N   H2   sing N N 57  
ASP CA  C    sing N N 58  
ASP CA  CB   sing N N 59  
ASP CA  HA   sing N N 60  
ASP C   O    doub N N 61  
ASP C   OXT  sing N N 62  
ASP CB  CG   sing N N 63  
ASP CB  HB2  sing N N 64  
ASP CB  HB3  sing N N 65  
ASP CG  OD1  doub N N 66  
ASP CG  OD2  sing N N 67  
ASP OD2 HD2  sing N N 68  
ASP OXT HXT  sing N N 69  
CYS N   CA   sing N N 70  
CYS N   H    sing N N 71  
CYS N   H2   sing N N 72  
CYS CA  C    sing N N 73  
CYS CA  CB   sing N N 74  
CYS CA  HA   sing N N 75  
CYS C   O    doub N N 76  
CYS C   OXT  sing N N 77  
CYS CB  SG   sing N N 78  
CYS CB  HB2  sing N N 79  
CYS CB  HB3  sing N N 80  
CYS SG  HG   sing N N 81  
CYS OXT HXT  sing N N 82  
GLN N   CA   sing N N 83  
GLN N   H    sing N N 84  
GLN N   H2   sing N N 85  
GLN CA  C    sing N N 86  
GLN CA  CB   sing N N 87  
GLN CA  HA   sing N N 88  
GLN C   O    doub N N 89  
GLN C   OXT  sing N N 90  
GLN CB  CG   sing N N 91  
GLN CB  HB2  sing N N 92  
GLN CB  HB3  sing N N 93  
GLN CG  CD   sing N N 94  
GLN CG  HG2  sing N N 95  
GLN CG  HG3  sing N N 96  
GLN CD  OE1  doub N N 97  
GLN CD  NE2  sing N N 98  
GLN NE2 HE21 sing N N 99  
GLN NE2 HE22 sing N N 100 
GLN OXT HXT  sing N N 101 
GLU N   CA   sing N N 102 
GLU N   H    sing N N 103 
GLU N   H2   sing N N 104 
GLU CA  C    sing N N 105 
GLU CA  CB   sing N N 106 
GLU CA  HA   sing N N 107 
GLU C   O    doub N N 108 
GLU C   OXT  sing N N 109 
GLU CB  CG   sing N N 110 
GLU CB  HB2  sing N N 111 
GLU CB  HB3  sing N N 112 
GLU CG  CD   sing N N 113 
GLU CG  HG2  sing N N 114 
GLU CG  HG3  sing N N 115 
GLU CD  OE1  doub N N 116 
GLU CD  OE2  sing N N 117 
GLU OE2 HE2  sing N N 118 
GLU OXT HXT  sing N N 119 
GLY N   CA   sing N N 120 
GLY N   H    sing N N 121 
GLY N   H2   sing N N 122 
GLY CA  C    sing N N 123 
GLY CA  HA2  sing N N 124 
GLY CA  HA3  sing N N 125 
GLY C   O    doub N N 126 
GLY C   OXT  sing N N 127 
GLY OXT HXT  sing N N 128 
HIS N   CA   sing N N 129 
HIS N   H    sing N N 130 
HIS N   H2   sing N N 131 
HIS CA  C    sing N N 132 
HIS CA  CB   sing N N 133 
HIS CA  HA   sing N N 134 
HIS C   O    doub N N 135 
HIS C   OXT  sing N N 136 
HIS CB  CG   sing N N 137 
HIS CB  HB2  sing N N 138 
HIS CB  HB3  sing N N 139 
HIS CG  ND1  sing Y N 140 
HIS CG  CD2  doub Y N 141 
HIS ND1 CE1  doub Y N 142 
HIS ND1 HD1  sing N N 143 
HIS CD2 NE2  sing Y N 144 
HIS CD2 HD2  sing N N 145 
HIS CE1 NE2  sing Y N 146 
HIS CE1 HE1  sing N N 147 
HIS NE2 HE2  sing N N 148 
HIS OXT HXT  sing N N 149 
HOH O   H1   sing N N 150 
HOH O   H2   sing N N 151 
ILE N   CA   sing N N 152 
ILE N   H    sing N N 153 
ILE N   H2   sing N N 154 
ILE CA  C    sing N N 155 
ILE CA  CB   sing N N 156 
ILE CA  HA   sing N N 157 
ILE C   O    doub N N 158 
ILE C   OXT  sing N N 159 
ILE CB  CG1  sing N N 160 
ILE CB  CG2  sing N N 161 
ILE CB  HB   sing N N 162 
ILE CG1 CD1  sing N N 163 
ILE CG1 HG12 sing N N 164 
ILE CG1 HG13 sing N N 165 
ILE CG2 HG21 sing N N 166 
ILE CG2 HG22 sing N N 167 
ILE CG2 HG23 sing N N 168 
ILE CD1 HD11 sing N N 169 
ILE CD1 HD12 sing N N 170 
ILE CD1 HD13 sing N N 171 
ILE OXT HXT  sing N N 172 
LEU N   CA   sing N N 173 
LEU N   H    sing N N 174 
LEU N   H2   sing N N 175 
LEU CA  C    sing N N 176 
LEU CA  CB   sing N N 177 
LEU CA  HA   sing N N 178 
LEU C   O    doub N N 179 
LEU C   OXT  sing N N 180 
LEU CB  CG   sing N N 181 
LEU CB  HB2  sing N N 182 
LEU CB  HB3  sing N N 183 
LEU CG  CD1  sing N N 184 
LEU CG  CD2  sing N N 185 
LEU CG  HG   sing N N 186 
LEU CD1 HD11 sing N N 187 
LEU CD1 HD12 sing N N 188 
LEU CD1 HD13 sing N N 189 
LEU CD2 HD21 sing N N 190 
LEU CD2 HD22 sing N N 191 
LEU CD2 HD23 sing N N 192 
LEU OXT HXT  sing N N 193 
LYS N   CA   sing N N 194 
LYS N   H    sing N N 195 
LYS N   H2   sing N N 196 
LYS CA  C    sing N N 197 
LYS CA  CB   sing N N 198 
LYS CA  HA   sing N N 199 
LYS C   O    doub N N 200 
LYS C   OXT  sing N N 201 
LYS CB  CG   sing N N 202 
LYS CB  HB2  sing N N 203 
LYS CB  HB3  sing N N 204 
LYS CG  CD   sing N N 205 
LYS CG  HG2  sing N N 206 
LYS CG  HG3  sing N N 207 
LYS CD  CE   sing N N 208 
LYS CD  HD2  sing N N 209 
LYS CD  HD3  sing N N 210 
LYS CE  NZ   sing N N 211 
LYS CE  HE2  sing N N 212 
LYS CE  HE3  sing N N 213 
LYS NZ  HZ1  sing N N 214 
LYS NZ  HZ2  sing N N 215 
LYS NZ  HZ3  sing N N 216 
LYS OXT HXT  sing N N 217 
PHE N   CA   sing N N 218 
PHE N   H    sing N N 219 
PHE N   H2   sing N N 220 
PHE CA  C    sing N N 221 
PHE CA  CB   sing N N 222 
PHE CA  HA   sing N N 223 
PHE C   O    doub N N 224 
PHE C   OXT  sing N N 225 
PHE CB  CG   sing N N 226 
PHE CB  HB2  sing N N 227 
PHE CB  HB3  sing N N 228 
PHE CG  CD1  doub Y N 229 
PHE CG  CD2  sing Y N 230 
PHE CD1 CE1  sing Y N 231 
PHE CD1 HD1  sing N N 232 
PHE CD2 CE2  doub Y N 233 
PHE CD2 HD2  sing N N 234 
PHE CE1 CZ   doub Y N 235 
PHE CE1 HE1  sing N N 236 
PHE CE2 CZ   sing Y N 237 
PHE CE2 HE2  sing N N 238 
PHE CZ  HZ   sing N N 239 
PHE OXT HXT  sing N N 240 
PRO N   CA   sing N N 241 
PRO N   CD   sing N N 242 
PRO N   H    sing N N 243 
PRO CA  C    sing N N 244 
PRO CA  CB   sing N N 245 
PRO CA  HA   sing N N 246 
PRO C   O    doub N N 247 
PRO C   OXT  sing N N 248 
PRO CB  CG   sing N N 249 
PRO CB  HB2  sing N N 250 
PRO CB  HB3  sing N N 251 
PRO CG  CD   sing N N 252 
PRO CG  HG2  sing N N 253 
PRO CG  HG3  sing N N 254 
PRO CD  HD2  sing N N 255 
PRO CD  HD3  sing N N 256 
PRO OXT HXT  sing N N 257 
SER N   CA   sing N N 258 
SER N   H    sing N N 259 
SER N   H2   sing N N 260 
SER CA  C    sing N N 261 
SER CA  CB   sing N N 262 
SER CA  HA   sing N N 263 
SER C   O    doub N N 264 
SER C   OXT  sing N N 265 
SER CB  OG   sing N N 266 
SER CB  HB2  sing N N 267 
SER CB  HB3  sing N N 268 
SER OG  HG   sing N N 269 
SER OXT HXT  sing N N 270 
SO4 S   O1   doub N N 271 
SO4 S   O2   doub N N 272 
SO4 S   O3   sing N N 273 
SO4 S   O4   sing N N 274 
THR N   CA   sing N N 275 
THR N   H    sing N N 276 
THR N   H2   sing N N 277 
THR CA  C    sing N N 278 
THR CA  CB   sing N N 279 
THR CA  HA   sing N N 280 
THR C   O    doub N N 281 
THR C   OXT  sing N N 282 
THR CB  OG1  sing N N 283 
THR CB  CG2  sing N N 284 
THR CB  HB   sing N N 285 
THR OG1 HG1  sing N N 286 
THR CG2 HG21 sing N N 287 
THR CG2 HG22 sing N N 288 
THR CG2 HG23 sing N N 289 
THR OXT HXT  sing N N 290 
TRP N   CA   sing N N 291 
TRP N   H    sing N N 292 
TRP N   H2   sing N N 293 
TRP CA  C    sing N N 294 
TRP CA  CB   sing N N 295 
TRP CA  HA   sing N N 296 
TRP C   O    doub N N 297 
TRP C   OXT  sing N N 298 
TRP CB  CG   sing N N 299 
TRP CB  HB2  sing N N 300 
TRP CB  HB3  sing N N 301 
TRP CG  CD1  doub Y N 302 
TRP CG  CD2  sing Y N 303 
TRP CD1 NE1  sing Y N 304 
TRP CD1 HD1  sing N N 305 
TRP CD2 CE2  doub Y N 306 
TRP CD2 CE3  sing Y N 307 
TRP NE1 CE2  sing Y N 308 
TRP NE1 HE1  sing N N 309 
TRP CE2 CZ2  sing Y N 310 
TRP CE3 CZ3  doub Y N 311 
TRP CE3 HE3  sing N N 312 
TRP CZ2 CH2  doub Y N 313 
TRP CZ2 HZ2  sing N N 314 
TRP CZ3 CH2  sing Y N 315 
TRP CZ3 HZ3  sing N N 316 
TRP CH2 HH2  sing N N 317 
TRP OXT HXT  sing N N 318 
TYR N   CA   sing N N 319 
TYR N   H    sing N N 320 
TYR N   H2   sing N N 321 
TYR CA  C    sing N N 322 
TYR CA  CB   sing N N 323 
TYR CA  HA   sing N N 324 
TYR C   O    doub N N 325 
TYR C   OXT  sing N N 326 
TYR CB  CG   sing N N 327 
TYR CB  HB2  sing N N 328 
TYR CB  HB3  sing N N 329 
TYR CG  CD1  doub Y N 330 
TYR CG  CD2  sing Y N 331 
TYR CD1 CE1  sing Y N 332 
TYR CD1 HD1  sing N N 333 
TYR CD2 CE2  doub Y N 334 
TYR CD2 HD2  sing N N 335 
TYR CE1 CZ   doub Y N 336 
TYR CE1 HE1  sing N N 337 
TYR CE2 CZ   sing Y N 338 
TYR CE2 HE2  sing N N 339 
TYR CZ  OH   sing N N 340 
TYR OH  HH   sing N N 341 
TYR OXT HXT  sing N N 342 
VAL N   CA   sing N N 343 
VAL N   H    sing N N 344 
VAL N   H2   sing N N 345 
VAL CA  C    sing N N 346 
VAL CA  CB   sing N N 347 
VAL CA  HA   sing N N 348 
VAL C   O    doub N N 349 
VAL C   OXT  sing N N 350 
VAL CB  CG1  sing N N 351 
VAL CB  CG2  sing N N 352 
VAL CB  HB   sing N N 353 
VAL CG1 HG11 sing N N 354 
VAL CG1 HG12 sing N N 355 
VAL CG1 HG13 sing N N 356 
VAL CG2 HG21 sing N N 357 
VAL CG2 HG22 sing N N 358 
VAL CG2 HG23 sing N N 359 
VAL OXT HXT  sing N N 360 
W4N CAK CAI  sing Y N 361 
W4N CAK CAQ  doub Y N 362 
W4N CAI CAH  doub Y N 363 
W4N CAH CAJ  sing Y N 364 
W4N CAJ CAL  doub Y N 365 
W4N CAL CAQ  sing Y N 366 
W4N CAQ CAM  sing N N 367 
W4N CAM CAR  sing N N 368 
W4N CAR OAC  sing N N 369 
W4N CAR CAP  sing N N 370 
W4N CAP CAG  doub N N 371 
W4N CAP CAT  sing N N 372 
W4N CAG CAU  sing N N 373 
W4N CAU CAO  sing N N 374 
W4N CAU OAF  sing N N 375 
W4N CAU CAN  sing N N 376 
W4N CAO OAB  sing N N 377 
W4N CAO OAA  doub N N 378 
W4N CAN CAS  sing N N 379 
W4N CAS OAD  sing N N 380 
W4N CAS CAT  sing N N 381 
W4N CAT OAE  sing N N 382 
W4N CAK HAK  sing N N 383 
W4N CAI HAI  sing N N 384 
W4N CAH HAH  sing N N 385 
W4N CAJ HAJ  sing N N 386 
W4N CAL HAL  sing N N 387 
W4N CAM HAM1 sing N N 388 
W4N CAM HAM2 sing N N 389 
W4N CAR HAR  sing N N 390 
W4N OAC HAC  sing N N 391 
W4N CAG HAG  sing N N 392 
W4N CAT HAT  sing N N 393 
W4N OAF HAF  sing N N 394 
W4N CAN HAN1 sing N N 395 
W4N CAN HAN2 sing N N 396 
W4N OAB HAB  sing N N 397 
W4N CAS HAS  sing N N 398 
W4N OAD HAD  sing N N 399 
W4N OAE HAE  sing N N 400 
# 
loop_
_pdbx_entity_nonpoly.entity_id 
_pdbx_entity_nonpoly.name 
_pdbx_entity_nonpoly.comp_id 
2 '(1R,4R,5R)-1,4,5-trihydroxy-3-[(1S)-1-hydroxy-2-phenyl]ethylcyclohex-2-ene-1-carboxylic acid' W4N 
3 'SULFATE ION'                                                                                  SO4 
4 water                                                                                          HOH 
# 
_pdbx_initial_refinement_model.id               1 
_pdbx_initial_refinement_model.entity_id_list   ? 
_pdbx_initial_refinement_model.type             'experimental model' 
_pdbx_initial_refinement_model.source_name      PDB 
_pdbx_initial_refinement_model.accession_code   2Y71 
_pdbx_initial_refinement_model.details          ? 
# 
